data_6M48
#
_entry.id   6M48
#
_cell.length_a   116.181
_cell.length_b   128.128
_cell.length_c   136.358
_cell.angle_alpha   90.00
_cell.angle_beta   90.00
_cell.angle_gamma   90.00
#
_symmetry.space_group_name_H-M   'P 21 21 2'
#
loop_
_entity.id
_entity.type
_entity.pdbx_description
1 polymer SpaC
2 non-polymer 'MAGNESIUM ION'
3 non-polymer 'CHLORIDE ION'
4 water water
#
_entity_poly.entity_id   1
_entity_poly.type   'polypeptide(L)'
_entity_poly.pdbx_seq_one_letter_code
;MGRDPNSTDNIRPTYQTDANGTYPTNSWQVTGQQNVINQRGGDQVSGWDNNTIWNGDATDTTNSYLKFGDPNNPDYQIRK
YAKETNTPGLYDVYLNVKGNKQQNVKPVDIVLVVDMSGSMESNRWGTNRAGAVRTGVKNFLTSIQNAGLGNYVNVGLIGF
SSPGYIGGKSGYISVKLGKAGNASQQQAINGALSPRFQGGTYTQIGLRQGSAMLNADTSGNKKMMILLTDGVPTFSNEVI
NSEWINGTLYGTNFGSSRDEPGNTARLRWPYTDSSGHYIYDTWPATLGEAKIAKDSGNEVHALGIQLADDDHYMTKEKIR
QNMQLITNSPDLYEDADSADAVEAYLNNQAKDIIKNFNTVTDGTITDPIGTQFQYANNQATVTSVGKQTVPASELPSAAI
QDGQLTVNHMNLGQDQEVQIHYQVRIKTEDAGFKPDFWYQMNGETLLTPKAGAAAVDFGIPSGRAPATTVYVQKQWRQLS
NQSLPDTLNVTVQRKVADGSLDPNWQQTLVLKKADNWKASFTAPAYNNQGQSFSYVVKSEDASGIDLSSFISSQNMDQQT
ATLTLTNQQYGFQFQKKTTDGTDLSADQLKAMQFNLTQYSDNSFQQASKTNAITSTDLQALAPGYYGIQEAAAPTGYQLD
GTTYLFQLTSDGQWQYHGTKDNVTSGSVINGQQTLNPVGDKSDDFTVTGDHQQILTLTKYDEPKPSMTLRVIKQDNQSQY
LAGAAFTLQPSAGEAETITSSATSEGQAFATKLVADGTYTMSETKAPDGYQSNPAKIAIQVATTGKEATVTIDGEALKPG
ESKNGYTLAIDGSTITLQAINQPLAILPLEHHHHHH
;
_entity_poly.pdbx_strand_id   A,B
#
# COMPACT_ATOMS: atom_id res chain seq x y z
N ASN A 10 68.12 47.61 -7.05
CA ASN A 10 68.89 47.57 -8.34
C ASN A 10 68.31 48.57 -9.38
N ILE A 11 66.97 48.61 -9.55
CA ILE A 11 66.27 49.62 -10.40
C ILE A 11 65.26 50.37 -9.53
N ARG A 12 65.60 50.53 -8.27
CA ARG A 12 64.95 51.51 -7.40
C ARG A 12 65.69 52.82 -7.70
N PRO A 13 64.99 53.85 -8.20
CA PRO A 13 65.63 55.10 -8.53
C PRO A 13 66.27 55.72 -7.29
N THR A 14 67.42 56.35 -7.50
CA THR A 14 68.20 57.13 -6.54
C THR A 14 68.24 58.58 -7.05
N TYR A 15 68.30 59.55 -6.13
CA TYR A 15 68.36 61.00 -6.39
C TYR A 15 69.61 61.58 -5.72
N GLN A 16 70.28 62.55 -6.35
CA GLN A 16 71.34 63.40 -5.77
C GLN A 16 70.67 64.67 -5.29
N THR A 17 71.14 65.18 -4.17
CA THR A 17 70.86 66.55 -3.69
C THR A 17 72.18 67.27 -3.58
N ASP A 18 72.28 68.41 -4.23
CA ASP A 18 73.50 69.26 -4.23
C ASP A 18 73.05 70.72 -4.41
N ALA A 19 73.97 71.59 -4.70
CA ALA A 19 73.71 73.02 -4.86
C ALA A 19 72.68 73.24 -5.95
N ASN A 20 72.68 72.40 -6.99
CA ASN A 20 71.79 72.46 -8.17
C ASN A 20 70.41 71.91 -7.85
N GLY A 21 70.17 71.37 -6.64
CA GLY A 21 68.86 70.87 -6.19
C GLY A 21 68.81 69.33 -6.12
N THR A 22 67.62 68.74 -6.31
CA THR A 22 67.39 67.29 -6.19
C THR A 22 66.94 66.73 -7.52
N TYR A 23 67.65 65.72 -8.04
CA TYR A 23 67.40 65.18 -9.41
C TYR A 23 67.84 63.73 -9.49
N PRO A 24 67.46 62.95 -10.50
CA PRO A 24 67.87 61.55 -10.57
C PRO A 24 69.37 61.40 -10.77
N THR A 25 69.97 60.54 -9.97
CA THR A 25 71.41 60.20 -10.09
C THR A 25 71.69 59.72 -11.52
N ASN A 26 70.83 58.84 -12.02
CA ASN A 26 70.96 58.28 -13.39
C ASN A 26 69.87 58.89 -14.25
N SER A 27 70.22 59.91 -15.03
CA SER A 27 69.25 60.85 -15.61
C SER A 27 69.34 60.82 -17.13
N TRP A 28 68.32 61.34 -17.78
CA TRP A 28 68.37 61.65 -19.23
C TRP A 28 67.71 62.98 -19.46
N GLN A 29 68.03 63.64 -20.59
CA GLN A 29 67.50 64.96 -20.99
C GLN A 29 66.66 64.75 -22.25
N VAL A 30 65.57 65.48 -22.30
CA VAL A 30 64.75 65.67 -23.52
C VAL A 30 65.55 66.53 -24.49
N THR A 31 65.78 66.02 -25.68
CA THR A 31 66.52 66.76 -26.74
C THR A 31 66.03 68.20 -26.85
N GLY A 32 66.95 69.15 -26.70
CA GLY A 32 66.70 70.58 -26.88
C GLY A 32 66.00 71.23 -25.70
N GLN A 33 65.93 70.57 -24.56
CA GLN A 33 65.36 71.21 -23.34
C GLN A 33 66.42 71.06 -22.24
N GLN A 34 66.57 72.09 -21.43
CA GLN A 34 67.58 72.19 -20.37
C GLN A 34 66.95 72.21 -18.98
N ASN A 35 65.63 72.44 -18.83
CA ASN A 35 64.98 72.67 -17.52
C ASN A 35 64.04 71.52 -17.14
N VAL A 36 64.28 70.35 -17.68
CA VAL A 36 63.66 69.12 -17.17
C VAL A 36 64.76 68.06 -17.12
N ILE A 37 64.66 67.15 -16.15
CA ILE A 37 65.60 66.01 -16.08
C ILE A 37 64.83 64.77 -15.64
N ASN A 38 65.07 63.66 -16.32
CA ASN A 38 64.26 62.42 -16.14
C ASN A 38 65.12 61.25 -15.65
N GLN A 39 64.49 60.21 -15.09
CA GLN A 39 65.16 58.99 -14.56
C GLN A 39 65.36 57.99 -15.70
N ARG A 40 66.57 57.50 -15.86
CA ARG A 40 66.85 56.48 -16.88
C ARG A 40 66.09 55.21 -16.54
N GLY A 41 65.86 54.42 -17.58
CA GLY A 41 65.28 53.07 -17.48
C GLY A 41 66.34 52.09 -17.07
N GLY A 42 65.97 50.84 -16.96
CA GLY A 42 66.87 49.78 -16.48
C GLY A 42 66.15 48.45 -16.35
N ASP A 43 66.84 47.43 -15.90
CA ASP A 43 66.29 46.05 -15.71
C ASP A 43 67.05 45.42 -14.53
N GLN A 44 66.66 44.24 -14.06
CA GLN A 44 67.21 43.70 -12.78
C GLN A 44 68.59 43.06 -12.99
N VAL A 45 68.99 42.77 -14.22
CA VAL A 45 70.30 42.14 -14.58
C VAL A 45 71.35 43.22 -14.80
N SER A 46 71.25 44.02 -15.87
CA SER A 46 72.28 45.01 -16.33
C SER A 46 72.20 46.34 -15.57
N GLY A 47 71.16 46.57 -14.75
CA GLY A 47 70.95 47.84 -14.05
C GLY A 47 70.49 48.96 -14.98
N TRP A 48 70.96 50.18 -14.75
CA TRP A 48 70.53 51.39 -15.47
C TRP A 48 70.94 51.31 -16.93
N ASP A 49 70.04 51.68 -17.85
CA ASP A 49 70.31 51.74 -19.30
C ASP A 49 71.28 52.91 -19.53
N ASN A 50 71.74 53.09 -20.76
CA ASN A 50 72.84 54.03 -21.08
C ASN A 50 72.29 55.27 -21.78
N ASN A 51 70.99 55.41 -21.89
CA ASN A 51 70.28 56.29 -22.84
C ASN A 51 70.07 57.63 -22.13
N THR A 52 70.95 58.60 -22.35
CA THR A 52 71.00 59.85 -21.56
C THR A 52 70.31 61.02 -22.28
N ILE A 53 69.89 60.87 -23.53
CA ILE A 53 69.11 61.95 -24.17
C ILE A 53 68.29 61.40 -25.34
N TRP A 54 67.02 61.75 -25.39
CA TRP A 54 66.15 61.41 -26.52
C TRP A 54 64.95 62.37 -26.58
N ASN A 55 64.15 62.34 -27.64
CA ASN A 55 63.21 63.40 -28.07
C ASN A 55 62.01 63.56 -27.12
N GLY A 56 61.74 62.63 -26.24
CA GLY A 56 60.61 62.74 -25.32
C GLY A 56 59.24 62.62 -25.95
N ASP A 57 59.18 62.08 -27.14
CA ASP A 57 57.93 61.90 -27.89
C ASP A 57 57.01 60.99 -27.08
N ALA A 58 55.81 61.46 -26.72
CA ALA A 58 54.88 60.73 -25.83
C ALA A 58 54.38 59.44 -26.46
N THR A 59 54.57 59.22 -27.75
CA THR A 59 54.11 57.99 -28.46
C THR A 59 55.19 56.91 -28.39
N ASP A 60 56.36 57.23 -27.88
CA ASP A 60 57.47 56.27 -27.74
C ASP A 60 57.06 55.16 -26.74
N THR A 61 57.34 53.89 -27.07
CA THR A 61 57.07 52.80 -26.13
C THR A 61 58.30 51.92 -26.00
N THR A 62 59.51 52.44 -26.23
CA THR A 62 60.74 51.63 -26.10
C THR A 62 61.76 52.26 -25.13
N ASN A 63 61.77 53.58 -24.92
CA ASN A 63 62.90 54.20 -24.21
C ASN A 63 62.59 54.41 -22.72
N SER A 64 63.57 54.09 -21.87
CA SER A 64 63.70 54.59 -20.47
C SER A 64 62.60 53.99 -19.59
N TYR A 65 62.22 52.76 -19.87
CA TYR A 65 61.31 51.95 -19.02
C TYR A 65 62.11 51.26 -17.94
N LEU A 66 61.57 51.22 -16.74
CA LEU A 66 62.03 50.35 -15.63
C LEU A 66 61.32 49.00 -15.82
N LYS A 67 62.09 47.95 -15.99
CA LYS A 67 61.60 46.62 -16.37
C LYS A 67 61.75 45.64 -15.21
N PHE A 68 60.65 45.06 -14.76
CA PHE A 68 60.58 44.13 -13.61
C PHE A 68 60.42 42.68 -14.09
N GLY A 69 61.17 41.78 -13.44
CA GLY A 69 61.20 40.34 -13.77
C GLY A 69 62.23 40.06 -14.83
N ASP A 70 61.90 39.20 -15.79
CA ASP A 70 62.83 38.78 -16.86
C ASP A 70 63.05 40.02 -17.70
N PRO A 71 64.32 40.48 -17.81
CA PRO A 71 64.63 41.62 -18.66
C PRO A 71 64.12 41.42 -20.09
N ASN A 72 64.05 40.18 -20.55
CA ASN A 72 63.83 39.84 -21.97
C ASN A 72 62.33 39.71 -22.22
N ASN A 73 61.55 39.57 -21.14
CA ASN A 73 60.07 39.44 -21.19
C ASN A 73 59.52 39.83 -19.83
N PRO A 74 59.52 41.12 -19.49
CA PRO A 74 59.23 41.56 -18.13
C PRO A 74 57.77 41.41 -17.72
N ASP A 75 57.54 41.16 -16.44
CA ASP A 75 56.19 41.02 -15.85
C ASP A 75 55.43 42.30 -16.12
N TYR A 76 56.09 43.41 -15.85
CA TYR A 76 55.58 44.75 -16.20
C TYR A 76 56.79 45.65 -16.40
N GLN A 77 56.58 46.75 -17.13
CA GLN A 77 57.57 47.82 -17.23
C GLN A 77 56.86 49.14 -17.09
N ILE A 78 57.48 50.09 -16.39
CA ILE A 78 56.87 51.41 -16.08
C ILE A 78 57.82 52.52 -16.50
N ARG A 79 57.25 53.73 -16.65
CA ARG A 79 58.06 54.91 -16.97
C ARG A 79 57.27 56.11 -16.54
N LYS A 80 57.94 57.02 -15.80
CA LYS A 80 57.44 58.38 -15.52
C LYS A 80 58.44 59.36 -16.12
N TYR A 81 58.00 60.31 -16.96
CA TYR A 81 58.92 61.36 -17.42
C TYR A 81 58.14 62.63 -17.69
N ALA A 82 58.85 63.74 -17.65
CA ALA A 82 58.25 65.03 -18.04
C ALA A 82 59.07 65.68 -19.17
N LYS A 83 58.41 66.65 -19.77
CA LYS A 83 58.81 67.39 -20.98
C LYS A 83 58.25 68.81 -20.84
N GLU A 84 59.07 69.82 -21.04
CA GLU A 84 58.58 71.22 -21.07
C GLU A 84 57.71 71.35 -22.34
N THR A 85 56.64 72.12 -22.21
CA THR A 85 55.76 72.60 -23.30
C THR A 85 56.34 73.92 -23.84
N ASN A 86 55.63 74.55 -24.76
CA ASN A 86 55.97 75.89 -25.28
C ASN A 86 55.62 76.97 -24.25
N THR A 87 54.83 76.69 -23.22
CA THR A 87 54.63 77.65 -22.10
C THR A 87 55.71 77.43 -21.05
N PRO A 88 56.57 78.44 -20.75
CA PRO A 88 57.59 78.31 -19.72
C PRO A 88 56.98 77.92 -18.37
N GLY A 89 57.60 76.96 -17.69
CA GLY A 89 57.20 76.49 -16.36
C GLY A 89 56.09 75.46 -16.40
N LEU A 90 55.51 75.18 -17.55
CA LEU A 90 54.39 74.26 -17.74
C LEU A 90 54.92 72.98 -18.37
N TYR A 91 54.69 71.84 -17.70
CA TYR A 91 55.31 70.55 -18.06
C TYR A 91 54.22 69.54 -18.39
N ASP A 92 54.40 68.74 -19.44
CA ASP A 92 53.67 67.46 -19.65
C ASP A 92 54.34 66.40 -18.79
N VAL A 93 53.54 65.63 -18.08
CA VAL A 93 54.01 64.41 -17.40
C VAL A 93 53.27 63.20 -17.95
N TYR A 94 54.00 62.14 -18.19
CA TYR A 94 53.48 60.87 -18.74
C TYR A 94 53.87 59.75 -17.80
N LEU A 95 52.90 58.89 -17.50
CA LEU A 95 53.08 57.59 -16.81
C LEU A 95 52.75 56.51 -17.84
N ASN A 96 53.66 55.58 -18.11
CA ASN A 96 53.37 54.39 -18.95
C ASN A 96 53.46 53.15 -18.08
N VAL A 97 52.55 52.20 -18.25
CA VAL A 97 52.64 50.86 -17.60
C VAL A 97 52.27 49.79 -18.64
N LYS A 98 53.22 48.93 -18.95
CA LYS A 98 53.03 47.77 -19.82
C LYS A 98 52.95 46.53 -18.93
N GLY A 99 51.98 45.67 -19.17
CA GLY A 99 51.78 44.45 -18.37
C GLY A 99 52.30 43.24 -19.12
N ASN A 100 51.81 42.05 -18.76
CA ASN A 100 52.19 40.76 -19.37
C ASN A 100 51.22 39.68 -18.86
N LYS A 101 51.39 38.46 -19.34
CA LYS A 101 50.78 37.24 -18.76
C LYS A 101 51.77 36.72 -17.72
N GLN A 102 51.26 36.26 -16.59
CA GLN A 102 52.10 35.69 -15.52
C GLN A 102 52.65 34.38 -16.07
N GLN A 103 53.77 33.95 -15.52
CA GLN A 103 54.44 32.70 -15.88
C GLN A 103 54.60 31.88 -14.60
N ASN A 104 54.68 30.56 -14.72
CA ASN A 104 55.16 29.67 -13.61
C ASN A 104 54.21 29.83 -12.40
N VAL A 105 52.91 29.92 -12.67
CA VAL A 105 51.80 29.98 -11.68
C VAL A 105 50.88 28.80 -11.99
N LYS A 106 49.91 28.56 -11.12
CA LYS A 106 49.05 27.35 -11.21
C LYS A 106 48.15 27.49 -12.43
N PRO A 107 47.97 26.37 -13.19
CA PRO A 107 47.01 26.33 -14.29
C PRO A 107 45.57 26.46 -13.80
N VAL A 108 44.70 26.78 -14.74
CA VAL A 108 43.22 26.77 -14.57
C VAL A 108 42.69 25.45 -15.14
N ASP A 109 41.74 24.82 -14.46
CA ASP A 109 41.05 23.59 -14.90
C ASP A 109 39.65 24.00 -15.37
N ILE A 110 39.38 23.89 -16.67
CA ILE A 110 38.05 24.10 -17.30
C ILE A 110 37.47 22.77 -17.78
N VAL A 111 36.20 22.50 -17.43
CA VAL A 111 35.39 21.47 -18.11
C VAL A 111 34.28 22.16 -18.88
N LEU A 112 34.22 21.94 -20.17
CA LEU A 112 33.03 22.26 -21.00
C LEU A 112 31.99 21.16 -20.80
N VAL A 113 30.78 21.55 -20.46
CA VAL A 113 29.65 20.61 -20.32
C VAL A 113 28.64 21.01 -21.37
N VAL A 114 28.54 20.20 -22.41
CA VAL A 114 27.78 20.47 -23.66
C VAL A 114 26.58 19.52 -23.78
N ASP A 115 25.40 20.10 -23.64
CA ASP A 115 24.09 19.54 -24.05
C ASP A 115 24.20 19.12 -25.52
N MET A 116 24.29 17.82 -25.77
CA MET A 116 24.36 17.25 -27.14
C MET A 116 23.03 16.59 -27.45
N SER A 117 21.96 17.05 -26.79
CA SER A 117 20.56 16.60 -26.98
C SER A 117 20.09 16.94 -28.38
N GLY A 118 19.07 16.21 -28.85
CA GLY A 118 18.45 16.45 -30.15
C GLY A 118 17.76 17.80 -30.18
N SER A 119 17.11 18.18 -29.05
CA SER A 119 16.46 19.52 -28.81
C SER A 119 17.25 20.66 -29.45
N MET A 120 18.58 20.56 -29.46
CA MET A 120 19.54 21.57 -29.93
C MET A 120 19.80 21.39 -31.43
N GLU A 121 18.87 20.76 -32.16
CA GLU A 121 19.03 20.65 -33.66
C GLU A 121 17.69 20.72 -34.42
N SER A 122 16.68 21.33 -33.80
CA SER A 122 15.45 21.91 -34.41
C SER A 122 15.72 23.19 -35.23
N TRP A 125 13.96 27.34 -35.11
CA TRP A 125 14.77 28.54 -35.46
C TRP A 125 15.58 28.29 -36.75
N GLY A 126 15.93 27.02 -37.04
CA GLY A 126 16.82 26.59 -38.14
C GLY A 126 18.28 26.90 -37.85
N THR A 127 18.67 26.97 -36.57
CA THR A 127 20.01 27.45 -36.11
C THR A 127 20.95 26.27 -35.82
N ASN A 128 22.17 26.39 -36.33
CA ASN A 128 23.25 25.37 -36.27
C ASN A 128 23.91 25.42 -34.88
N ARG A 129 23.16 25.14 -33.80
CA ARG A 129 23.63 25.33 -32.40
C ARG A 129 24.87 24.48 -32.18
N ALA A 130 24.75 23.21 -32.55
CA ALA A 130 25.87 22.24 -32.53
C ALA A 130 27.08 22.85 -33.25
N GLY A 131 26.85 23.36 -34.47
CA GLY A 131 27.88 24.03 -35.31
C GLY A 131 28.50 25.21 -34.57
N ALA A 132 27.67 26.06 -33.96
CA ALA A 132 28.09 27.23 -33.14
C ALA A 132 29.04 26.75 -32.03
N VAL A 133 28.61 25.71 -31.27
CA VAL A 133 29.37 25.13 -30.13
C VAL A 133 30.71 24.60 -30.65
N ARG A 134 30.70 23.85 -31.76
CA ARG A 134 31.93 23.20 -32.30
C ARG A 134 32.96 24.27 -32.68
N THR A 135 32.55 25.34 -33.36
CA THR A 135 33.45 26.43 -33.81
C THR A 135 33.83 27.25 -32.57
N GLY A 136 32.83 27.63 -31.75
CA GLY A 136 33.03 28.25 -30.42
C GLY A 136 34.12 27.56 -29.60
N VAL A 137 34.11 26.20 -29.57
CA VAL A 137 35.03 25.40 -28.73
C VAL A 137 36.40 25.32 -29.43
N LYS A 138 36.43 25.13 -30.76
CA LYS A 138 37.70 25.05 -31.57
C LYS A 138 38.44 26.39 -31.39
N ASN A 139 37.69 27.50 -31.44
CA ASN A 139 38.22 28.89 -31.34
C ASN A 139 38.71 29.16 -29.91
N PHE A 140 37.86 28.88 -28.93
CA PHE A 140 38.18 28.96 -27.49
C PHE A 140 39.55 28.31 -27.23
N LEU A 141 39.82 27.15 -27.82
CA LEU A 141 41.05 26.39 -27.55
C LEU A 141 42.24 27.06 -28.23
N THR A 142 42.08 27.51 -29.48
CA THR A 142 43.19 28.15 -30.27
C THR A 142 43.47 29.54 -29.68
N SER A 143 42.45 30.28 -29.26
CA SER A 143 42.60 31.57 -28.51
C SER A 143 43.58 31.38 -27.34
N ILE A 144 43.43 30.33 -26.55
CA ILE A 144 44.25 30.12 -25.33
C ILE A 144 45.69 29.78 -25.74
N GLN A 145 45.84 29.06 -26.85
CA GLN A 145 47.16 28.71 -27.46
C GLN A 145 47.82 29.96 -28.05
N ASN A 146 47.05 30.78 -28.76
CA ASN A 146 47.46 32.07 -29.38
C ASN A 146 47.96 33.04 -28.31
N ALA A 147 47.36 33.02 -27.12
CA ALA A 147 47.74 33.88 -26.00
C ALA A 147 48.99 33.33 -25.30
N GLY A 148 49.50 32.16 -25.68
CA GLY A 148 50.69 31.56 -25.05
C GLY A 148 50.36 30.97 -23.67
N LEU A 149 49.10 30.62 -23.43
CA LEU A 149 48.63 30.02 -22.16
C LEU A 149 48.26 28.53 -22.36
N GLY A 150 48.65 27.97 -23.51
CA GLY A 150 48.57 26.54 -23.85
C GLY A 150 48.86 25.67 -22.64
N ASN A 151 49.89 25.97 -21.85
CA ASN A 151 50.30 25.05 -20.75
C ASN A 151 49.71 25.50 -19.40
N TYR A 152 48.91 26.56 -19.40
CA TYR A 152 48.39 27.15 -18.14
C TYR A 152 46.90 26.84 -18.01
N VAL A 153 46.32 26.18 -19.01
CA VAL A 153 44.86 25.90 -19.05
C VAL A 153 44.64 24.41 -19.40
N ASN A 154 44.16 23.62 -18.43
CA ASN A 154 43.69 22.24 -18.61
C ASN A 154 42.21 22.27 -19.03
N VAL A 155 41.88 21.70 -20.18
CA VAL A 155 40.47 21.64 -20.69
C VAL A 155 40.02 20.19 -20.78
N GLY A 156 38.77 19.99 -20.34
CA GLY A 156 38.08 18.71 -20.39
C GLY A 156 36.71 18.92 -20.95
N LEU A 157 36.06 17.85 -21.38
CA LEU A 157 34.72 17.89 -22.02
C LEU A 157 33.87 16.78 -21.42
N ILE A 158 32.63 17.12 -21.09
CA ILE A 158 31.52 16.19 -20.76
C ILE A 158 30.42 16.57 -21.73
N GLY A 159 30.08 15.67 -22.64
CA GLY A 159 28.93 15.82 -23.54
C GLY A 159 27.84 14.90 -23.05
N PHE A 160 26.60 15.35 -23.02
CA PHE A 160 25.53 14.54 -22.44
C PHE A 160 24.28 14.61 -23.33
N SER A 161 23.48 13.56 -23.16
CA SER A 161 22.25 13.26 -23.92
C SER A 161 21.33 12.51 -22.94
N SER A 162 20.87 11.31 -23.27
CA SER A 162 20.11 10.38 -22.40
C SER A 162 20.86 9.06 -22.45
N PRO A 163 20.76 8.24 -21.41
CA PRO A 163 21.21 6.84 -21.49
C PRO A 163 20.66 6.11 -22.74
N GLY A 164 21.54 5.41 -23.47
CA GLY A 164 21.21 4.71 -24.70
C GLY A 164 21.55 5.48 -25.94
N TYR A 165 21.71 6.78 -25.88
CA TYR A 165 21.97 7.66 -27.05
C TYR A 165 23.45 8.06 -27.12
N ILE A 166 24.08 8.39 -26.00
CA ILE A 166 25.54 8.75 -25.92
C ILE A 166 26.15 8.01 -24.73
N GLY A 167 27.33 7.43 -24.89
CA GLY A 167 28.02 6.67 -23.82
C GLY A 167 27.29 5.38 -23.46
N GLY A 168 26.39 4.88 -24.31
CA GLY A 168 25.52 3.74 -23.95
C GLY A 168 24.69 4.05 -22.72
N LYS A 169 24.76 3.19 -21.71
CA LYS A 169 23.94 3.31 -20.47
C LYS A 169 24.21 4.64 -19.72
N SER A 170 25.44 5.16 -19.75
CA SER A 170 25.92 6.37 -19.00
C SER A 170 25.09 7.59 -19.36
N GLY A 171 24.90 7.83 -20.67
CA GLY A 171 24.21 9.03 -21.20
C GLY A 171 25.17 10.22 -21.39
N TYR A 172 26.48 10.00 -21.25
CA TYR A 172 27.47 11.08 -21.37
C TYR A 172 28.76 10.54 -21.99
N ILE A 173 29.54 11.43 -22.61
CA ILE A 173 30.90 11.10 -23.06
C ILE A 173 31.85 12.06 -22.38
N SER A 174 33.12 11.68 -22.31
CA SER A 174 34.12 12.53 -21.67
C SER A 174 35.44 12.49 -22.44
N VAL A 175 36.12 13.62 -22.40
CA VAL A 175 37.57 13.78 -22.69
C VAL A 175 38.21 14.33 -21.43
N LYS A 176 39.19 13.60 -20.91
CA LYS A 176 39.90 13.89 -19.66
C LYS A 176 40.56 15.27 -19.85
N LEU A 177 40.66 16.04 -18.78
CA LEU A 177 41.48 17.28 -18.66
C LEU A 177 42.85 17.06 -19.28
N GLY A 178 43.28 18.00 -20.11
CA GLY A 178 44.63 18.11 -20.65
C GLY A 178 44.88 19.51 -21.20
N LYS A 179 46.12 19.82 -21.53
CA LYS A 179 46.58 21.19 -21.88
C LYS A 179 45.87 21.62 -23.17
N ALA A 180 45.29 22.79 -23.18
CA ALA A 180 44.61 23.37 -24.36
C ALA A 180 45.62 23.58 -25.49
N GLY A 181 46.91 23.66 -25.14
CA GLY A 181 48.00 23.83 -26.10
C GLY A 181 48.36 22.56 -26.86
N ASN A 182 48.07 21.40 -26.27
CA ASN A 182 48.44 20.07 -26.78
C ASN A 182 47.54 19.73 -28.00
N ALA A 183 48.14 19.39 -29.14
CA ALA A 183 47.49 19.18 -30.46
C ALA A 183 46.46 18.03 -30.39
N SER A 184 46.84 16.95 -29.71
CA SER A 184 46.05 15.72 -29.50
C SER A 184 44.87 16.00 -28.57
N GLN A 185 45.05 16.81 -27.52
CA GLN A 185 43.93 17.23 -26.65
C GLN A 185 42.91 18.03 -27.45
N GLN A 186 43.36 18.85 -28.40
CA GLN A 186 42.45 19.63 -29.27
C GLN A 186 41.72 18.67 -30.19
N GLN A 187 42.45 17.72 -30.78
CA GLN A 187 41.87 16.68 -31.66
C GLN A 187 40.71 15.98 -30.91
N ALA A 188 40.98 15.53 -29.69
CA ALA A 188 40.02 14.77 -28.85
C ALA A 188 38.79 15.61 -28.55
N ILE A 189 38.95 16.83 -28.03
CA ILE A 189 37.75 17.64 -27.61
C ILE A 189 36.93 17.93 -28.87
N ASN A 190 37.58 18.34 -29.94
CA ASN A 190 36.88 18.71 -31.20
C ASN A 190 36.28 17.44 -31.84
N GLY A 191 37.00 16.32 -31.75
CA GLY A 191 36.55 14.99 -32.18
C GLY A 191 35.25 14.58 -31.52
N ALA A 192 35.22 14.64 -30.19
CA ALA A 192 34.06 14.24 -29.36
C ALA A 192 32.83 15.07 -29.72
N LEU A 193 33.02 16.31 -30.17
CA LEU A 193 31.85 17.19 -30.45
C LEU A 193 31.42 17.01 -31.90
N SER A 194 32.30 16.43 -32.74
CA SER A 194 32.14 16.28 -34.21
C SER A 194 30.87 15.53 -34.61
N PRO A 195 30.43 14.49 -33.88
CA PRO A 195 29.19 13.80 -34.22
C PRO A 195 27.95 14.70 -34.21
N ARG A 196 26.90 14.25 -34.87
CA ARG A 196 25.52 14.80 -34.84
C ARG A 196 25.04 14.67 -33.40
N PHE A 197 24.55 15.77 -32.84
CA PHE A 197 23.92 15.81 -31.49
C PHE A 197 22.58 15.13 -31.59
N GLN A 198 22.28 14.23 -30.66
CA GLN A 198 20.98 13.50 -30.64
C GLN A 198 20.71 13.06 -29.20
N GLY A 199 19.46 13.05 -28.79
CA GLY A 199 19.01 12.41 -27.56
C GLY A 199 18.26 13.37 -26.65
N GLY A 200 17.93 12.88 -25.43
CA GLY A 200 17.33 13.67 -24.34
C GLY A 200 18.34 14.62 -23.69
N THR A 201 17.99 15.21 -22.54
CA THR A 201 18.77 16.24 -21.81
C THR A 201 18.90 15.79 -20.35
N TYR A 202 19.95 15.05 -20.04
CA TYR A 202 20.32 14.60 -18.68
C TYR A 202 21.31 15.61 -18.13
N THR A 203 20.85 16.87 -17.99
CA THR A 203 21.68 17.99 -17.47
C THR A 203 22.37 17.57 -16.18
N GLN A 204 21.66 16.89 -15.28
CA GLN A 204 22.24 16.44 -13.98
C GLN A 204 23.54 15.66 -14.22
N ILE A 205 23.63 14.79 -15.21
CA ILE A 205 24.82 13.91 -15.32
C ILE A 205 25.95 14.78 -15.85
N GLY A 206 25.66 15.80 -16.65
CA GLY A 206 26.69 16.70 -17.20
C GLY A 206 27.38 17.41 -16.06
N LEU A 207 26.57 18.03 -15.21
CA LEU A 207 27.09 18.75 -14.02
C LEU A 207 27.86 17.81 -13.09
N ARG A 208 27.26 16.66 -12.76
CA ARG A 208 27.87 15.69 -11.84
C ARG A 208 29.22 15.26 -12.41
N GLN A 209 29.28 14.92 -13.69
CA GLN A 209 30.51 14.33 -14.28
C GLN A 209 31.51 15.44 -14.57
N GLY A 210 31.04 16.63 -14.92
CA GLY A 210 31.93 17.80 -15.03
C GLY A 210 32.62 18.08 -13.69
N SER A 211 31.85 18.03 -12.61
CA SER A 211 32.34 18.33 -11.26
C SER A 211 33.33 17.24 -10.85
N ALA A 212 32.98 15.99 -11.08
CA ALA A 212 33.84 14.82 -10.75
C ALA A 212 35.19 14.95 -11.48
N MET A 213 35.19 15.44 -12.71
CA MET A 213 36.43 15.57 -13.51
C MET A 213 37.28 16.73 -12.91
N LEU A 214 36.67 17.86 -12.55
CA LEU A 214 37.36 19.01 -11.88
C LEU A 214 37.89 18.59 -10.52
N ASN A 215 37.19 17.69 -9.81
CA ASN A 215 37.54 17.30 -8.43
C ASN A 215 38.42 16.02 -8.39
N ALA A 216 38.92 15.55 -9.52
CA ALA A 216 39.70 14.28 -9.58
C ALA A 216 41.05 14.55 -8.92
N ASP A 217 41.78 15.52 -9.46
CA ASP A 217 43.13 15.90 -9.00
C ASP A 217 42.95 17.02 -7.97
N THR A 218 43.53 16.87 -6.79
CA THR A 218 43.44 17.81 -5.64
C THR A 218 44.48 18.92 -5.83
N SER A 219 44.39 19.62 -6.98
CA SER A 219 45.45 20.45 -7.62
C SER A 219 45.68 21.76 -6.84
N GLY A 220 44.62 22.31 -6.23
CA GLY A 220 44.53 23.71 -5.77
C GLY A 220 44.39 24.68 -6.95
N ASN A 221 44.30 24.15 -8.17
CA ASN A 221 43.95 24.90 -9.39
C ASN A 221 42.53 25.48 -9.23
N LYS A 222 42.29 26.62 -9.84
CA LYS A 222 40.93 27.17 -10.06
C LYS A 222 40.15 26.17 -10.93
N LYS A 223 38.96 25.80 -10.49
CA LYS A 223 38.07 24.78 -11.07
C LYS A 223 36.84 25.49 -11.62
N MET A 224 36.66 25.43 -12.93
CA MET A 224 35.59 26.14 -13.62
C MET A 224 34.87 25.14 -14.53
N MET A 225 33.55 25.28 -14.61
CA MET A 225 32.64 24.48 -15.45
C MET A 225 31.82 25.44 -16.31
N ILE A 226 31.71 25.17 -17.60
CA ILE A 226 30.90 26.00 -18.52
C ILE A 226 29.84 25.10 -19.13
N LEU A 227 28.57 25.29 -18.74
CA LEU A 227 27.39 24.58 -19.27
C LEU A 227 26.86 25.28 -20.52
N LEU A 228 26.78 24.61 -21.67
CA LEU A 228 26.12 25.13 -22.90
C LEU A 228 24.89 24.26 -23.15
N THR A 229 23.68 24.81 -23.07
CA THR A 229 22.45 24.00 -23.20
C THR A 229 21.31 24.85 -23.72
N ASP A 230 20.22 24.24 -24.21
CA ASP A 230 19.02 25.07 -24.49
C ASP A 230 18.15 25.21 -23.25
N GLY A 231 18.38 24.41 -22.21
CA GLY A 231 17.92 24.76 -20.85
C GLY A 231 16.93 23.79 -20.25
N VAL A 232 16.35 22.83 -20.98
CA VAL A 232 15.30 22.06 -20.25
C VAL A 232 15.75 20.63 -20.03
N PRO A 233 16.17 20.26 -18.82
CA PRO A 233 16.48 18.88 -18.50
C PRO A 233 15.22 17.99 -18.62
N THR A 234 15.34 16.85 -19.28
CA THR A 234 14.24 15.89 -19.45
C THR A 234 14.59 14.57 -18.78
N PHE A 235 15.75 14.48 -18.17
CA PHE A 235 16.20 13.29 -17.41
C PHE A 235 16.88 13.81 -16.16
N SER A 236 16.59 13.15 -15.03
CA SER A 236 17.21 13.45 -13.73
C SER A 236 17.14 12.19 -12.88
N ASN A 237 17.97 12.17 -11.84
CA ASN A 237 17.94 11.15 -10.76
C ASN A 237 16.75 11.44 -9.86
N GLU A 238 16.11 10.38 -9.41
CA GLU A 238 15.13 10.36 -8.31
C GLU A 238 15.66 11.22 -7.18
N VAL A 239 14.87 12.22 -6.77
CA VAL A 239 15.13 13.05 -5.56
C VAL A 239 14.65 12.24 -4.35
N ILE A 240 15.56 11.94 -3.43
CA ILE A 240 15.31 11.19 -2.15
C ILE A 240 15.16 12.22 -1.02
N ASN A 241 16.07 13.18 -0.94
CA ASN A 241 16.02 14.31 0.01
C ASN A 241 16.20 15.62 -0.73
N SER A 242 15.64 16.68 -0.17
CA SER A 242 15.57 18.03 -0.78
C SER A 242 15.45 19.07 0.33
N GLU A 243 15.83 20.32 0.03
CA GLU A 243 15.76 21.49 0.91
C GLU A 243 15.10 22.63 0.14
N TRP A 244 14.30 23.47 0.82
CA TRP A 244 13.95 24.83 0.34
C TRP A 244 15.07 25.79 0.70
N ILE A 245 15.55 26.58 -0.25
CA ILE A 245 16.57 27.64 -0.05
C ILE A 245 16.14 28.84 -0.88
N ASN A 246 15.83 29.94 -0.20
CA ASN A 246 15.40 31.22 -0.84
C ASN A 246 14.22 30.96 -1.78
N GLY A 247 13.28 30.10 -1.42
CA GLY A 247 12.04 29.90 -2.18
C GLY A 247 12.19 29.02 -3.42
N THR A 248 13.29 28.29 -3.53
CA THR A 248 13.51 27.28 -4.60
C THR A 248 13.83 25.94 -3.94
N LEU A 249 13.24 24.86 -4.44
CA LEU A 249 13.50 23.48 -3.95
C LEU A 249 14.75 22.91 -4.65
N TYR A 250 15.74 22.44 -3.89
CA TYR A 250 16.96 21.75 -4.36
C TYR A 250 17.05 20.32 -3.79
N GLY A 251 17.17 19.32 -4.64
CA GLY A 251 17.53 17.95 -4.25
C GLY A 251 18.92 17.92 -3.64
N THR A 252 19.10 17.16 -2.56
CA THR A 252 20.37 17.08 -1.80
C THR A 252 20.91 15.65 -1.77
N ASN A 253 20.07 14.70 -2.15
CA ASN A 253 20.37 13.24 -2.14
C ASN A 253 19.60 12.56 -3.27
N PHE A 254 20.25 11.73 -4.09
CA PHE A 254 19.65 11.12 -5.30
C PHE A 254 19.75 9.60 -5.26
N GLY A 255 18.78 8.95 -5.91
CA GLY A 255 18.75 7.51 -6.17
C GLY A 255 19.38 7.21 -7.51
N SER A 256 19.70 5.96 -7.75
CA SER A 256 20.25 5.44 -9.03
C SER A 256 19.16 5.37 -10.11
N SER A 257 17.91 5.30 -9.70
CA SER A 257 16.70 5.35 -10.55
C SER A 257 16.54 6.78 -11.12
N ARG A 258 15.87 6.92 -12.26
CA ARG A 258 15.79 8.20 -13.03
C ARG A 258 14.33 8.62 -13.22
N ASP A 259 14.06 9.92 -13.12
CA ASP A 259 12.84 10.58 -13.66
C ASP A 259 13.10 10.85 -15.13
N GLU A 260 12.25 10.37 -16.03
CA GLU A 260 12.55 10.38 -17.49
C GLU A 260 11.35 10.94 -18.26
N PRO A 261 10.92 12.18 -17.99
CA PRO A 261 9.82 12.75 -18.75
C PRO A 261 10.11 12.84 -20.27
N GLY A 262 11.38 13.05 -20.65
CA GLY A 262 11.84 12.84 -22.04
C GLY A 262 11.77 14.07 -22.92
N ASN A 263 10.60 14.71 -23.08
CA ASN A 263 10.40 15.85 -24.01
C ASN A 263 9.91 17.09 -23.23
N THR A 264 9.98 17.05 -21.91
CA THR A 264 9.50 18.13 -21.02
C THR A 264 10.17 17.95 -19.65
N ALA A 265 10.20 18.99 -18.84
CA ALA A 265 10.76 18.91 -17.47
C ALA A 265 9.69 18.30 -16.56
N ARG A 266 8.41 18.42 -16.95
CA ARG A 266 7.26 18.05 -16.08
C ARG A 266 7.24 16.54 -15.99
N LEU A 267 7.31 15.96 -14.78
CA LEU A 267 7.08 14.51 -14.53
C LEU A 267 5.60 14.19 -14.78
N ARG A 268 5.29 13.10 -15.51
CA ARG A 268 3.92 12.57 -15.71
C ARG A 268 3.34 12.18 -14.34
N TRP A 269 4.14 11.52 -13.49
CA TRP A 269 3.72 11.07 -12.14
C TRP A 269 4.58 11.77 -11.08
N PRO A 270 4.15 12.94 -10.60
CA PRO A 270 4.82 13.60 -9.49
C PRO A 270 4.81 12.69 -8.25
N TYR A 271 5.79 12.87 -7.36
CA TYR A 271 5.93 12.10 -6.11
C TYR A 271 6.41 13.03 -4.99
N THR A 272 6.33 12.49 -3.77
CA THR A 272 6.84 13.09 -2.51
C THR A 272 8.12 12.35 -2.15
N ASP A 273 9.18 13.10 -1.80
CA ASP A 273 10.51 12.53 -1.44
C ASP A 273 10.53 12.23 0.07
N SER A 274 11.64 11.72 0.59
CA SER A 274 11.85 11.35 2.01
C SER A 274 11.98 12.59 2.89
N SER A 275 11.99 13.79 2.30
CA SER A 275 11.95 15.09 3.00
C SER A 275 10.51 15.65 3.01
N GLY A 276 9.56 14.91 2.46
CA GLY A 276 8.14 15.37 2.39
C GLY A 276 7.91 16.50 1.42
N HIS A 277 8.79 16.71 0.44
CA HIS A 277 8.62 17.77 -0.60
C HIS A 277 8.03 17.16 -1.87
N TYR A 278 7.21 17.93 -2.56
CA TYR A 278 6.55 17.56 -3.84
C TYR A 278 7.56 17.79 -4.99
N ILE A 279 7.89 16.72 -5.69
CA ILE A 279 8.81 16.70 -6.88
C ILE A 279 7.93 16.53 -8.11
N TYR A 280 7.77 17.57 -8.94
CA TYR A 280 6.89 17.48 -10.13
C TYR A 280 7.64 17.78 -11.44
N ASP A 281 8.94 18.02 -11.38
CA ASP A 281 9.75 18.24 -12.59
C ASP A 281 11.22 17.90 -12.29
N THR A 282 12.11 18.13 -13.24
CA THR A 282 13.54 17.70 -13.19
C THR A 282 14.39 18.79 -12.53
N TRP A 283 13.78 19.92 -12.15
CA TRP A 283 14.52 21.12 -11.67
C TRP A 283 15.15 20.92 -10.29
N PRO A 284 14.46 20.31 -9.30
CA PRO A 284 15.12 20.07 -8.01
C PRO A 284 16.39 19.22 -8.11
N ALA A 285 16.40 18.17 -8.93
CA ALA A 285 17.63 17.36 -9.18
C ALA A 285 18.70 18.17 -9.91
N THR A 286 18.33 18.93 -10.94
CA THR A 286 19.31 19.69 -11.76
C THR A 286 19.97 20.76 -10.89
N LEU A 287 19.16 21.61 -10.25
CA LEU A 287 19.63 22.71 -9.38
C LEU A 287 20.42 22.09 -8.22
N GLY A 288 19.90 21.02 -7.63
CA GLY A 288 20.57 20.28 -6.55
C GLY A 288 21.97 19.84 -6.93
N GLU A 289 22.18 19.30 -8.14
CA GLU A 289 23.50 18.79 -8.55
C GLU A 289 24.41 20.00 -8.78
N ALA A 290 23.87 21.11 -9.27
CA ALA A 290 24.63 22.36 -9.47
C ALA A 290 25.14 22.85 -8.12
N LYS A 291 24.30 22.78 -7.10
CA LYS A 291 24.63 23.24 -5.73
C LYS A 291 25.75 22.37 -5.17
N ILE A 292 25.67 21.05 -5.36
CA ILE A 292 26.71 20.10 -4.86
C ILE A 292 28.06 20.44 -5.52
N ALA A 293 28.05 20.73 -6.81
CA ALA A 293 29.23 21.10 -7.60
C ALA A 293 29.79 22.42 -7.09
N LYS A 294 28.94 23.44 -6.87
CA LYS A 294 29.41 24.76 -6.35
C LYS A 294 29.89 24.61 -4.90
N ASP A 295 29.13 23.97 -4.03
CA ASP A 295 29.55 23.71 -2.63
C ASP A 295 30.95 23.05 -2.61
N SER A 296 31.34 22.28 -3.62
CA SER A 296 32.65 21.58 -3.70
C SER A 296 33.76 22.51 -4.22
N GLY A 297 33.41 23.74 -4.58
CA GLY A 297 34.36 24.81 -4.95
C GLY A 297 34.32 25.15 -6.43
N ASN A 298 33.49 24.48 -7.23
CA ASN A 298 33.53 24.65 -8.70
C ASN A 298 32.84 25.96 -9.06
N GLU A 299 33.43 26.71 -9.97
CA GLU A 299 32.77 27.92 -10.53
C GLU A 299 31.94 27.44 -11.72
N VAL A 300 30.64 27.73 -11.71
CA VAL A 300 29.67 27.31 -12.76
C VAL A 300 29.23 28.52 -13.58
N HIS A 301 29.63 28.54 -14.83
CA HIS A 301 29.16 29.49 -15.86
C HIS A 301 28.14 28.72 -16.71
N ALA A 302 27.13 29.39 -17.22
CA ALA A 302 26.16 28.73 -18.11
C ALA A 302 25.75 29.67 -19.23
N LEU A 303 25.52 29.11 -20.40
CA LEU A 303 24.88 29.78 -21.55
C LEU A 303 23.56 29.06 -21.91
N GLY A 304 22.45 29.79 -21.85
CA GLY A 304 21.15 29.39 -22.42
C GLY A 304 21.06 29.79 -23.86
N ILE A 305 21.00 28.83 -24.76
CA ILE A 305 21.02 29.05 -26.22
C ILE A 305 19.58 29.01 -26.77
N GLN A 306 19.06 30.17 -27.17
CA GLN A 306 17.74 30.29 -27.84
C GLN A 306 16.68 29.54 -27.04
N LEU A 307 16.57 29.84 -25.74
CA LEU A 307 15.61 29.20 -24.81
C LEU A 307 14.21 29.38 -25.36
N ALA A 308 13.41 28.35 -25.26
CA ALA A 308 12.01 28.34 -25.72
C ALA A 308 11.14 27.86 -24.56
N ASP A 309 9.85 28.09 -24.65
CA ASP A 309 8.92 27.61 -23.62
C ASP A 309 9.03 26.09 -23.56
N ASP A 310 8.88 25.53 -22.36
CA ASP A 310 8.73 24.06 -22.19
C ASP A 310 7.27 23.70 -22.45
N ASP A 311 6.92 23.34 -23.68
CA ASP A 311 5.55 22.91 -24.11
C ASP A 311 4.50 23.85 -23.48
N HIS A 312 3.59 23.35 -22.62
CA HIS A 312 2.57 24.21 -21.96
C HIS A 312 2.89 24.45 -20.48
N TYR A 313 4.08 24.02 -20.05
CA TYR A 313 4.42 23.76 -18.63
C TYR A 313 5.12 24.97 -18.00
N MET A 314 6.02 25.61 -18.73
CA MET A 314 6.98 26.58 -18.16
C MET A 314 7.45 27.54 -19.24
N THR A 315 7.39 28.84 -18.97
CA THR A 315 7.77 29.90 -19.94
C THR A 315 9.28 29.93 -20.05
N LYS A 316 9.80 30.45 -21.16
CA LYS A 316 11.26 30.64 -21.32
C LYS A 316 11.74 31.60 -20.21
N GLU A 317 10.90 32.53 -19.75
CA GLU A 317 11.27 33.50 -18.69
C GLU A 317 11.54 32.76 -17.37
N LYS A 318 10.67 31.84 -16.97
CA LYS A 318 10.89 31.05 -15.73
C LYS A 318 12.08 30.11 -15.94
N ILE A 319 12.22 29.49 -17.11
CA ILE A 319 13.42 28.63 -17.45
C ILE A 319 14.71 29.44 -17.23
N ARG A 320 14.76 30.69 -17.72
CA ARG A 320 15.89 31.61 -17.56
C ARG A 320 16.20 31.78 -16.08
N GLN A 321 15.17 32.01 -15.26
CA GLN A 321 15.29 32.24 -13.79
C GLN A 321 15.87 30.97 -13.16
N ASN A 322 15.46 29.78 -13.60
CA ASN A 322 16.05 28.53 -13.07
C ASN A 322 17.52 28.39 -13.50
N MET A 323 17.85 28.68 -14.76
CA MET A 323 19.24 28.60 -15.24
C MET A 323 20.11 29.58 -14.42
N GLN A 324 19.54 30.71 -13.98
CA GLN A 324 20.30 31.73 -13.21
C GLN A 324 20.67 31.21 -11.82
N LEU A 325 20.00 30.15 -11.38
CA LEU A 325 20.29 29.53 -10.06
C LEU A 325 21.33 28.41 -10.23
N ILE A 326 21.60 28.01 -11.48
CA ILE A 326 22.57 26.91 -11.74
C ILE A 326 23.96 27.51 -11.50
N THR A 327 24.20 28.75 -11.93
CA THR A 327 25.54 29.43 -11.88
C THR A 327 25.79 29.88 -10.45
N ASN A 328 27.03 30.27 -10.09
CA ASN A 328 27.38 30.70 -8.70
C ASN A 328 26.59 31.96 -8.35
N SER A 329 26.36 32.83 -9.32
CA SER A 329 25.52 34.04 -9.21
C SER A 329 24.79 34.21 -10.54
N PRO A 330 23.65 34.94 -10.59
CA PRO A 330 22.93 35.15 -11.84
C PRO A 330 23.71 35.78 -13.01
N ASP A 331 24.77 36.55 -12.75
CA ASP A 331 25.50 37.24 -13.85
C ASP A 331 26.49 36.27 -14.52
N LEU A 332 26.72 35.07 -14.00
CA LEU A 332 27.56 34.03 -14.65
C LEU A 332 26.69 33.17 -15.58
N TYR A 333 25.40 33.44 -15.63
CA TYR A 333 24.47 32.97 -16.66
C TYR A 333 24.32 34.07 -17.72
N GLU A 334 24.39 33.70 -19.00
CA GLU A 334 24.10 34.55 -20.17
C GLU A 334 23.12 33.81 -21.07
N ASP A 335 22.36 34.56 -21.85
CA ASP A 335 21.57 34.04 -23.00
C ASP A 335 22.39 34.21 -24.27
N ALA A 336 22.17 33.38 -25.27
CA ALA A 336 22.63 33.57 -26.66
C ALA A 336 21.39 33.44 -27.56
N ASP A 337 21.11 34.49 -28.31
CA ASP A 337 19.96 34.65 -29.23
C ASP A 337 20.28 33.94 -30.56
N SER A 338 21.50 33.49 -30.81
CA SER A 338 21.98 33.17 -32.19
C SER A 338 23.32 32.44 -32.19
N ALA A 339 23.76 31.95 -33.35
CA ALA A 339 25.00 31.17 -33.50
C ALA A 339 26.22 32.04 -33.18
N ASP A 340 26.14 33.32 -33.58
CA ASP A 340 27.25 34.28 -33.45
C ASP A 340 27.41 34.60 -31.96
N ALA A 341 26.29 34.72 -31.25
CA ALA A 341 26.24 34.99 -29.80
C ALA A 341 26.84 33.79 -29.03
N VAL A 342 26.69 32.56 -29.54
CA VAL A 342 27.31 31.36 -28.93
C VAL A 342 28.83 31.50 -29.07
N GLU A 343 29.32 31.71 -30.28
CA GLU A 343 30.79 31.86 -30.55
C GLU A 343 31.31 33.01 -29.71
N ALA A 344 30.58 34.12 -29.67
CA ALA A 344 30.97 35.36 -28.96
C ALA A 344 31.12 35.04 -27.46
N TYR A 345 30.19 34.27 -26.91
CA TYR A 345 30.17 33.98 -25.46
C TYR A 345 31.42 33.16 -25.13
N LEU A 346 31.74 32.21 -25.98
CA LEU A 346 32.89 31.32 -25.73
C LEU A 346 34.17 32.12 -25.94
N ASN A 347 34.18 33.08 -26.85
CA ASN A 347 35.40 33.87 -27.15
C ASN A 347 35.63 34.80 -25.93
N ASN A 348 34.57 35.37 -25.35
CA ASN A 348 34.69 36.22 -24.13
C ASN A 348 35.11 35.38 -22.91
N GLN A 349 34.64 34.14 -22.79
CA GLN A 349 35.07 33.26 -21.69
C GLN A 349 36.57 32.96 -21.85
N ALA A 350 37.06 32.79 -23.08
CA ALA A 350 38.50 32.58 -23.35
C ALA A 350 39.28 33.85 -22.93
N LYS A 351 38.77 35.02 -23.30
CA LYS A 351 39.36 36.31 -22.89
C LYS A 351 39.41 36.41 -21.35
N ASP A 352 38.35 35.98 -20.65
CA ASP A 352 38.26 36.07 -19.17
C ASP A 352 39.31 35.18 -18.52
N ILE A 353 39.52 33.99 -19.04
CA ILE A 353 40.60 33.07 -18.54
C ILE A 353 41.98 33.69 -18.83
N ILE A 354 42.19 34.30 -19.99
CA ILE A 354 43.50 34.90 -20.35
C ILE A 354 43.77 36.06 -19.39
N LYS A 355 42.76 36.90 -19.16
CA LYS A 355 42.82 38.09 -18.27
C LYS A 355 43.19 37.64 -16.85
N ASN A 356 42.78 36.45 -16.46
CA ASN A 356 43.07 35.87 -15.12
C ASN A 356 44.59 35.70 -14.94
N PHE A 357 45.38 35.70 -16.01
CA PHE A 357 46.86 35.54 -15.93
C PHE A 357 47.60 36.90 -16.02
N ASN A 358 46.89 38.03 -16.00
CA ASN A 358 47.48 39.40 -16.07
C ASN A 358 48.46 39.61 -14.93
N THR A 359 49.67 40.13 -15.20
CA THR A 359 50.64 40.60 -14.17
C THR A 359 50.10 41.85 -13.47
N VAL A 360 49.27 42.61 -14.18
CA VAL A 360 48.60 43.80 -13.60
C VAL A 360 47.07 43.59 -13.58
N THR A 361 46.51 43.46 -12.38
CA THR A 361 45.11 43.11 -12.09
C THR A 361 44.58 44.02 -10.99
N ASP A 362 43.71 44.95 -11.33
CA ASP A 362 43.29 46.03 -10.39
C ASP A 362 44.53 46.68 -9.79
N GLY A 363 45.51 46.98 -10.65
CA GLY A 363 46.69 47.74 -10.27
C GLY A 363 46.32 49.17 -9.94
N THR A 364 47.11 49.83 -9.11
CA THR A 364 46.89 51.26 -8.76
C THR A 364 48.21 51.99 -8.93
N ILE A 365 48.13 53.27 -9.28
CA ILE A 365 49.28 54.21 -9.18
C ILE A 365 48.86 55.31 -8.23
N THR A 366 49.70 55.62 -7.25
CA THR A 366 49.58 56.80 -6.36
C THR A 366 50.71 57.75 -6.73
N ASP A 367 50.39 58.99 -7.02
CA ASP A 367 51.36 59.97 -7.57
C ASP A 367 51.02 61.32 -6.98
N PRO A 368 51.53 61.64 -5.78
CA PRO A 368 51.36 62.97 -5.20
C PRO A 368 52.27 63.98 -5.88
N ILE A 369 51.76 65.17 -6.17
CA ILE A 369 52.52 66.28 -6.81
C ILE A 369 53.65 66.72 -5.89
N GLY A 370 54.75 67.20 -6.46
CA GLY A 370 55.87 67.81 -5.71
C GLY A 370 55.50 69.14 -5.09
N THR A 371 56.12 69.45 -3.97
CA THR A 371 55.89 70.71 -3.18
C THR A 371 55.90 71.96 -4.06
N GLN A 372 56.83 72.01 -5.01
CA GLN A 372 57.14 73.22 -5.78
C GLN A 372 56.32 73.22 -7.06
N PHE A 373 55.33 72.35 -7.21
CA PHE A 373 54.52 72.29 -8.46
C PHE A 373 53.04 72.34 -8.12
N GLN A 374 52.22 72.81 -9.04
CA GLN A 374 50.73 72.71 -8.94
C GLN A 374 50.19 72.12 -10.24
N TYR A 375 49.10 71.36 -10.17
CA TYR A 375 48.40 70.83 -11.36
C TYR A 375 48.02 72.02 -12.23
N ALA A 376 48.30 72.00 -13.53
CA ALA A 376 47.93 73.06 -14.49
C ALA A 376 46.43 73.07 -14.71
N ASN A 377 45.80 71.91 -14.55
CA ASN A 377 44.33 71.69 -14.66
C ASN A 377 44.11 70.34 -14.00
N ASN A 378 42.86 69.92 -13.80
CA ASN A 378 42.54 68.67 -13.05
C ASN A 378 42.24 67.53 -14.05
N GLN A 379 42.67 67.65 -15.31
CA GLN A 379 42.51 66.61 -16.36
C GLN A 379 43.71 65.65 -16.29
N ALA A 380 43.44 64.38 -15.97
CA ALA A 380 44.39 63.27 -16.15
C ALA A 380 43.82 62.32 -17.17
N THR A 381 44.43 62.20 -18.32
CA THR A 381 43.84 61.48 -19.48
C THR A 381 44.53 60.13 -19.62
N VAL A 382 43.73 59.10 -19.99
CA VAL A 382 44.13 57.66 -20.06
C VAL A 382 43.93 57.16 -21.48
N THR A 383 44.87 56.39 -21.99
CA THR A 383 45.02 55.96 -23.40
C THR A 383 45.70 54.58 -23.43
N SER A 384 45.23 53.68 -24.26
CA SER A 384 45.90 52.42 -24.59
C SER A 384 46.96 52.77 -25.60
N VAL A 385 48.14 52.17 -25.51
CA VAL A 385 49.24 52.47 -26.49
C VAL A 385 50.03 51.21 -26.80
N GLY A 386 49.62 50.06 -26.29
CA GLY A 386 50.26 48.78 -26.63
C GLY A 386 49.78 48.25 -27.99
N LYS A 387 50.56 47.33 -28.55
CA LYS A 387 50.25 46.54 -29.78
C LYS A 387 48.84 45.98 -29.61
N GLN A 388 48.47 45.48 -28.42
CA GLN A 388 47.13 44.94 -28.14
C GLN A 388 46.31 45.97 -27.36
N THR A 389 45.22 46.44 -27.94
CA THR A 389 44.32 47.46 -27.35
C THR A 389 43.81 47.03 -25.98
N VAL A 390 43.66 47.98 -25.06
CA VAL A 390 42.85 47.77 -23.84
C VAL A 390 41.53 48.43 -24.14
N PRO A 391 40.43 47.65 -24.22
CA PRO A 391 39.12 48.23 -24.48
C PRO A 391 38.79 49.26 -23.39
N ALA A 392 38.03 50.30 -23.75
CA ALA A 392 37.66 51.40 -22.83
C ALA A 392 36.97 50.86 -21.56
N SER A 393 36.26 49.73 -21.61
CA SER A 393 35.62 49.13 -20.40
C SER A 393 36.69 48.57 -19.45
N GLU A 394 37.90 48.29 -19.95
CA GLU A 394 39.02 47.77 -19.10
C GLU A 394 40.02 48.87 -18.70
N LEU A 395 39.98 50.06 -19.33
CA LEU A 395 40.93 51.18 -19.05
C LEU A 395 40.82 51.56 -17.58
N PRO A 396 41.95 51.90 -16.93
CA PRO A 396 41.91 52.35 -15.56
C PRO A 396 41.29 53.74 -15.60
N SER A 397 40.83 54.22 -14.45
CA SER A 397 40.41 55.60 -14.18
C SER A 397 41.57 56.36 -13.52
N ALA A 398 41.70 57.65 -13.86
CA ALA A 398 42.72 58.56 -13.33
C ALA A 398 42.05 59.83 -12.84
N ALA A 399 42.32 60.21 -11.60
CA ALA A 399 41.71 61.43 -11.01
C ALA A 399 42.77 62.17 -10.19
N ILE A 400 42.71 63.48 -10.25
CA ILE A 400 43.50 64.44 -9.42
C ILE A 400 42.58 65.00 -8.33
N GLN A 401 42.85 64.65 -7.09
CA GLN A 401 42.12 65.21 -5.93
C GLN A 401 43.16 65.49 -4.84
N ASP A 402 43.14 66.68 -4.27
CA ASP A 402 43.88 67.09 -3.04
C ASP A 402 45.36 66.69 -3.19
N GLY A 403 46.00 67.25 -4.21
CA GLY A 403 47.46 67.10 -4.43
C GLY A 403 47.91 65.68 -4.82
N GLN A 404 47.04 64.83 -5.35
CA GLN A 404 47.45 63.45 -5.71
C GLN A 404 46.69 62.99 -6.96
N LEU A 405 47.47 62.49 -7.92
CA LEU A 405 46.95 61.70 -9.06
C LEU A 405 46.85 60.24 -8.59
N THR A 406 45.70 59.64 -8.81
CA THR A 406 45.40 58.23 -8.47
C THR A 406 44.91 57.54 -9.74
N VAL A 407 45.49 56.40 -10.05
CA VAL A 407 45.01 55.53 -11.16
C VAL A 407 44.53 54.24 -10.52
N ASN A 408 43.29 53.87 -10.80
CA ASN A 408 42.62 52.70 -10.18
C ASN A 408 42.19 51.74 -11.28
N HIS A 409 42.10 50.46 -10.94
CA HIS A 409 41.49 49.39 -11.78
C HIS A 409 42.33 49.19 -13.05
N MET A 410 43.64 49.11 -12.94
CA MET A 410 44.53 48.82 -14.09
C MET A 410 44.54 47.31 -14.34
N ASN A 411 44.18 46.91 -15.56
CA ASN A 411 44.18 45.51 -15.99
C ASN A 411 44.99 45.43 -17.28
N LEU A 412 46.10 44.68 -17.27
CA LEU A 412 47.10 44.69 -18.38
C LEU A 412 47.72 43.31 -18.50
N GLY A 413 47.59 42.73 -19.69
CA GLY A 413 48.23 41.46 -20.08
C GLY A 413 49.21 41.69 -21.20
N GLN A 414 49.48 40.66 -21.98
CA GLN A 414 50.56 40.68 -22.99
C GLN A 414 50.24 41.78 -24.01
N ASP A 415 51.23 42.64 -24.26
CA ASP A 415 51.23 43.73 -25.26
C ASP A 415 50.16 44.78 -24.93
N GLN A 416 49.69 44.83 -23.69
CA GLN A 416 48.76 45.91 -23.27
C GLN A 416 49.54 46.97 -22.49
N GLU A 417 49.37 48.25 -22.84
CA GLU A 417 50.11 49.35 -22.18
C GLU A 417 49.19 50.55 -22.07
N VAL A 418 49.21 51.23 -20.94
CA VAL A 418 48.43 52.49 -20.86
C VAL A 418 49.37 53.63 -20.58
N GLN A 419 48.98 54.82 -21.01
CA GLN A 419 49.66 56.10 -20.74
C GLN A 419 48.70 57.02 -20.00
N ILE A 420 49.15 57.61 -18.88
CA ILE A 420 48.39 58.69 -18.22
C ILE A 420 49.13 59.98 -18.49
N HIS A 421 48.41 61.01 -18.91
CA HIS A 421 48.95 62.36 -19.19
C HIS A 421 48.31 63.35 -18.26
N TYR A 422 49.14 64.20 -17.64
CA TYR A 422 48.70 65.38 -16.88
C TYR A 422 49.74 66.44 -17.04
N GLN A 423 49.49 67.60 -16.48
CA GLN A 423 50.35 68.78 -16.62
C GLN A 423 50.45 69.44 -15.25
N VAL A 424 51.65 69.92 -14.94
CA VAL A 424 52.00 70.63 -13.72
C VAL A 424 52.77 71.90 -14.11
N ARG A 425 52.78 72.87 -13.21
CA ARG A 425 53.48 74.15 -13.38
C ARG A 425 54.33 74.32 -12.17
N ILE A 426 55.56 74.81 -12.38
CA ILE A 426 56.51 75.13 -11.28
C ILE A 426 56.05 76.46 -10.70
N LYS A 427 55.98 76.52 -9.38
CA LYS A 427 55.55 77.70 -8.59
C LYS A 427 56.80 78.52 -8.29
N THR A 428 57.11 79.50 -9.13
CA THR A 428 58.29 80.39 -8.95
C THR A 428 58.04 81.46 -7.89
N GLU A 429 56.80 81.72 -7.52
CA GLU A 429 56.42 82.85 -6.65
C GLU A 429 56.49 82.45 -5.18
N ASP A 430 56.49 81.16 -4.84
CA ASP A 430 56.68 80.69 -3.44
C ASP A 430 57.91 81.40 -2.86
N ALA A 431 57.78 81.90 -1.63
CA ALA A 431 58.93 82.42 -0.85
C ALA A 431 59.93 81.28 -0.66
N GLY A 432 61.23 81.57 -0.83
CA GLY A 432 62.28 80.57 -0.70
C GLY A 432 62.56 79.85 -2.01
N PHE A 433 61.75 80.08 -3.06
CA PHE A 433 62.01 79.53 -4.41
C PHE A 433 63.40 79.92 -4.88
N LYS A 434 64.18 78.93 -5.34
CA LYS A 434 65.52 79.12 -5.97
C LYS A 434 65.44 78.85 -7.47
N PRO A 435 65.85 79.80 -8.32
CA PRO A 435 66.01 79.55 -9.75
C PRO A 435 67.29 78.75 -10.00
N ASP A 436 67.47 78.22 -11.21
CA ASP A 436 68.58 77.31 -11.52
C ASP A 436 68.65 76.17 -10.49
N PHE A 437 67.51 75.73 -9.92
CA PHE A 437 67.49 74.71 -8.85
C PHE A 437 66.46 73.62 -9.15
N TRP A 438 66.86 72.35 -9.18
CA TRP A 438 65.99 71.19 -9.51
C TRP A 438 65.05 70.92 -8.36
N TYR A 439 63.76 70.92 -8.67
CA TYR A 439 62.67 70.49 -7.76
C TYR A 439 61.96 69.24 -8.32
N GLN A 440 61.67 68.28 -7.46
CA GLN A 440 60.97 67.03 -7.84
C GLN A 440 59.51 67.32 -8.17
N MET A 441 59.05 66.85 -9.33
CA MET A 441 57.64 67.04 -9.76
C MET A 441 56.67 66.16 -8.99
N ASN A 442 57.16 65.11 -8.33
CA ASN A 442 56.31 64.12 -7.63
C ASN A 442 56.87 63.79 -6.24
N GLY A 443 55.99 63.45 -5.31
CA GLY A 443 56.36 62.61 -4.15
C GLY A 443 56.58 61.18 -4.60
N GLU A 444 56.71 60.25 -3.67
CA GLU A 444 56.86 58.80 -3.96
C GLU A 444 55.74 58.40 -4.91
N THR A 445 56.08 57.84 -6.08
CA THR A 445 55.11 57.44 -7.13
C THR A 445 55.19 55.93 -7.31
N LEU A 446 54.10 55.22 -7.05
CA LEU A 446 54.10 53.77 -6.82
C LEU A 446 53.09 53.12 -7.76
N LEU A 447 53.49 52.00 -8.34
CA LEU A 447 52.52 51.09 -8.99
C LEU A 447 52.29 49.89 -8.08
N THR A 448 51.08 49.58 -7.69
CA THR A 448 50.79 48.28 -7.04
C THR A 448 50.19 47.40 -8.11
N PRO A 449 50.90 46.43 -8.66
CA PRO A 449 50.42 45.66 -9.78
C PRO A 449 49.13 44.87 -9.51
N LYS A 450 49.03 44.26 -8.34
CA LYS A 450 47.81 43.53 -7.92
C LYS A 450 47.70 43.63 -6.39
N ALA A 451 46.50 43.43 -5.87
CA ALA A 451 46.19 43.36 -4.42
C ALA A 451 47.26 42.54 -3.69
N GLY A 452 47.88 43.14 -2.67
CA GLY A 452 48.85 42.47 -1.78
C GLY A 452 50.27 42.50 -2.31
N ALA A 453 50.50 42.91 -3.56
CA ALA A 453 51.85 42.89 -4.16
C ALA A 453 52.62 44.09 -3.59
N ALA A 454 53.94 43.97 -3.53
CA ALA A 454 54.78 45.10 -3.10
C ALA A 454 54.74 46.14 -4.21
N ALA A 455 54.64 47.41 -3.85
CA ALA A 455 54.69 48.54 -4.77
C ALA A 455 56.11 48.69 -5.29
N VAL A 456 56.21 49.17 -6.51
CA VAL A 456 57.48 49.55 -7.18
C VAL A 456 57.44 51.05 -7.50
N ASP A 457 58.59 51.66 -7.61
CA ASP A 457 58.79 53.12 -7.69
C ASP A 457 58.99 53.53 -9.14
N PHE A 458 58.16 54.45 -9.58
CA PHE A 458 58.43 55.22 -10.81
C PHE A 458 59.63 56.12 -10.51
N GLY A 459 60.46 56.41 -11.51
CA GLY A 459 61.51 57.47 -11.42
C GLY A 459 60.91 58.88 -11.48
N ILE A 460 61.16 59.70 -10.46
CA ILE A 460 60.62 61.09 -10.35
C ILE A 460 61.48 62.06 -11.15
N PRO A 461 60.87 62.77 -12.12
CA PRO A 461 61.54 63.84 -12.84
C PRO A 461 61.67 65.09 -11.99
N SER A 462 62.59 65.98 -12.35
CA SER A 462 62.79 67.30 -11.69
C SER A 462 62.62 68.40 -12.71
N GLY A 463 62.11 69.53 -12.25
CA GLY A 463 61.99 70.75 -13.08
C GLY A 463 62.78 71.87 -12.43
N ARG A 464 62.97 72.94 -13.15
CA ARG A 464 63.56 74.16 -12.57
C ARG A 464 63.23 75.33 -13.49
N ALA A 465 63.38 76.53 -12.95
CA ALA A 465 63.17 77.75 -13.75
C ALA A 465 64.48 78.48 -13.80
N PRO A 466 64.90 78.92 -14.99
CA PRO A 466 66.15 79.67 -15.11
C PRO A 466 66.07 81.03 -14.39
N ALA A 467 67.22 81.49 -13.91
CA ALA A 467 67.45 82.86 -13.40
C ALA A 467 67.45 83.82 -14.60
N THR A 468 67.03 85.05 -14.36
CA THR A 468 67.31 86.19 -15.25
C THR A 468 67.85 87.33 -14.39
N THR A 469 68.75 88.17 -14.94
CA THR A 469 69.25 89.38 -14.25
C THR A 469 68.30 90.55 -14.53
N VAL A 470 67.82 91.19 -13.46
CA VAL A 470 67.04 92.46 -13.50
C VAL A 470 67.97 93.57 -13.02
N TYR A 471 68.03 94.66 -13.79
CA TYR A 471 68.81 95.89 -13.50
C TYR A 471 67.88 96.95 -12.89
N VAL A 472 68.37 97.62 -11.86
CA VAL A 472 67.69 98.80 -11.26
C VAL A 472 68.60 100.02 -11.43
N GLN A 473 68.05 101.06 -12.04
CA GLN A 473 68.77 102.31 -12.42
C GLN A 473 68.07 103.48 -11.73
N LYS A 474 68.78 104.23 -10.90
CA LYS A 474 68.32 105.56 -10.43
C LYS A 474 68.73 106.63 -11.46
N GLN A 475 67.75 107.31 -12.06
CA GLN A 475 67.94 108.54 -12.84
C GLN A 475 67.71 109.79 -11.97
N TRP A 476 68.80 110.36 -11.47
CA TRP A 476 68.76 111.62 -10.70
C TRP A 476 68.56 112.78 -11.66
N ARG A 477 67.55 113.61 -11.43
CA ARG A 477 67.41 114.94 -12.07
C ARG A 477 67.35 115.96 -10.95
N GLN A 478 68.44 116.07 -10.20
CA GLN A 478 68.65 117.03 -9.10
C GLN A 478 68.83 118.45 -9.68
N LEU A 479 68.64 119.47 -8.84
CA LEU A 479 68.93 120.88 -9.21
C LEU A 479 70.44 120.98 -9.44
N SER A 480 70.91 121.91 -10.28
CA SER A 480 72.35 122.18 -10.55
C SER A 480 73.20 122.42 -9.28
N ASN A 481 72.59 122.79 -8.15
CA ASN A 481 73.30 123.17 -6.91
C ASN A 481 73.15 122.05 -5.86
N GLN A 482 72.65 120.86 -6.24
CA GLN A 482 72.30 119.78 -5.28
C GLN A 482 73.37 118.70 -5.36
N SER A 483 74.08 118.51 -4.27
CA SER A 483 75.01 117.39 -4.02
C SER A 483 74.18 116.09 -3.87
N LEU A 484 74.69 114.97 -4.40
CA LEU A 484 74.03 113.65 -4.28
C LEU A 484 74.77 112.83 -3.24
N PRO A 485 74.07 111.97 -2.49
CA PRO A 485 74.74 111.02 -1.62
C PRO A 485 75.57 110.05 -2.49
N ASP A 486 76.47 109.29 -1.86
CA ASP A 486 77.34 108.29 -2.54
C ASP A 486 76.51 107.02 -2.82
N THR A 487 75.48 106.79 -2.00
CA THR A 487 74.65 105.57 -2.07
C THR A 487 73.21 105.92 -1.70
N LEU A 488 72.29 105.07 -2.14
CA LEU A 488 70.84 105.21 -1.88
C LEU A 488 70.26 103.80 -1.77
N ASN A 489 69.50 103.53 -0.70
CA ASN A 489 68.79 102.24 -0.47
C ASN A 489 67.46 102.31 -1.21
N VAL A 490 67.26 101.44 -2.19
CA VAL A 490 65.95 101.19 -2.83
C VAL A 490 65.48 99.78 -2.45
N THR A 491 64.17 99.62 -2.36
CA THR A 491 63.48 98.33 -2.15
C THR A 491 62.71 98.08 -3.43
N VAL A 492 62.96 96.92 -4.03
CA VAL A 492 62.21 96.40 -5.22
C VAL A 492 61.09 95.49 -4.70
N GLN A 493 59.91 95.64 -5.28
CA GLN A 493 58.81 94.67 -5.02
C GLN A 493 58.29 94.14 -6.37
N ARG A 494 57.44 93.12 -6.35
CA ARG A 494 56.90 92.55 -7.60
C ARG A 494 55.39 92.36 -7.49
N LYS A 495 54.74 92.46 -8.64
CA LYS A 495 53.37 91.97 -8.91
C LYS A 495 53.50 90.51 -9.36
N VAL A 496 52.75 89.61 -8.74
CA VAL A 496 52.70 88.15 -9.15
C VAL A 496 51.72 87.98 -10.33
N ALA A 497 51.54 86.73 -10.79
CA ALA A 497 50.65 86.33 -11.92
C ALA A 497 49.24 86.92 -11.72
N ASP A 498 48.62 86.74 -10.55
CA ASP A 498 47.26 87.28 -10.19
C ASP A 498 47.19 88.80 -10.38
N GLY A 499 48.32 89.52 -10.41
CA GLY A 499 48.40 90.97 -10.65
C GLY A 499 48.55 91.75 -9.36
N SER A 500 48.50 91.06 -8.22
CA SER A 500 48.62 91.61 -6.83
C SER A 500 50.09 91.76 -6.42
N LEU A 501 50.37 92.68 -5.51
CA LEU A 501 51.75 92.93 -5.00
C LEU A 501 52.13 91.80 -4.06
N ASP A 502 53.20 91.08 -4.37
CA ASP A 502 53.73 89.97 -3.53
C ASP A 502 54.10 90.56 -2.18
N PRO A 503 53.32 90.24 -1.11
CA PRO A 503 53.50 90.87 0.20
C PRO A 503 54.67 90.31 1.02
N ASN A 504 55.32 89.25 0.54
CA ASN A 504 56.44 88.55 1.22
C ASN A 504 57.75 88.88 0.51
N TRP A 505 57.75 88.85 -0.82
CA TRP A 505 58.94 89.12 -1.67
C TRP A 505 59.27 90.63 -1.66
N GLN A 506 60.52 90.91 -1.29
CA GLN A 506 61.19 92.19 -1.54
C GLN A 506 62.69 91.93 -1.76
N GLN A 507 63.34 92.83 -2.45
CA GLN A 507 64.79 92.81 -2.73
C GLN A 507 65.33 94.22 -2.49
N THR A 508 66.16 94.41 -1.44
CA THR A 508 66.79 95.69 -1.07
C THR A 508 68.08 95.82 -1.87
N LEU A 509 68.30 96.98 -2.48
CA LEU A 509 69.53 97.27 -3.27
C LEU A 509 70.17 98.55 -2.76
N VAL A 510 71.48 98.59 -2.86
CA VAL A 510 72.30 99.78 -2.55
C VAL A 510 72.85 100.27 -3.89
N LEU A 511 72.21 101.30 -4.45
CA LEU A 511 72.66 101.96 -5.71
C LEU A 511 73.80 102.91 -5.35
N LYS A 512 74.86 102.91 -6.14
CA LYS A 512 76.11 103.67 -5.82
C LYS A 512 76.43 104.66 -6.94
N LYS A 513 76.82 105.89 -6.56
CA LYS A 513 77.34 106.93 -7.47
C LYS A 513 78.49 106.31 -8.31
N ALA A 514 79.44 105.66 -7.64
CA ALA A 514 80.61 104.95 -8.23
C ALA A 514 80.18 103.98 -9.35
N ASP A 515 78.98 103.39 -9.26
CA ASP A 515 78.47 102.36 -10.21
C ASP A 515 77.44 102.95 -11.17
N ASN A 516 77.44 104.25 -11.40
CA ASN A 516 76.47 104.90 -12.32
C ASN A 516 75.05 104.68 -11.81
N TRP A 517 74.86 104.52 -10.49
CA TRP A 517 73.52 104.38 -9.87
C TRP A 517 72.76 103.13 -10.35
N LYS A 518 73.47 102.14 -10.90
CA LYS A 518 72.89 100.91 -11.44
C LYS A 518 73.35 99.73 -10.58
N ALA A 519 72.42 98.93 -10.08
CA ALA A 519 72.69 97.62 -9.46
C ALA A 519 71.83 96.55 -10.14
N SER A 520 72.00 95.30 -9.74
CA SER A 520 71.24 94.17 -10.36
C SER A 520 70.95 93.13 -9.30
N PHE A 521 69.84 92.43 -9.52
CA PHE A 521 69.46 91.23 -8.74
C PHE A 521 69.10 90.10 -9.73
N THR A 522 69.24 88.91 -9.19
CA THR A 522 68.90 87.61 -9.83
C THR A 522 67.45 87.25 -9.43
N ALA A 523 66.66 86.71 -10.34
CA ALA A 523 65.30 86.28 -10.03
C ALA A 523 64.84 85.23 -11.03
N PRO A 524 63.71 84.56 -10.77
CA PRO A 524 63.14 83.65 -11.74
C PRO A 524 62.77 84.45 -12.98
N ALA A 525 63.02 83.88 -14.15
CA ALA A 525 62.71 84.51 -15.45
C ALA A 525 61.19 84.62 -15.60
N TYR A 526 60.39 83.83 -14.86
CA TYR A 526 58.92 83.79 -15.08
C TYR A 526 58.16 83.43 -13.82
N ASN A 527 56.89 83.79 -13.81
CA ASN A 527 56.00 83.72 -12.62
C ASN A 527 55.26 82.41 -12.72
N ASN A 528 54.21 82.24 -11.92
CA ASN A 528 53.43 81.00 -11.80
C ASN A 528 52.66 80.70 -13.09
N GLN A 529 52.50 81.69 -13.99
CA GLN A 529 51.78 81.52 -15.29
C GLN A 529 52.78 81.55 -16.45
N GLY A 530 54.06 81.57 -16.14
CA GLY A 530 55.13 81.45 -17.17
C GLY A 530 55.37 82.76 -17.87
N GLN A 531 54.95 83.86 -17.25
CA GLN A 531 55.05 85.22 -17.81
C GLN A 531 56.05 86.03 -16.99
N SER A 532 56.55 87.10 -17.61
CA SER A 532 57.56 88.04 -17.06
C SER A 532 57.02 88.72 -15.81
N PHE A 533 57.86 88.83 -14.80
CA PHE A 533 57.50 89.55 -13.56
C PHE A 533 57.41 91.06 -13.86
N SER A 534 56.50 91.73 -13.18
CA SER A 534 56.31 93.21 -13.16
C SER A 534 56.98 93.71 -11.88
N TYR A 535 58.03 94.53 -11.97
CA TYR A 535 58.73 95.09 -10.78
C TYR A 535 58.31 96.55 -10.52
N VAL A 536 58.32 96.95 -9.25
CA VAL A 536 58.20 98.36 -8.79
C VAL A 536 59.32 98.64 -7.78
N VAL A 537 59.70 99.91 -7.59
CA VAL A 537 60.87 100.30 -6.76
C VAL A 537 60.54 101.60 -6.03
N LYS A 538 60.87 101.64 -4.74
CA LYS A 538 60.72 102.85 -3.88
C LYS A 538 62.04 103.10 -3.14
N SER A 539 62.36 104.35 -2.84
CA SER A 539 63.38 104.70 -1.83
C SER A 539 62.71 105.55 -0.76
N GLU A 540 63.13 105.37 0.49
CA GLU A 540 62.85 106.27 1.63
C GLU A 540 64.19 106.61 2.28
N ASP A 541 65.29 106.24 1.61
CA ASP A 541 66.67 106.49 2.12
C ASP A 541 66.98 107.99 2.07
N ALA A 542 66.73 108.71 3.17
CA ALA A 542 66.99 110.17 3.27
C ALA A 542 68.20 110.44 4.19
N SER A 543 69.16 109.51 4.27
CA SER A 543 70.29 109.56 5.24
C SER A 543 71.39 110.46 4.68
N GLY A 544 71.41 110.68 3.36
CA GLY A 544 72.37 111.55 2.65
C GLY A 544 71.69 112.72 1.95
N ILE A 545 70.35 112.79 1.95
CA ILE A 545 69.61 113.83 1.18
C ILE A 545 68.12 113.81 1.54
N ASP A 546 67.52 114.99 1.69
CA ASP A 546 66.08 115.17 1.90
C ASP A 546 65.43 114.89 0.57
N LEU A 547 64.52 113.92 0.49
CA LEU A 547 63.83 113.50 -0.76
C LEU A 547 62.53 114.26 -0.96
N SER A 548 62.21 115.16 -0.03
CA SER A 548 60.94 115.92 0.05
C SER A 548 60.80 116.77 -1.23
N SER A 549 61.92 117.32 -1.73
CA SER A 549 61.97 118.23 -2.91
C SER A 549 61.92 117.45 -4.23
N PHE A 550 61.88 116.14 -4.17
CA PHE A 550 61.89 115.22 -5.33
C PHE A 550 60.49 114.61 -5.55
N ILE A 551 60.05 114.61 -6.80
CA ILE A 551 58.90 113.81 -7.29
C ILE A 551 59.46 112.62 -8.13
N SER A 552 59.17 111.41 -7.68
CA SER A 552 59.66 110.13 -8.25
C SER A 552 58.63 109.62 -9.25
N SER A 553 59.12 109.15 -10.37
CA SER A 553 58.44 108.33 -11.37
C SER A 553 59.23 107.02 -11.48
N GLN A 554 58.60 105.97 -11.98
CA GLN A 554 59.34 104.74 -12.30
C GLN A 554 58.77 104.08 -13.54
N ASN A 555 59.63 103.38 -14.26
CA ASN A 555 59.24 102.55 -15.43
C ASN A 555 59.99 101.22 -15.41
N MET A 556 59.29 100.11 -15.69
CA MET A 556 59.86 98.77 -15.99
C MET A 556 59.96 98.60 -17.51
N ASP A 557 61.15 98.67 -18.10
CA ASP A 557 61.40 98.35 -19.54
C ASP A 557 61.73 96.86 -19.62
N GLN A 558 60.82 96.04 -20.15
CA GLN A 558 60.98 94.56 -20.25
C GLN A 558 62.10 94.20 -21.24
N GLN A 559 62.34 95.02 -22.25
CA GLN A 559 63.24 94.73 -23.39
C GLN A 559 64.70 94.79 -22.92
N THR A 560 64.96 95.58 -21.90
CA THR A 560 66.33 95.89 -21.43
C THR A 560 66.51 95.29 -20.03
N ALA A 561 65.44 94.68 -19.50
CA ALA A 561 65.32 94.18 -18.12
C ALA A 561 65.78 95.22 -17.11
N THR A 562 65.37 96.47 -17.29
CA THR A 562 65.78 97.61 -16.41
C THR A 562 64.54 98.28 -15.83
N LEU A 563 64.50 98.31 -14.50
CA LEU A 563 63.58 99.15 -13.70
C LEU A 563 64.31 100.48 -13.41
N THR A 564 63.85 101.58 -14.00
CA THR A 564 64.42 102.94 -13.79
C THR A 564 63.56 103.74 -12.81
N LEU A 565 64.17 104.22 -11.72
CA LEU A 565 63.52 105.16 -10.75
C LEU A 565 64.05 106.56 -11.06
N THR A 566 63.17 107.47 -11.50
CA THR A 566 63.53 108.86 -11.87
C THR A 566 63.17 109.82 -10.73
N ASN A 567 64.18 110.45 -10.14
CA ASN A 567 64.01 111.44 -9.05
C ASN A 567 64.19 112.83 -9.66
N GLN A 568 63.07 113.55 -9.84
CA GLN A 568 62.98 114.92 -10.40
C GLN A 568 62.86 115.91 -9.26
N GLN A 569 63.90 116.74 -9.05
CA GLN A 569 63.93 117.77 -7.99
C GLN A 569 63.36 119.09 -8.53
N TYR A 570 62.67 119.80 -7.66
CA TYR A 570 61.96 121.06 -7.96
C TYR A 570 62.56 122.16 -7.10
N GLY A 571 62.60 123.36 -7.65
CA GLY A 571 63.21 124.49 -6.96
C GLY A 571 62.58 125.81 -7.32
N PHE A 572 62.95 126.82 -6.55
CA PHE A 572 62.53 128.23 -6.75
C PHE A 572 63.80 129.07 -6.75
N GLN A 573 63.78 130.14 -7.54
CA GLN A 573 64.90 131.12 -7.53
C GLN A 573 64.29 132.45 -7.95
N PHE A 574 64.98 133.55 -7.72
CA PHE A 574 64.54 134.86 -8.28
C PHE A 574 65.75 135.60 -8.85
N GLN A 575 65.43 136.47 -9.80
CA GLN A 575 66.39 137.45 -10.37
C GLN A 575 65.85 138.86 -10.12
N LYS A 576 66.72 139.76 -9.70
CA LYS A 576 66.40 141.17 -9.36
C LYS A 576 66.78 142.08 -10.53
N LYS A 577 65.87 142.91 -10.99
CA LYS A 577 66.14 143.91 -12.04
C LYS A 577 65.75 145.31 -11.55
N THR A 578 66.21 146.33 -12.25
CA THR A 578 65.88 147.76 -11.98
C THR A 578 65.07 148.27 -13.17
N THR A 579 64.06 149.09 -12.93
CA THR A 579 63.26 149.76 -13.98
C THR A 579 64.16 150.66 -14.81
N ASP A 580 65.17 151.30 -14.21
CA ASP A 580 66.11 152.26 -14.87
C ASP A 580 67.23 151.54 -15.65
N GLY A 581 67.32 150.20 -15.62
CA GLY A 581 68.24 149.40 -16.45
C GLY A 581 69.64 149.27 -15.87
N THR A 582 69.92 149.91 -14.71
CA THR A 582 71.22 149.78 -13.98
C THR A 582 71.43 148.34 -13.48
N ASP A 583 72.66 147.84 -13.57
CA ASP A 583 73.07 146.57 -12.91
C ASP A 583 73.16 146.84 -11.40
N LEU A 584 72.77 145.87 -10.58
CA LEU A 584 72.88 145.98 -9.10
C LEU A 584 74.22 145.42 -8.65
N SER A 585 74.89 146.13 -7.74
CA SER A 585 76.24 145.77 -7.23
C SER A 585 76.11 144.81 -6.04
N ALA A 586 77.13 143.99 -5.83
CA ALA A 586 77.27 143.15 -4.62
C ALA A 586 76.77 143.89 -3.37
N ASP A 587 77.15 145.17 -3.17
CA ASP A 587 76.91 145.94 -1.90
C ASP A 587 75.42 146.32 -1.80
N GLN A 588 74.81 146.63 -2.93
CA GLN A 588 73.35 146.93 -3.01
C GLN A 588 72.53 145.67 -2.69
N LEU A 589 72.96 144.50 -3.14
CA LEU A 589 72.23 143.22 -2.95
C LEU A 589 72.33 142.75 -1.49
N LYS A 590 73.33 143.25 -0.75
CA LYS A 590 73.55 142.93 0.68
C LYS A 590 72.39 143.50 1.50
N ALA A 591 72.06 144.77 1.23
CA ALA A 591 70.96 145.50 1.88
C ALA A 591 69.62 144.79 1.65
N MET A 592 69.50 144.05 0.54
CA MET A 592 68.25 143.46 0.01
C MET A 592 67.94 142.13 0.70
N GLN A 593 66.66 141.94 1.02
CA GLN A 593 66.15 140.80 1.82
C GLN A 593 64.85 140.36 1.14
N PHE A 594 64.82 139.11 0.67
CA PHE A 594 63.61 138.40 0.21
C PHE A 594 63.34 137.24 1.19
N ASN A 595 62.06 137.02 1.51
CA ASN A 595 61.61 135.87 2.35
C ASN A 595 60.72 134.95 1.49
N LEU A 596 61.01 133.65 1.53
CA LEU A 596 60.14 132.58 1.03
C LEU A 596 59.37 131.98 2.20
N THR A 597 58.05 132.05 2.17
CA THR A 597 57.14 131.54 3.23
C THR A 597 56.42 130.30 2.64
N GLN A 598 56.34 129.21 3.40
CA GLN A 598 55.48 128.06 3.09
C GLN A 598 54.18 128.23 3.89
N TYR A 599 53.03 127.88 3.30
CA TYR A 599 51.70 127.99 3.95
C TYR A 599 51.14 126.57 4.09
N SER A 600 50.31 126.36 5.10
CA SER A 600 49.69 125.05 5.45
C SER A 600 48.70 124.64 4.37
N ASP A 601 48.08 125.57 3.66
CA ASP A 601 47.00 125.23 2.69
C ASP A 601 46.78 126.36 1.70
N ASN A 602 45.81 126.20 0.80
CA ASN A 602 45.54 127.10 -0.37
C ASN A 602 44.81 128.39 0.02
N SER A 603 44.61 128.65 1.32
CA SER A 603 44.02 129.92 1.82
C SER A 603 45.18 130.92 2.00
N PHE A 604 46.42 130.43 2.16
CA PHE A 604 47.65 131.25 2.36
C PHE A 604 47.50 132.16 3.59
N GLN A 605 46.84 131.71 4.66
CA GLN A 605 46.61 132.55 5.87
C GLN A 605 47.71 132.23 6.88
N GLN A 606 47.76 130.98 7.37
CA GLN A 606 48.75 130.52 8.37
C GLN A 606 50.05 130.17 7.65
N ALA A 607 51.06 131.04 7.79
CA ALA A 607 52.49 130.68 7.57
C ALA A 607 52.80 129.45 8.41
N SER A 608 53.30 128.37 7.82
CA SER A 608 53.87 127.22 8.58
C SER A 608 55.39 127.41 8.77
N LYS A 609 56.11 127.92 7.76
CA LYS A 609 57.60 128.05 7.72
C LYS A 609 57.96 129.34 6.98
N THR A 610 59.08 129.98 7.31
CA THR A 610 59.66 131.15 6.60
C THR A 610 61.18 130.98 6.54
N ASN A 611 61.83 131.49 5.50
CA ASN A 611 63.31 131.50 5.41
C ASN A 611 63.72 132.57 4.40
N ALA A 612 64.89 133.16 4.58
CA ALA A 612 65.45 134.17 3.66
C ALA A 612 65.97 133.46 2.39
N ILE A 613 66.01 134.17 1.29
CA ILE A 613 66.50 133.64 -0.01
C ILE A 613 67.15 134.81 -0.73
N THR A 614 68.25 134.55 -1.44
CA THR A 614 69.06 135.56 -2.14
C THR A 614 68.98 135.34 -3.64
N SER A 615 69.38 136.32 -4.42
CA SER A 615 69.39 136.26 -5.90
C SER A 615 70.27 135.11 -6.38
N THR A 616 71.17 134.58 -5.54
CA THR A 616 72.14 133.52 -5.95
C THR A 616 71.70 132.15 -5.45
N ASP A 617 70.67 132.08 -4.60
CA ASP A 617 70.10 130.79 -4.15
C ASP A 617 69.29 130.12 -5.28
N LEU A 618 69.26 128.80 -5.25
CA LEU A 618 68.25 127.95 -5.90
C LEU A 618 67.72 127.01 -4.83
N GLN A 619 66.58 127.34 -4.24
CA GLN A 619 66.06 126.60 -3.05
C GLN A 619 65.18 125.42 -3.54
N ALA A 620 65.52 124.23 -3.09
CA ALA A 620 64.72 123.00 -3.28
C ALA A 620 63.36 123.18 -2.58
N LEU A 621 62.25 122.92 -3.29
CA LEU A 621 60.89 123.00 -2.72
C LEU A 621 60.22 121.63 -2.81
N ALA A 622 59.49 121.27 -1.78
CA ALA A 622 58.52 120.16 -1.80
C ALA A 622 57.25 120.69 -2.43
N PRO A 623 56.38 119.83 -2.99
CA PRO A 623 55.02 120.25 -3.32
C PRO A 623 54.44 120.99 -2.12
N GLY A 624 53.73 122.08 -2.38
CA GLY A 624 53.22 122.93 -1.28
C GLY A 624 52.83 124.31 -1.75
N TYR A 625 52.35 125.12 -0.81
CA TYR A 625 51.83 126.48 -0.98
C TYR A 625 52.89 127.45 -0.46
N TYR A 626 53.25 128.45 -1.24
CA TYR A 626 54.40 129.34 -0.91
C TYR A 626 54.09 130.79 -1.27
N GLY A 627 54.85 131.69 -0.68
CA GLY A 627 54.81 133.13 -0.99
C GLY A 627 56.21 133.70 -1.07
N ILE A 628 56.39 134.68 -1.94
CA ILE A 628 57.72 135.35 -2.06
C ILE A 628 57.53 136.85 -1.91
N GLN A 629 58.31 137.44 -1.03
CA GLN A 629 58.17 138.87 -0.67
C GLN A 629 59.56 139.50 -0.52
N GLU A 630 59.74 140.65 -1.16
CA GLU A 630 60.80 141.62 -0.85
C GLU A 630 60.47 142.22 0.51
N ALA A 631 61.34 142.06 1.49
CA ALA A 631 61.26 142.71 2.83
C ALA A 631 62.15 143.99 2.88
N ALA A 632 63.18 144.06 2.04
CA ALA A 632 64.07 145.24 1.94
C ALA A 632 64.66 145.31 0.54
N ALA A 633 64.63 146.51 -0.02
CA ALA A 633 65.07 146.82 -1.40
C ALA A 633 66.58 146.85 -1.44
N PRO A 634 67.21 146.74 -2.64
CA PRO A 634 68.64 147.04 -2.76
C PRO A 634 68.88 148.53 -2.47
N THR A 635 70.00 148.87 -1.81
CA THR A 635 70.38 150.28 -1.45
C THR A 635 70.14 151.17 -2.68
N GLY A 636 69.31 152.20 -2.49
CA GLY A 636 69.02 153.21 -3.52
C GLY A 636 67.75 152.93 -4.31
N TYR A 637 66.97 151.90 -3.93
CA TYR A 637 65.71 151.52 -4.64
C TYR A 637 64.54 151.51 -3.66
N GLN A 638 63.32 151.62 -4.18
CA GLN A 638 62.06 151.65 -3.39
C GLN A 638 61.65 150.22 -3.05
N LEU A 639 61.11 150.04 -1.86
CA LEU A 639 60.55 148.76 -1.37
C LEU A 639 59.19 148.56 -2.03
N ASP A 640 59.06 147.49 -2.84
CA ASP A 640 57.77 146.91 -3.28
C ASP A 640 57.60 145.62 -2.46
N GLY A 641 56.74 145.69 -1.44
CA GLY A 641 56.49 144.64 -0.45
C GLY A 641 55.39 143.66 -0.84
N THR A 642 54.93 143.68 -2.09
CA THR A 642 54.00 142.66 -2.64
C THR A 642 54.55 141.25 -2.40
N THR A 643 53.67 140.41 -1.90
CA THR A 643 53.81 138.96 -1.67
C THR A 643 53.10 138.21 -2.80
N TYR A 644 53.87 137.62 -3.71
CA TYR A 644 53.37 136.74 -4.79
C TYR A 644 53.22 135.31 -4.26
N LEU A 645 52.09 134.70 -4.55
CA LEU A 645 51.63 133.40 -3.97
C LEU A 645 51.66 132.35 -5.08
N PHE A 646 52.24 131.19 -4.81
CA PHE A 646 52.35 130.13 -5.84
C PHE A 646 52.25 128.77 -5.17
N GLN A 647 52.10 127.75 -5.99
CA GLN A 647 51.95 126.34 -5.56
C GLN A 647 52.76 125.47 -6.52
N LEU A 648 53.51 124.54 -5.95
CA LEU A 648 54.00 123.32 -6.61
C LEU A 648 53.04 122.20 -6.25
N THR A 649 52.29 121.70 -7.25
CA THR A 649 51.33 120.58 -7.09
C THR A 649 52.14 119.29 -6.92
N SER A 650 51.46 118.21 -6.55
CA SER A 650 52.05 116.87 -6.24
C SER A 650 52.60 116.25 -7.53
N ASP A 651 52.08 116.63 -8.69
CA ASP A 651 52.50 116.17 -10.05
C ASP A 651 53.54 117.11 -10.66
N GLY A 652 54.01 118.15 -9.94
CA GLY A 652 55.05 119.07 -10.40
C GLY A 652 54.59 120.17 -11.36
N GLN A 653 53.32 120.58 -11.30
CA GLN A 653 52.78 121.75 -12.03
C GLN A 653 52.98 122.96 -11.12
N TRP A 654 53.17 124.12 -11.73
CA TRP A 654 53.25 125.41 -11.00
C TRP A 654 51.94 126.19 -11.16
N GLN A 655 51.41 126.76 -10.08
CA GLN A 655 50.17 127.58 -10.17
C GLN A 655 50.45 128.92 -9.51
N TYR A 656 49.88 129.98 -10.09
CA TYR A 656 49.92 131.36 -9.55
C TYR A 656 48.63 131.52 -8.73
N HIS A 657 48.76 131.94 -7.47
CA HIS A 657 47.62 132.15 -6.53
C HIS A 657 47.45 133.63 -6.17
N GLY A 658 47.98 134.56 -6.97
CA GLY A 658 47.83 136.01 -6.81
C GLY A 658 48.76 136.59 -5.78
N THR A 659 48.30 137.60 -5.03
CA THR A 659 49.08 138.30 -3.97
C THR A 659 48.38 138.09 -2.62
N LYS A 660 49.00 138.49 -1.51
CA LYS A 660 48.45 138.32 -0.15
C LYS A 660 47.21 139.21 0.00
N ASP A 661 47.22 140.35 -0.69
CA ASP A 661 46.08 141.28 -0.87
C ASP A 661 44.94 140.62 -1.69
N ASN A 662 45.23 139.65 -2.57
CA ASN A 662 44.28 139.13 -3.58
C ASN A 662 44.51 137.64 -3.89
N VAL A 663 44.00 136.76 -3.02
CA VAL A 663 44.28 135.31 -3.09
C VAL A 663 43.34 134.65 -4.11
N THR A 664 43.87 133.95 -5.12
CA THR A 664 43.05 133.24 -6.15
C THR A 664 43.05 131.74 -5.82
N SER A 665 42.15 131.01 -6.48
CA SER A 665 42.05 129.54 -6.41
C SER A 665 43.19 128.91 -7.22
N GLY A 666 43.96 129.72 -7.95
CA GLY A 666 45.13 129.26 -8.69
C GLY A 666 44.82 129.10 -10.15
N SER A 667 45.69 129.65 -10.99
CA SER A 667 45.81 129.40 -12.44
C SER A 667 47.13 128.67 -12.72
N VAL A 668 47.12 127.76 -13.69
CA VAL A 668 48.33 127.04 -14.15
C VAL A 668 49.30 128.07 -14.74
N ILE A 669 50.55 128.02 -14.28
CA ILE A 669 51.62 128.83 -14.92
C ILE A 669 52.08 128.06 -16.16
N ASN A 670 51.77 128.61 -17.33
CA ASN A 670 52.15 127.97 -18.59
C ASN A 670 53.34 128.74 -19.16
N GLY A 671 54.56 128.27 -18.88
CA GLY A 671 55.78 128.96 -19.33
C GLY A 671 55.96 130.28 -18.60
N GLN A 672 55.08 131.25 -18.83
CA GLN A 672 55.22 132.65 -18.35
C GLN A 672 53.91 133.07 -17.72
N GLN A 673 53.99 133.78 -16.61
CA GLN A 673 52.84 134.46 -15.99
C GLN A 673 53.25 135.89 -15.65
N THR A 674 52.63 136.88 -16.28
CA THR A 674 52.84 138.31 -16.00
C THR A 674 52.22 138.63 -14.63
N LEU A 675 52.93 139.42 -13.84
CA LEU A 675 52.49 139.79 -12.48
C LEU A 675 52.23 141.31 -12.44
N ASN A 676 52.38 141.96 -11.30
CA ASN A 676 52.00 143.37 -11.06
C ASN A 676 53.03 144.26 -11.71
N PRO A 677 52.59 145.42 -12.25
CA PRO A 677 53.51 146.40 -12.81
C PRO A 677 54.32 147.13 -11.73
N VAL A 678 55.61 147.34 -12.01
CA VAL A 678 56.56 148.15 -11.20
C VAL A 678 57.07 149.23 -12.15
N GLY A 679 56.64 150.49 -11.91
CA GLY A 679 56.80 151.62 -12.86
C GLY A 679 56.34 151.19 -14.24
N ASP A 680 57.29 151.17 -15.17
CA ASP A 680 57.13 150.94 -16.63
C ASP A 680 57.16 149.44 -16.96
N LYS A 681 57.76 148.64 -16.06
CA LYS A 681 58.03 147.18 -16.26
C LYS A 681 56.98 146.36 -15.49
N SER A 682 57.06 145.05 -15.66
CA SER A 682 56.17 144.08 -14.99
C SER A 682 57.05 142.99 -14.37
N ASP A 683 56.72 142.59 -13.14
CA ASP A 683 57.23 141.36 -12.49
C ASP A 683 56.68 140.16 -13.28
N ASP A 684 57.40 139.06 -13.28
CA ASP A 684 57.05 137.87 -14.07
C ASP A 684 57.36 136.59 -13.25
N PHE A 685 56.54 135.55 -13.40
CA PHE A 685 56.96 134.15 -13.11
C PHE A 685 57.31 133.51 -14.45
N THR A 686 58.43 132.79 -14.50
CA THR A 686 58.74 131.90 -15.64
C THR A 686 59.03 130.52 -15.10
N VAL A 687 58.60 129.53 -15.85
CA VAL A 687 58.96 128.12 -15.62
C VAL A 687 60.25 127.82 -16.37
N THR A 688 61.21 127.19 -15.71
CA THR A 688 62.65 127.20 -15.99
C THR A 688 63.17 125.79 -15.79
N GLY A 689 64.23 125.42 -16.51
CA GLY A 689 64.83 124.08 -16.41
C GLY A 689 64.38 123.17 -17.52
N ASP A 690 65.22 122.17 -17.77
CA ASP A 690 65.08 121.16 -18.85
C ASP A 690 63.78 120.40 -18.58
N HIS A 691 63.33 120.28 -17.33
CA HIS A 691 62.05 119.56 -17.00
C HIS A 691 61.04 120.48 -16.28
N GLN A 692 61.07 121.77 -16.55
CA GLN A 692 60.06 122.71 -16.02
C GLN A 692 60.03 122.62 -14.50
N GLN A 693 61.20 122.35 -13.89
CA GLN A 693 61.34 122.02 -12.46
C GLN A 693 61.63 123.28 -11.60
N ILE A 694 61.89 124.43 -12.18
CA ILE A 694 62.23 125.67 -11.41
C ILE A 694 61.22 126.76 -11.71
N LEU A 695 60.75 127.45 -10.68
CA LEU A 695 59.93 128.67 -10.85
C LEU A 695 60.87 129.80 -10.59
N THR A 696 61.03 130.69 -11.56
CA THR A 696 61.87 131.91 -11.45
C THR A 696 60.96 133.14 -11.36
N LEU A 697 61.05 133.89 -10.25
CA LEU A 697 60.48 135.24 -10.11
C LEU A 697 61.47 136.23 -10.72
N THR A 698 61.03 137.07 -11.66
CA THR A 698 61.76 138.30 -12.05
C THR A 698 61.10 139.45 -11.29
N LYS A 699 61.86 140.07 -10.38
CA LYS A 699 61.35 141.20 -9.58
C LYS A 699 62.03 142.49 -10.03
N TYR A 700 61.25 143.52 -10.31
CA TYR A 700 61.75 144.87 -10.71
C TYR A 700 61.78 145.71 -9.44
N ASP A 701 62.75 146.62 -9.36
CA ASP A 701 62.89 147.63 -8.29
C ASP A 701 62.93 149.00 -8.98
N GLU A 702 62.06 149.93 -8.54
CA GLU A 702 62.08 151.38 -8.91
C GLU A 702 63.17 152.09 -8.12
N PRO A 703 64.01 152.95 -8.75
CA PRO A 703 64.96 153.76 -8.00
C PRO A 703 64.28 154.81 -7.10
N LYS A 704 64.98 155.18 -6.02
CA LYS A 704 64.67 156.35 -5.16
C LYS A 704 65.15 157.61 -5.89
N PRO A 705 64.56 158.79 -5.57
CA PRO A 705 65.05 160.06 -6.14
C PRO A 705 66.55 160.21 -5.92
N SER A 706 67.25 160.77 -6.90
CA SER A 706 68.69 161.08 -6.80
C SER A 706 68.89 162.61 -6.72
N MET A 707 70.14 163.03 -6.53
CA MET A 707 70.57 164.43 -6.31
C MET A 707 71.66 164.75 -7.33
N THR A 708 71.69 166.00 -7.82
CA THR A 708 72.73 166.53 -8.74
C THR A 708 73.65 167.46 -7.94
N LEU A 709 74.94 167.47 -8.30
CA LEU A 709 75.96 168.41 -7.77
C LEU A 709 76.39 169.37 -8.87
N ARG A 710 76.22 170.68 -8.64
CA ARG A 710 76.59 171.77 -9.58
C ARG A 710 77.75 172.57 -8.97
N VAL A 711 78.73 172.99 -9.78
CA VAL A 711 79.75 173.99 -9.37
C VAL A 711 79.54 175.27 -10.20
N ILE A 712 79.45 176.40 -9.51
CA ILE A 712 79.66 177.78 -10.04
C ILE A 712 81.06 178.24 -9.58
N LYS A 713 81.91 178.69 -10.54
CA LYS A 713 83.22 179.33 -10.26
C LYS A 713 83.13 180.85 -10.48
N GLN A 714 83.83 181.63 -9.65
CA GLN A 714 83.98 183.11 -9.73
C GLN A 714 85.41 183.56 -9.39
N ASP A 715 85.73 184.81 -9.74
CA ASP A 715 86.94 185.62 -9.42
C ASP A 715 86.93 186.08 -7.95
N ASN A 716 87.95 186.86 -7.56
CA ASN A 716 87.97 187.72 -6.34
C ASN A 716 86.94 188.85 -6.54
N GLN A 717 86.65 189.19 -7.80
CA GLN A 717 85.87 190.39 -8.23
C GLN A 717 84.45 190.01 -8.68
N SER A 718 83.90 188.85 -8.27
CA SER A 718 82.49 188.41 -8.55
C SER A 718 82.19 188.37 -10.05
N GLN A 719 82.99 187.63 -10.85
CA GLN A 719 82.78 187.41 -12.31
C GLN A 719 83.03 185.92 -12.61
N TYR A 720 82.09 185.27 -13.32
CA TYR A 720 82.08 183.80 -13.57
C TYR A 720 83.38 183.39 -14.28
N LEU A 721 84.13 182.50 -13.63
CA LEU A 721 85.51 182.06 -14.00
C LEU A 721 85.39 180.68 -14.67
N ALA A 722 86.02 180.50 -15.84
CA ALA A 722 85.95 179.26 -16.67
C ALA A 722 87.24 178.42 -16.50
N GLY A 723 87.14 177.12 -16.80
CA GLY A 723 88.28 176.18 -16.86
C GLY A 723 88.93 175.90 -15.51
N ALA A 724 88.14 175.72 -14.44
CA ALA A 724 88.57 175.15 -13.13
C ALA A 724 88.05 173.70 -13.05
N ALA A 725 88.96 172.72 -12.93
CA ALA A 725 88.65 171.28 -12.92
C ALA A 725 88.39 170.81 -11.46
N PHE A 726 87.18 170.32 -11.19
CA PHE A 726 86.76 169.69 -9.91
C PHE A 726 86.48 168.20 -10.15
N THR A 727 86.81 167.36 -9.16
CA THR A 727 86.64 165.89 -9.23
C THR A 727 85.70 165.42 -8.10
N LEU A 728 84.72 164.58 -8.45
CA LEU A 728 83.81 163.89 -7.51
C LEU A 728 84.28 162.42 -7.38
N GLN A 729 84.57 161.99 -6.16
CA GLN A 729 84.95 160.59 -5.85
C GLN A 729 83.84 159.92 -5.03
N PRO A 730 82.97 159.06 -5.64
CA PRO A 730 82.12 158.15 -4.86
C PRO A 730 82.94 157.22 -3.95
N SER A 731 82.49 157.03 -2.71
CA SER A 731 83.01 156.00 -1.77
C SER A 731 82.91 154.60 -2.41
N ALA A 732 81.95 154.42 -3.34
CA ALA A 732 81.85 153.27 -4.28
C ALA A 732 81.50 153.80 -5.68
N GLY A 733 82.43 153.65 -6.61
CA GLY A 733 82.27 154.00 -8.03
C GLY A 733 83.43 154.86 -8.51
N GLU A 734 83.43 155.17 -9.81
CA GLU A 734 84.53 155.92 -10.49
C GLU A 734 84.46 157.41 -10.15
N ALA A 735 85.64 158.06 -10.14
CA ALA A 735 85.83 159.53 -10.12
C ALA A 735 85.34 160.14 -11.45
N GLU A 736 84.79 161.37 -11.40
CA GLU A 736 84.38 162.17 -12.59
C GLU A 736 84.87 163.62 -12.37
N THR A 737 85.35 164.25 -13.44
CA THR A 737 86.02 165.59 -13.45
C THR A 737 85.21 166.54 -14.35
N ILE A 738 84.70 167.66 -13.80
CA ILE A 738 84.06 168.75 -14.60
C ILE A 738 84.99 169.97 -14.60
N THR A 739 85.04 170.75 -15.70
CA THR A 739 85.69 172.10 -15.75
C THR A 739 84.60 173.19 -15.75
N SER A 740 84.72 174.15 -14.83
CA SER A 740 83.77 175.26 -14.55
C SER A 740 83.43 176.05 -15.82
N SER A 741 82.29 176.72 -15.82
CA SER A 741 81.81 177.56 -16.95
C SER A 741 81.69 179.02 -16.50
N ALA A 742 82.00 179.95 -17.41
CA ALA A 742 81.87 181.41 -17.17
C ALA A 742 80.42 181.83 -17.42
N THR A 743 79.51 181.27 -16.63
CA THR A 743 78.02 181.49 -16.68
C THR A 743 77.45 181.31 -15.27
N SER A 744 76.29 181.95 -15.02
CA SER A 744 75.51 181.87 -13.75
C SER A 744 74.95 180.44 -13.58
N GLU A 745 74.63 179.76 -14.69
CA GLU A 745 74.02 178.39 -14.71
C GLU A 745 75.04 177.38 -14.15
N GLY A 746 76.33 177.52 -14.50
CA GLY A 746 77.40 176.64 -13.98
C GLY A 746 77.43 175.29 -14.69
N GLN A 747 78.11 174.30 -14.11
CA GLN A 747 78.26 172.93 -14.68
C GLN A 747 77.87 171.87 -13.63
N ALA A 748 77.00 170.93 -14.02
CA ALA A 748 76.62 169.73 -13.22
C ALA A 748 77.63 168.61 -13.45
N PHE A 749 77.88 167.77 -12.44
CA PHE A 749 78.44 166.41 -12.60
C PHE A 749 77.39 165.56 -13.30
N ALA A 750 77.83 164.61 -14.13
CA ALA A 750 76.96 163.60 -14.78
C ALA A 750 76.52 162.56 -13.73
N THR A 751 77.46 162.15 -12.86
CA THR A 751 77.26 161.19 -11.74
C THR A 751 76.14 161.72 -10.84
N LYS A 752 75.04 160.97 -10.75
CA LYS A 752 73.91 161.26 -9.82
C LYS A 752 74.29 160.71 -8.45
N LEU A 753 74.00 161.48 -7.39
CA LEU A 753 74.27 161.13 -5.97
C LEU A 753 73.03 160.42 -5.40
N VAL A 754 73.08 159.08 -5.39
CA VAL A 754 71.93 158.20 -5.03
C VAL A 754 71.90 158.06 -3.51
N ALA A 755 70.77 157.63 -2.99
CA ALA A 755 70.47 157.49 -1.55
C ALA A 755 71.56 156.67 -0.82
N ASP A 756 71.97 157.14 0.37
CA ASP A 756 72.92 156.51 1.32
C ASP A 756 74.38 156.65 0.83
N GLY A 757 74.59 157.02 -0.44
CA GLY A 757 75.91 157.19 -1.07
C GLY A 757 76.78 158.22 -0.36
N THR A 758 78.08 157.95 -0.33
CA THR A 758 79.08 158.85 0.29
C THR A 758 80.03 159.31 -0.82
N TYR A 759 80.17 160.62 -0.97
CA TYR A 759 80.90 161.30 -2.08
C TYR A 759 81.87 162.29 -1.43
N THR A 760 82.93 162.61 -2.14
CA THR A 760 83.90 163.65 -1.73
C THR A 760 84.25 164.40 -3.01
N MET A 761 84.32 165.73 -2.95
CA MET A 761 84.70 166.57 -4.10
C MET A 761 85.82 167.52 -3.69
N SER A 762 86.71 167.80 -4.65
CA SER A 762 87.90 168.67 -4.53
C SER A 762 88.21 169.29 -5.90
N GLU A 763 88.83 170.48 -5.90
CA GLU A 763 89.34 171.15 -7.12
C GLU A 763 90.71 170.55 -7.49
N THR A 764 90.78 169.69 -8.50
CA THR A 764 92.03 169.04 -9.01
C THR A 764 92.97 170.09 -9.65
N LYS A 765 92.55 170.71 -10.77
CA LYS A 765 93.31 171.81 -11.45
C LYS A 765 92.61 173.15 -11.16
N ALA A 766 93.36 174.16 -10.72
CA ALA A 766 92.89 175.56 -10.56
C ALA A 766 92.98 176.26 -11.90
N PRO A 767 92.18 177.33 -12.18
CA PRO A 767 92.26 178.05 -13.45
C PRO A 767 93.60 178.83 -13.54
N ASP A 768 94.27 178.82 -14.71
CA ASP A 768 95.55 179.55 -14.93
C ASP A 768 95.37 180.98 -14.39
N GLY A 769 96.25 181.42 -13.47
CA GLY A 769 96.23 182.77 -12.87
C GLY A 769 95.81 182.82 -11.41
N TYR A 770 95.06 181.82 -10.91
CA TYR A 770 94.51 181.76 -9.52
C TYR A 770 95.16 180.59 -8.77
N GLN A 771 95.19 180.68 -7.43
CA GLN A 771 95.80 179.69 -6.49
C GLN A 771 94.87 178.46 -6.37
N SER A 772 95.43 177.30 -5.98
CA SER A 772 94.69 176.01 -5.81
C SER A 772 94.06 175.94 -4.41
N ASN A 773 92.85 175.37 -4.31
CA ASN A 773 92.08 175.17 -3.05
C ASN A 773 92.05 173.68 -2.75
N PRO A 774 92.82 173.18 -1.74
CA PRO A 774 92.96 171.74 -1.52
C PRO A 774 91.93 171.19 -0.51
N ALA A 775 90.83 171.92 -0.26
CA ALA A 775 89.74 171.52 0.69
C ALA A 775 89.01 170.26 0.18
N LYS A 776 88.72 169.30 1.07
CA LYS A 776 87.96 168.05 0.77
C LYS A 776 86.51 168.25 1.25
N ILE A 777 85.54 168.33 0.31
CA ILE A 777 84.08 168.50 0.58
C ILE A 777 83.44 167.12 0.58
N ALA A 778 82.78 166.76 1.69
CA ALA A 778 82.15 165.44 1.91
C ALA A 778 80.61 165.58 1.86
N ILE A 779 79.98 164.76 1.01
CA ILE A 779 78.50 164.67 0.82
C ILE A 779 78.05 163.25 1.20
N GLN A 780 77.33 163.14 2.32
CA GLN A 780 76.54 161.97 2.73
C GLN A 780 75.09 162.22 2.29
N VAL A 781 74.65 161.60 1.18
CA VAL A 781 73.24 161.60 0.72
C VAL A 781 72.46 160.71 1.68
N ALA A 782 71.31 161.20 2.13
CA ALA A 782 70.43 160.49 3.10
C ALA A 782 69.79 159.28 2.40
N THR A 783 69.25 158.39 3.22
CA THR A 783 68.55 157.14 2.83
C THR A 783 67.39 157.46 1.87
N THR A 784 66.72 158.60 2.01
CA THR A 784 65.54 159.01 1.21
C THR A 784 65.98 159.44 -0.20
N GLY A 785 67.26 159.82 -0.36
CA GLY A 785 67.82 160.34 -1.62
C GLY A 785 67.32 161.74 -1.96
N LYS A 786 66.76 162.50 -1.01
CA LYS A 786 66.07 163.81 -1.23
C LYS A 786 66.87 164.94 -0.59
N GLU A 787 67.53 164.67 0.55
CA GLU A 787 68.33 165.64 1.35
C GLU A 787 69.77 165.10 1.44
N ALA A 788 70.71 165.94 1.88
CA ALA A 788 72.14 165.60 2.02
C ALA A 788 72.81 166.48 3.06
N THR A 789 73.78 165.90 3.78
CA THR A 789 74.68 166.54 4.78
C THR A 789 76.02 166.80 4.06
N VAL A 790 76.54 168.02 4.16
CA VAL A 790 77.85 168.42 3.52
C VAL A 790 78.80 168.89 4.63
N THR A 791 80.04 168.39 4.59
CA THR A 791 81.17 168.88 5.43
C THR A 791 82.27 169.41 4.51
N ILE A 792 82.85 170.58 4.82
CA ILE A 792 84.13 171.09 4.23
C ILE A 792 85.25 170.84 5.28
N ASP A 793 86.29 170.06 4.93
CA ASP A 793 87.46 169.75 5.80
C ASP A 793 87.01 168.96 7.05
N GLY A 794 86.05 168.04 6.91
CA GLY A 794 85.51 167.24 8.02
C GLY A 794 84.74 168.10 9.04
N GLU A 795 84.47 169.38 8.75
CA GLU A 795 83.64 170.29 9.61
C GLU A 795 82.29 170.55 8.91
N ALA A 796 81.21 170.61 9.70
CA ALA A 796 79.81 170.85 9.23
C ALA A 796 79.75 172.13 8.37
N LEU A 797 78.97 172.07 7.30
CA LEU A 797 78.69 173.21 6.38
C LEU A 797 77.18 173.24 6.07
N LYS A 798 76.41 174.08 6.78
CA LYS A 798 74.93 174.22 6.57
C LYS A 798 74.67 175.00 5.29
N PRO A 799 73.48 174.82 4.67
CA PRO A 799 73.06 175.65 3.53
C PRO A 799 73.12 177.16 3.86
N GLY A 800 73.62 177.98 2.94
CA GLY A 800 73.70 179.45 3.09
C GLY A 800 75.05 179.93 3.64
N GLU A 801 75.84 179.02 4.24
CA GLU A 801 77.15 179.34 4.87
C GLU A 801 78.28 178.97 3.89
N SER A 802 79.52 179.38 4.21
CA SER A 802 80.74 179.25 3.36
C SER A 802 81.95 178.85 4.23
N LYS A 803 82.96 178.22 3.64
CA LYS A 803 84.24 177.85 4.32
C LYS A 803 85.26 177.46 3.24
N ASN A 804 86.51 177.91 3.41
CA ASN A 804 87.67 177.58 2.53
C ASN A 804 87.28 177.84 1.07
N GLY A 805 86.62 178.99 0.80
CA GLY A 805 86.34 179.50 -0.55
C GLY A 805 85.01 179.00 -1.12
N TYR A 806 84.35 178.06 -0.45
CA TYR A 806 83.13 177.36 -0.95
C TYR A 806 81.91 177.86 -0.19
N THR A 807 80.82 178.14 -0.92
CA THR A 807 79.49 178.50 -0.37
C THR A 807 78.49 177.40 -0.78
N LEU A 808 77.72 176.86 0.17
CA LEU A 808 76.71 175.78 -0.07
C LEU A 808 75.31 176.40 -0.15
N ALA A 809 74.65 176.22 -1.30
CA ALA A 809 73.20 176.40 -1.51
C ALA A 809 72.59 175.03 -1.88
N ILE A 810 71.50 174.62 -1.22
CA ILE A 810 70.76 173.36 -1.53
C ILE A 810 69.35 173.75 -1.98
N ASP A 811 68.99 173.39 -3.21
CA ASP A 811 67.70 173.76 -3.87
C ASP A 811 66.97 172.45 -4.21
N GLY A 812 66.21 171.91 -3.25
CA GLY A 812 65.59 170.57 -3.35
C GLY A 812 66.63 169.49 -3.62
N SER A 813 66.61 168.89 -4.82
CA SER A 813 67.48 167.75 -5.23
C SER A 813 68.81 168.24 -5.82
N THR A 814 68.98 169.54 -6.07
CA THR A 814 70.23 170.11 -6.62
C THR A 814 71.05 170.69 -5.47
N ILE A 815 72.26 170.18 -5.26
CA ILE A 815 73.32 170.79 -4.39
C ILE A 815 74.18 171.71 -5.27
N THR A 816 74.34 172.96 -4.86
CA THR A 816 75.18 173.96 -5.57
C THR A 816 76.32 174.34 -4.62
N LEU A 817 77.55 174.11 -5.05
CA LEU A 817 78.78 174.66 -4.41
C LEU A 817 79.24 175.87 -5.23
N GLN A 818 79.27 177.06 -4.62
CA GLN A 818 79.84 178.29 -5.21
C GLN A 818 81.25 178.42 -4.67
N ALA A 819 82.24 178.30 -5.56
CA ALA A 819 83.69 178.42 -5.26
C ALA A 819 84.20 179.76 -5.80
N ILE A 820 84.78 180.60 -4.91
CA ILE A 820 85.46 181.88 -5.26
C ILE A 820 86.97 181.58 -5.34
N ASN A 821 87.62 182.02 -6.42
CA ASN A 821 89.07 181.79 -6.72
C ASN A 821 89.88 183.06 -6.47
N GLN A 822 91.06 182.90 -5.84
CA GLN A 822 92.01 184.00 -5.45
C GLN A 822 93.15 184.06 -6.46
N PRO A 823 93.54 185.28 -6.91
CA PRO A 823 94.67 185.43 -7.83
C PRO A 823 95.99 184.89 -7.25
N LEU A 824 96.86 184.33 -8.11
CA LEU A 824 98.32 184.11 -7.83
C LEU A 824 99.00 185.44 -7.44
N ASP B 9 -90.17 -91.21 19.93
CA ASP B 9 -90.39 -89.91 19.20
C ASP B 9 -90.12 -88.72 20.14
N ASN B 10 -90.48 -88.82 21.42
CA ASN B 10 -90.52 -87.72 22.43
C ASN B 10 -89.09 -87.34 22.88
N ILE B 11 -88.16 -88.27 22.70
CA ILE B 11 -86.79 -88.32 23.29
C ILE B 11 -85.81 -88.82 22.19
N ARG B 12 -86.23 -88.78 20.94
CA ARG B 12 -85.33 -88.93 19.77
C ARG B 12 -84.78 -87.52 19.54
N PRO B 13 -83.46 -87.32 19.65
CA PRO B 13 -82.89 -86.00 19.44
C PRO B 13 -83.22 -85.49 18.04
N THR B 14 -83.52 -84.20 17.93
CA THR B 14 -83.65 -83.44 16.66
C THR B 14 -82.59 -82.37 16.65
N TYR B 15 -82.19 -81.95 15.46
CA TYR B 15 -81.11 -80.98 15.21
C TYR B 15 -81.69 -79.88 14.34
N GLN B 16 -81.18 -78.65 14.50
CA GLN B 16 -81.43 -77.51 13.59
C GLN B 16 -80.24 -77.45 12.65
N THR B 17 -80.51 -77.15 11.38
CA THR B 17 -79.48 -76.95 10.34
C THR B 17 -79.74 -75.59 9.73
N ASP B 18 -78.84 -74.61 9.96
CA ASP B 18 -79.08 -73.19 9.65
C ASP B 18 -77.71 -72.51 9.41
N ALA B 19 -77.66 -71.21 9.46
CA ALA B 19 -76.43 -70.47 9.12
C ALA B 19 -75.31 -70.86 10.10
N ASN B 20 -75.68 -71.12 11.36
CA ASN B 20 -74.77 -71.49 12.46
C ASN B 20 -74.26 -72.92 12.31
N GLY B 21 -74.77 -73.70 11.35
CA GLY B 21 -74.40 -75.11 11.12
C GLY B 21 -75.49 -76.09 11.60
N THR B 22 -75.10 -77.29 12.02
CA THR B 22 -76.01 -78.33 12.52
C THR B 22 -75.70 -78.62 14.00
N TYR B 23 -76.68 -78.48 14.87
CA TYR B 23 -76.54 -78.64 16.32
C TYR B 23 -77.87 -79.11 16.93
N PRO B 24 -77.86 -79.68 18.14
CA PRO B 24 -79.08 -80.14 18.75
C PRO B 24 -80.06 -79.00 19.01
N THR B 25 -81.32 -79.20 18.64
CA THR B 25 -82.48 -78.31 18.95
C THR B 25 -82.47 -78.01 20.44
N ASN B 26 -82.36 -79.03 21.28
CA ASN B 26 -82.37 -78.88 22.77
C ASN B 26 -80.98 -79.23 23.31
N SER B 27 -80.21 -78.18 23.62
CA SER B 27 -78.76 -78.28 23.77
C SER B 27 -78.34 -77.91 25.17
N TRP B 28 -77.11 -78.30 25.51
CA TRP B 28 -76.45 -77.70 26.69
C TRP B 28 -75.03 -77.36 26.31
N GLN B 29 -74.48 -76.45 27.08
CA GLN B 29 -73.10 -75.94 26.95
C GLN B 29 -72.30 -76.56 28.08
N VAL B 30 -71.10 -77.00 27.76
CA VAL B 30 -70.06 -77.30 28.77
C VAL B 30 -69.55 -75.99 29.31
N THR B 31 -69.76 -75.71 30.58
CA THR B 31 -69.48 -74.35 31.15
C THR B 31 -68.15 -73.80 30.64
N GLY B 32 -68.19 -72.65 29.97
CA GLY B 32 -67.01 -71.84 29.59
C GLY B 32 -66.40 -72.28 28.29
N GLN B 33 -66.94 -73.30 27.60
CA GLN B 33 -66.36 -73.76 26.31
C GLN B 33 -67.24 -73.31 25.15
N GLN B 34 -66.66 -72.71 24.15
CA GLN B 34 -67.44 -71.96 23.16
C GLN B 34 -67.66 -72.82 21.94
N ASN B 35 -66.86 -73.87 21.75
CA ASN B 35 -66.75 -74.60 20.46
C ASN B 35 -67.23 -76.04 20.56
N VAL B 36 -68.07 -76.32 21.53
CA VAL B 36 -68.75 -77.64 21.61
C VAL B 36 -70.18 -77.37 22.01
N ILE B 37 -71.12 -78.17 21.51
CA ILE B 37 -72.52 -78.11 21.98
C ILE B 37 -73.08 -79.55 22.03
N ASN B 38 -73.86 -79.88 23.04
CA ASN B 38 -74.29 -81.24 23.36
C ASN B 38 -75.82 -81.33 23.42
N GLN B 39 -76.37 -82.55 23.35
CA GLN B 39 -77.84 -82.83 23.36
C GLN B 39 -78.31 -82.97 24.80
N ARG B 40 -79.40 -82.29 25.15
CA ARG B 40 -79.94 -82.43 26.52
C ARG B 40 -80.49 -83.83 26.70
N GLY B 41 -80.51 -84.25 27.96
CA GLY B 41 -81.20 -85.47 28.39
C GLY B 41 -82.69 -85.26 28.40
N GLY B 42 -83.42 -86.31 28.72
CA GLY B 42 -84.88 -86.26 28.88
C GLY B 42 -85.42 -87.64 29.18
N ASP B 43 -86.74 -87.75 29.28
CA ASP B 43 -87.41 -89.04 29.59
C ASP B 43 -88.63 -89.13 28.66
N GLN B 44 -89.29 -90.29 28.61
CA GLN B 44 -90.30 -90.55 27.54
C GLN B 44 -91.63 -89.87 27.92
N VAL B 45 -91.80 -89.46 29.16
CA VAL B 45 -93.03 -88.77 29.68
C VAL B 45 -92.89 -87.26 29.49
N SER B 46 -92.02 -86.59 30.26
CA SER B 46 -91.90 -85.12 30.34
C SER B 46 -91.02 -84.52 29.22
N GLY B 47 -90.36 -85.35 28.40
CA GLY B 47 -89.43 -84.90 27.36
C GLY B 47 -88.14 -84.30 27.90
N TRP B 48 -87.64 -83.25 27.25
CA TRP B 48 -86.27 -82.73 27.44
C TRP B 48 -86.14 -82.12 28.83
N ASP B 49 -85.04 -82.43 29.50
CA ASP B 49 -84.70 -81.93 30.86
C ASP B 49 -84.37 -80.44 30.75
N ASN B 50 -84.08 -79.81 31.89
CA ASN B 50 -83.97 -78.32 31.97
C ASN B 50 -82.49 -77.89 32.10
N ASN B 51 -81.57 -78.85 32.02
CA ASN B 51 -80.12 -78.69 32.28
C ASN B 51 -79.44 -78.16 31.00
N THR B 52 -79.22 -76.85 30.92
CA THR B 52 -78.76 -76.17 29.71
C THR B 52 -77.26 -75.86 29.76
N ILE B 53 -76.62 -76.11 30.88
CA ILE B 53 -75.18 -75.84 31.04
C ILE B 53 -74.69 -76.52 32.31
N TRP B 54 -73.61 -77.28 32.21
CA TRP B 54 -72.93 -77.85 33.38
C TRP B 54 -71.48 -78.19 33.00
N ASN B 55 -70.63 -78.49 33.97
CA ASN B 55 -69.16 -78.40 33.85
C ASN B 55 -68.60 -79.55 33.01
N GLY B 56 -69.35 -80.60 32.75
CA GLY B 56 -68.91 -81.65 31.83
C GLY B 56 -67.92 -82.63 32.43
N ASP B 57 -67.88 -82.75 33.76
CA ASP B 57 -66.99 -83.76 34.39
C ASP B 57 -67.43 -85.18 33.97
N ALA B 58 -66.54 -85.94 33.33
CA ALA B 58 -66.81 -87.30 32.81
C ALA B 58 -67.28 -88.30 33.86
N THR B 59 -67.09 -88.02 35.15
CA THR B 59 -67.36 -89.02 36.23
C THR B 59 -68.82 -88.89 36.66
N ASP B 60 -69.50 -87.88 36.14
CA ASP B 60 -70.92 -87.64 36.42
C ASP B 60 -71.73 -88.82 35.87
N THR B 61 -72.71 -89.28 36.63
CA THR B 61 -73.61 -90.34 36.16
C THR B 61 -75.05 -89.92 36.38
N THR B 62 -75.35 -88.63 36.34
CA THR B 62 -76.70 -88.12 36.66
C THR B 62 -77.17 -87.11 35.60
N ASN B 63 -76.32 -86.38 34.92
CA ASN B 63 -76.75 -85.26 34.03
C ASN B 63 -76.88 -85.69 32.57
N SER B 64 -77.93 -85.22 31.91
CA SER B 64 -78.09 -85.19 30.43
C SER B 64 -78.17 -86.62 29.86
N TYR B 65 -78.74 -87.57 30.61
CA TYR B 65 -79.06 -88.92 30.09
C TYR B 65 -80.38 -88.88 29.36
N LEU B 66 -80.46 -89.61 28.25
CA LEU B 66 -81.73 -90.02 27.61
C LEU B 66 -82.21 -91.29 28.31
N LYS B 67 -83.41 -91.24 28.87
CA LYS B 67 -83.96 -92.29 29.75
C LYS B 67 -85.11 -92.98 29.05
N PHE B 68 -85.03 -94.30 28.84
CA PHE B 68 -86.07 -95.11 28.15
C PHE B 68 -86.84 -95.98 29.15
N GLY B 69 -88.16 -96.05 29.01
CA GLY B 69 -89.06 -96.77 29.91
C GLY B 69 -89.51 -95.87 31.04
N ASP B 70 -89.65 -96.40 32.24
CA ASP B 70 -90.15 -95.67 33.43
C ASP B 70 -89.11 -94.59 33.69
N PRO B 71 -89.55 -93.32 33.69
CA PRO B 71 -88.65 -92.21 34.00
C PRO B 71 -87.95 -92.39 35.33
N ASN B 72 -88.59 -93.08 36.28
CA ASN B 72 -88.11 -93.19 37.68
C ASN B 72 -87.22 -94.41 37.82
N ASN B 73 -87.28 -95.35 36.87
CA ASN B 73 -86.52 -96.62 36.90
C ASN B 73 -86.40 -97.16 35.47
N PRO B 74 -85.57 -96.51 34.63
CA PRO B 74 -85.55 -96.79 33.20
C PRO B 74 -84.92 -98.13 32.82
N ASP B 75 -85.40 -98.71 31.72
CA ASP B 75 -84.84 -99.95 31.16
C ASP B 75 -83.35 -99.73 30.88
N TYR B 76 -83.05 -98.63 30.25
CA TYR B 76 -81.66 -98.19 30.01
C TYR B 76 -81.66 -96.65 29.92
N GLN B 77 -80.53 -96.04 30.26
CA GLN B 77 -80.34 -94.61 30.02
C GLN B 77 -78.97 -94.42 29.35
N ILE B 78 -78.91 -93.55 28.33
CA ILE B 78 -77.70 -93.38 27.51
C ILE B 78 -77.33 -91.90 27.42
N ARG B 79 -76.08 -91.64 27.08
CA ARG B 79 -75.55 -90.27 27.00
C ARG B 79 -74.33 -90.34 26.14
N LYS B 80 -74.29 -89.44 25.17
CA LYS B 80 -73.12 -89.09 24.35
C LYS B 80 -72.89 -87.59 24.59
N TYR B 81 -71.67 -87.18 24.89
CA TYR B 81 -71.33 -85.74 24.92
C TYR B 81 -69.85 -85.55 24.69
N ALA B 82 -69.50 -84.36 24.25
CA ALA B 82 -68.10 -84.02 24.02
C ALA B 82 -67.74 -82.76 24.80
N LYS B 83 -66.43 -82.53 24.90
CA LYS B 83 -65.78 -81.55 25.80
C LYS B 83 -64.45 -81.19 25.13
N GLU B 84 -64.12 -79.90 25.11
CA GLU B 84 -62.85 -79.38 24.57
C GLU B 84 -61.77 -79.86 25.54
N THR B 85 -60.56 -80.14 25.03
CA THR B 85 -59.33 -80.36 25.80
C THR B 85 -58.54 -79.05 25.89
N ASN B 86 -57.30 -79.07 26.39
CA ASN B 86 -56.38 -77.91 26.30
C ASN B 86 -55.82 -77.77 24.88
N THR B 87 -55.89 -78.78 24.03
CA THR B 87 -55.40 -78.69 22.63
C THR B 87 -56.55 -78.22 21.73
N PRO B 88 -56.45 -77.03 21.09
CA PRO B 88 -57.54 -76.52 20.24
C PRO B 88 -57.91 -77.51 19.16
N GLY B 89 -59.22 -77.71 18.95
CA GLY B 89 -59.73 -78.60 17.88
C GLY B 89 -59.77 -80.09 18.28
N LEU B 90 -59.22 -80.43 19.44
CA LEU B 90 -59.17 -81.80 19.98
C LEU B 90 -60.22 -81.95 21.07
N TYR B 91 -61.11 -82.92 20.89
CA TYR B 91 -62.30 -83.12 21.76
C TYR B 91 -62.21 -84.47 22.47
N ASP B 92 -62.62 -84.51 23.73
CA ASP B 92 -62.97 -85.79 24.41
C ASP B 92 -64.43 -86.11 24.09
N VAL B 93 -64.71 -87.38 23.76
CA VAL B 93 -66.10 -87.85 23.62
C VAL B 93 -66.34 -88.98 24.61
N TYR B 94 -67.46 -88.92 25.32
CA TYR B 94 -67.90 -89.97 26.26
C TYR B 94 -69.26 -90.55 25.88
N LEU B 95 -69.37 -91.86 25.92
CA LEU B 95 -70.62 -92.66 25.76
C LEU B 95 -70.87 -93.31 27.12
N ASN B 96 -72.02 -93.12 27.71
CA ASN B 96 -72.45 -93.83 28.91
C ASN B 96 -73.70 -94.64 28.58
N VAL B 97 -73.79 -95.87 29.07
CA VAL B 97 -75.00 -96.72 28.94
C VAL B 97 -75.18 -97.42 30.26
N LYS B 98 -76.32 -97.15 30.88
CA LYS B 98 -76.76 -97.79 32.13
C LYS B 98 -77.87 -98.74 31.73
N GLY B 99 -77.82 -99.95 32.28
CA GLY B 99 -78.83 -100.98 32.00
C GLY B 99 -79.75 -101.14 33.18
N ASN B 100 -80.41 -102.28 33.25
CA ASN B 100 -81.39 -102.61 34.32
C ASN B 100 -81.75 -104.08 34.14
N LYS B 101 -82.54 -104.59 35.05
CA LYS B 101 -83.22 -105.90 34.90
C LYS B 101 -84.53 -105.58 34.17
N GLN B 102 -84.96 -106.45 33.25
CA GLN B 102 -86.25 -106.25 32.56
C GLN B 102 -87.37 -106.11 33.59
N GLN B 103 -88.43 -105.43 33.22
CA GLN B 103 -89.67 -105.34 34.05
C GLN B 103 -90.83 -105.89 33.22
N ASN B 104 -91.79 -106.52 33.91
CA ASN B 104 -93.06 -106.96 33.29
C ASN B 104 -92.75 -108.00 32.22
N VAL B 105 -91.91 -108.97 32.56
CA VAL B 105 -91.54 -110.12 31.68
C VAL B 105 -91.89 -111.42 32.43
N LYS B 106 -91.97 -112.51 31.69
CA LYS B 106 -92.35 -113.82 32.27
C LYS B 106 -91.15 -114.32 33.06
N PRO B 107 -91.38 -114.90 34.27
CA PRO B 107 -90.32 -115.58 35.00
C PRO B 107 -89.87 -116.86 34.27
N VAL B 108 -88.68 -117.34 34.60
CA VAL B 108 -88.09 -118.61 34.08
C VAL B 108 -88.31 -119.70 35.14
N ASP B 109 -88.62 -120.92 34.70
CA ASP B 109 -88.82 -122.11 35.59
C ASP B 109 -87.59 -122.99 35.41
N ILE B 110 -86.79 -123.13 36.45
CA ILE B 110 -85.58 -124.01 36.50
C ILE B 110 -85.84 -125.15 37.49
N VAL B 111 -85.62 -126.38 37.08
CA VAL B 111 -85.55 -127.55 37.99
C VAL B 111 -84.14 -128.09 37.95
N LEU B 112 -83.52 -128.17 39.12
CA LEU B 112 -82.20 -128.78 39.28
C LEU B 112 -82.49 -130.26 39.47
N VAL B 113 -81.81 -131.11 38.70
CA VAL B 113 -81.99 -132.55 38.83
C VAL B 113 -80.65 -133.11 39.22
N VAL B 114 -80.55 -133.55 40.47
CA VAL B 114 -79.27 -133.88 41.17
C VAL B 114 -79.22 -135.38 41.45
N ASP B 115 -78.31 -136.05 40.76
CA ASP B 115 -77.73 -137.38 41.09
C ASP B 115 -77.19 -137.34 42.53
N MET B 116 -77.89 -137.97 43.47
CA MET B 116 -77.52 -138.01 44.90
C MET B 116 -76.98 -139.41 45.23
N SER B 117 -76.31 -140.04 44.26
CA SER B 117 -75.67 -141.38 44.37
C SER B 117 -74.52 -141.33 45.39
N GLY B 118 -74.12 -142.47 45.98
CA GLY B 118 -73.09 -142.48 47.03
C GLY B 118 -71.71 -142.09 46.52
N SER B 119 -71.38 -142.38 45.24
CA SER B 119 -70.12 -141.95 44.57
C SER B 119 -69.86 -140.45 44.79
N MET B 120 -70.90 -139.63 44.92
CA MET B 120 -70.72 -138.17 45.03
C MET B 120 -70.04 -137.87 46.36
N GLU B 121 -70.10 -138.80 47.30
CA GLU B 121 -69.64 -138.60 48.71
C GLU B 121 -68.25 -139.24 48.88
N SER B 122 -67.99 -140.36 48.20
CA SER B 122 -66.76 -141.17 48.31
C SER B 122 -66.38 -141.72 46.91
N ASN B 123 -65.22 -141.37 46.39
CA ASN B 123 -64.86 -141.79 45.00
C ASN B 123 -63.33 -141.92 44.83
N ARG B 124 -62.90 -142.43 43.66
CA ARG B 124 -61.49 -142.67 43.24
C ARG B 124 -60.65 -141.37 43.26
N TRP B 125 -61.19 -140.23 42.84
CA TRP B 125 -60.50 -138.91 42.83
C TRP B 125 -60.34 -138.35 44.27
N GLY B 126 -61.11 -138.86 45.25
CA GLY B 126 -61.23 -138.33 46.63
C GLY B 126 -61.98 -136.98 46.69
N THR B 127 -62.95 -136.75 45.79
CA THR B 127 -63.60 -135.42 45.56
C THR B 127 -64.95 -135.30 46.30
N ASN B 128 -65.14 -134.18 47.00
CA ASN B 128 -66.45 -133.79 47.62
C ASN B 128 -67.37 -133.23 46.52
N ARG B 129 -67.83 -134.11 45.61
CA ARG B 129 -68.79 -133.72 44.55
C ARG B 129 -70.08 -133.20 45.20
N ALA B 130 -70.59 -133.95 46.16
CA ALA B 130 -71.83 -133.64 46.88
C ALA B 130 -71.71 -132.23 47.47
N GLY B 131 -70.60 -131.98 48.17
CA GLY B 131 -70.26 -130.66 48.75
C GLY B 131 -70.20 -129.57 47.70
N ALA B 132 -69.62 -129.84 46.54
CA ALA B 132 -69.55 -128.91 45.39
C ALA B 132 -70.97 -128.54 44.96
N VAL B 133 -71.85 -129.52 44.77
CA VAL B 133 -73.26 -129.31 44.35
C VAL B 133 -73.99 -128.48 45.45
N ARG B 134 -73.79 -128.78 46.72
CA ARG B 134 -74.48 -128.02 47.82
C ARG B 134 -74.10 -126.53 47.79
N THR B 135 -72.81 -126.23 47.67
CA THR B 135 -72.27 -124.85 47.59
C THR B 135 -72.73 -124.19 46.27
N GLY B 136 -72.52 -124.90 45.17
CA GLY B 136 -72.96 -124.50 43.83
C GLY B 136 -74.43 -124.09 43.84
N VAL B 137 -75.30 -124.85 44.53
CA VAL B 137 -76.78 -124.63 44.49
C VAL B 137 -77.11 -123.47 45.45
N LYS B 138 -76.48 -123.42 46.63
CA LYS B 138 -76.62 -122.30 47.61
C LYS B 138 -76.30 -120.96 46.92
N ASN B 139 -75.19 -120.94 46.18
CA ASN B 139 -74.59 -119.73 45.53
C ASN B 139 -75.44 -119.36 44.31
N PHE B 140 -75.81 -120.35 43.49
CA PHE B 140 -76.75 -120.19 42.36
C PHE B 140 -77.99 -119.42 42.81
N LEU B 141 -78.52 -119.73 43.97
CA LEU B 141 -79.79 -119.13 44.48
C LEU B 141 -79.52 -117.70 44.94
N THR B 142 -78.42 -117.45 45.66
CA THR B 142 -78.10 -116.09 46.22
C THR B 142 -77.69 -115.17 45.07
N SER B 143 -76.95 -115.67 44.08
CA SER B 143 -76.55 -114.91 42.87
C SER B 143 -77.80 -114.34 42.21
N ILE B 144 -78.84 -115.16 42.06
CA ILE B 144 -80.11 -114.76 41.37
C ILE B 144 -80.82 -113.68 42.20
N GLN B 145 -80.76 -113.78 43.52
CA GLN B 145 -81.33 -112.81 44.48
C GLN B 145 -80.56 -111.49 44.41
N ASN B 146 -79.23 -111.59 44.43
CA ASN B 146 -78.30 -110.42 44.41
C ASN B 146 -78.43 -109.66 43.08
N ALA B 147 -78.83 -110.31 41.98
CA ALA B 147 -79.08 -109.59 40.71
C ALA B 147 -80.48 -108.96 40.72
N GLY B 148 -81.24 -109.12 41.81
CA GLY B 148 -82.60 -108.54 41.97
C GLY B 148 -83.63 -109.35 41.22
N LEU B 149 -83.33 -110.63 40.95
CA LEU B 149 -84.16 -111.51 40.09
C LEU B 149 -84.81 -112.64 40.92
N GLY B 150 -84.70 -112.54 42.23
CA GLY B 150 -85.53 -113.29 43.19
C GLY B 150 -86.95 -113.61 42.73
N ASN B 151 -87.69 -112.68 42.13
CA ASN B 151 -89.10 -112.92 41.73
C ASN B 151 -89.20 -113.30 40.26
N TYR B 152 -88.08 -113.46 39.55
CA TYR B 152 -88.08 -113.70 38.09
C TYR B 152 -87.78 -115.17 37.81
N VAL B 153 -87.32 -115.87 38.83
CA VAL B 153 -86.80 -117.26 38.69
C VAL B 153 -87.51 -118.18 39.68
N ASN B 154 -88.31 -119.10 39.15
CA ASN B 154 -88.89 -120.24 39.91
C ASN B 154 -87.86 -121.37 39.90
N VAL B 155 -87.42 -121.82 41.05
CA VAL B 155 -86.46 -122.95 41.14
C VAL B 155 -87.14 -124.12 41.86
N GLY B 156 -86.91 -125.30 41.30
CA GLY B 156 -87.40 -126.57 41.83
C GLY B 156 -86.22 -127.50 41.95
N LEU B 157 -86.39 -128.57 42.72
CA LEU B 157 -85.34 -129.61 42.83
C LEU B 157 -86.00 -130.98 42.66
N ILE B 158 -85.33 -131.85 41.92
CA ILE B 158 -85.55 -133.33 41.88
C ILE B 158 -84.22 -133.95 42.26
N GLY B 159 -84.19 -134.66 43.37
CA GLY B 159 -83.02 -135.45 43.79
C GLY B 159 -83.33 -136.88 43.53
N PHE B 160 -82.37 -137.64 43.00
CA PHE B 160 -82.60 -139.05 42.71
C PHE B 160 -81.38 -139.87 43.15
N SER B 161 -81.63 -141.13 43.42
CA SER B 161 -80.63 -142.17 43.83
C SER B 161 -81.18 -143.50 43.27
N SER B 162 -81.47 -144.48 44.11
CA SER B 162 -82.14 -145.74 43.74
C SER B 162 -83.20 -145.93 44.81
N PRO B 163 -84.35 -146.50 44.48
CA PRO B 163 -85.39 -146.76 45.47
C PRO B 163 -84.88 -147.48 46.73
N GLY B 164 -85.29 -147.02 47.90
CA GLY B 164 -84.86 -147.50 49.23
C GLY B 164 -83.80 -146.59 49.86
N TYR B 165 -83.20 -145.66 49.10
CA TYR B 165 -82.15 -144.74 49.58
C TYR B 165 -82.76 -143.35 49.62
N ILE B 166 -82.59 -142.59 48.55
CA ILE B 166 -83.24 -141.25 48.46
C ILE B 166 -84.66 -141.43 47.91
N GLY B 167 -85.66 -140.92 48.62
CA GLY B 167 -87.05 -140.91 48.13
C GLY B 167 -87.81 -142.18 48.47
N GLY B 168 -87.21 -143.06 49.26
CA GLY B 168 -87.85 -144.33 49.64
C GLY B 168 -88.16 -145.18 48.41
N LYS B 169 -89.37 -145.70 48.30
CA LYS B 169 -89.77 -146.59 47.17
C LYS B 169 -89.70 -145.84 45.83
N SER B 170 -89.98 -144.53 45.81
CA SER B 170 -90.01 -143.69 44.60
C SER B 170 -88.64 -143.62 43.95
N GLY B 171 -87.60 -143.46 44.75
CA GLY B 171 -86.23 -143.28 44.23
C GLY B 171 -85.89 -141.81 43.97
N TYR B 172 -86.86 -140.90 44.17
CA TYR B 172 -86.66 -139.45 44.01
C TYR B 172 -87.28 -138.65 45.16
N ILE B 173 -86.74 -137.44 45.35
CA ILE B 173 -87.35 -136.42 46.22
C ILE B 173 -87.59 -135.20 45.38
N SER B 174 -88.49 -134.35 45.79
CA SER B 174 -88.82 -133.14 45.05
C SER B 174 -89.14 -132.01 46.02
N VAL B 175 -88.69 -130.81 45.61
CA VAL B 175 -89.12 -129.49 46.15
C VAL B 175 -89.81 -128.76 45.00
N LYS B 176 -91.08 -128.42 45.19
CA LYS B 176 -91.96 -127.78 44.19
C LYS B 176 -91.31 -126.44 43.83
N LEU B 177 -91.40 -126.05 42.56
CA LEU B 177 -91.05 -124.71 42.01
C LEU B 177 -91.51 -123.60 42.95
N GLY B 178 -90.62 -122.67 43.22
CA GLY B 178 -90.91 -121.44 43.96
C GLY B 178 -89.80 -120.42 43.76
N LYS B 179 -90.08 -119.19 44.17
CA LYS B 179 -89.27 -117.99 43.87
C LYS B 179 -87.90 -118.17 44.51
N ALA B 180 -86.83 -117.99 43.75
CA ALA B 180 -85.42 -118.17 44.21
C ALA B 180 -85.11 -117.14 45.29
N GLY B 181 -85.89 -116.07 45.32
CA GLY B 181 -85.69 -114.97 46.27
C GLY B 181 -86.26 -115.25 47.64
N ASN B 182 -87.25 -116.14 47.68
CA ASN B 182 -88.02 -116.53 48.90
C ASN B 182 -87.09 -117.36 49.80
N ALA B 183 -86.91 -116.93 51.06
CA ALA B 183 -85.93 -117.47 52.02
C ALA B 183 -86.30 -118.91 52.37
N SER B 184 -87.60 -119.21 52.44
CA SER B 184 -88.16 -120.55 52.76
C SER B 184 -87.92 -121.53 51.59
N GLN B 185 -88.05 -121.05 50.36
CA GLN B 185 -87.73 -121.85 49.16
C GLN B 185 -86.24 -122.18 49.14
N GLN B 186 -85.38 -121.26 49.56
CA GLN B 186 -83.92 -121.50 49.65
C GLN B 186 -83.65 -122.52 50.76
N GLN B 187 -84.31 -122.37 51.89
CA GLN B 187 -84.19 -123.31 53.02
C GLN B 187 -84.56 -124.72 52.54
N ALA B 188 -85.66 -124.84 51.81
CA ALA B 188 -86.20 -126.11 51.29
C ALA B 188 -85.17 -126.77 50.37
N ILE B 189 -84.75 -126.06 49.34
CA ILE B 189 -83.87 -126.66 48.31
C ILE B 189 -82.59 -127.09 49.02
N ASN B 190 -82.02 -126.22 49.82
CA ASN B 190 -80.70 -126.49 50.45
C ASN B 190 -80.88 -127.58 51.51
N GLY B 191 -82.02 -127.58 52.21
CA GLY B 191 -82.40 -128.64 53.19
C GLY B 191 -82.41 -130.02 52.54
N ALA B 192 -83.13 -130.14 51.41
CA ALA B 192 -83.29 -131.41 50.65
C ALA B 192 -81.92 -131.96 50.21
N LEU B 193 -80.94 -131.08 49.98
CA LEU B 193 -79.60 -131.51 49.44
C LEU B 193 -78.67 -131.77 50.63
N SER B 194 -79.06 -131.37 51.82
CA SER B 194 -78.22 -131.41 53.06
C SER B 194 -77.85 -132.85 53.46
N PRO B 195 -78.72 -133.87 53.27
CA PRO B 195 -78.37 -135.23 53.66
C PRO B 195 -77.19 -135.74 52.84
N ARG B 196 -76.58 -136.78 53.38
CA ARG B 196 -75.49 -137.56 52.78
C ARG B 196 -76.08 -138.22 51.54
N PHE B 197 -75.42 -138.03 50.41
CA PHE B 197 -75.79 -138.66 49.13
C PHE B 197 -75.46 -140.14 49.26
N GLN B 198 -76.39 -141.00 48.90
CA GLN B 198 -76.24 -142.46 48.97
C GLN B 198 -77.13 -143.08 47.91
N GLY B 199 -76.66 -144.18 47.31
CA GLY B 199 -77.46 -145.03 46.44
C GLY B 199 -76.93 -145.11 45.02
N GLY B 200 -77.71 -145.76 44.17
CA GLY B 200 -77.44 -145.94 42.73
C GLY B 200 -77.91 -144.74 41.95
N THR B 201 -78.13 -144.93 40.64
CA THR B 201 -78.34 -143.84 39.64
C THR B 201 -79.58 -144.16 38.77
N TYR B 202 -80.75 -143.74 39.23
CA TYR B 202 -82.02 -143.83 38.47
C TYR B 202 -82.22 -142.52 37.70
N THR B 203 -81.29 -142.19 36.82
CA THR B 203 -81.30 -140.93 36.04
C THR B 203 -82.68 -140.68 35.41
N GLN B 204 -83.29 -141.72 34.83
CA GLN B 204 -84.59 -141.62 34.14
C GLN B 204 -85.64 -141.01 35.09
N ILE B 205 -85.64 -141.33 36.38
CA ILE B 205 -86.72 -140.83 37.27
C ILE B 205 -86.48 -139.34 37.47
N GLY B 206 -85.21 -138.92 37.52
CA GLY B 206 -84.91 -137.48 37.69
C GLY B 206 -85.45 -136.70 36.51
N LEU B 207 -85.11 -137.13 35.31
CA LEU B 207 -85.59 -136.45 34.08
C LEU B 207 -87.13 -136.44 33.99
N ARG B 208 -87.77 -137.58 34.25
CA ARG B 208 -89.26 -137.72 34.16
C ARG B 208 -89.92 -136.75 35.15
N GLN B 209 -89.45 -136.74 36.39
CA GLN B 209 -90.07 -135.94 37.46
C GLN B 209 -89.65 -134.48 37.28
N GLY B 210 -88.45 -134.20 36.79
CA GLY B 210 -88.07 -132.81 36.49
C GLY B 210 -88.98 -132.22 35.41
N SER B 211 -89.23 -133.00 34.37
CA SER B 211 -90.10 -132.61 33.24
C SER B 211 -91.53 -132.38 33.75
N ALA B 212 -92.04 -133.31 34.54
CA ALA B 212 -93.40 -133.28 35.07
C ALA B 212 -93.57 -132.00 35.91
N MET B 213 -92.55 -131.63 36.69
CA MET B 213 -92.59 -130.41 37.53
C MET B 213 -92.64 -129.14 36.64
N LEU B 214 -91.80 -129.07 35.60
CA LEU B 214 -91.78 -127.93 34.64
C LEU B 214 -93.12 -127.84 33.88
N ASN B 215 -93.76 -128.97 33.60
CA ASN B 215 -94.97 -129.04 32.73
C ASN B 215 -96.27 -129.02 33.53
N ALA B 216 -96.22 -128.82 34.84
CA ALA B 216 -97.40 -128.81 35.72
C ALA B 216 -98.24 -127.59 35.36
N ASP B 217 -97.62 -126.42 35.40
CA ASP B 217 -98.22 -125.09 35.13
C ASP B 217 -98.03 -124.82 33.64
N THR B 218 -99.11 -124.53 32.91
CA THR B 218 -99.08 -124.19 31.48
C THR B 218 -98.87 -122.66 31.36
N SER B 219 -97.81 -122.14 32.00
CA SER B 219 -97.54 -120.69 32.24
C SER B 219 -97.07 -119.99 30.95
N GLY B 220 -96.44 -120.75 30.03
CA GLY B 220 -95.70 -120.21 28.87
C GLY B 220 -94.37 -119.62 29.30
N ASN B 221 -93.97 -119.83 30.55
CA ASN B 221 -92.60 -119.52 31.04
C ASN B 221 -91.59 -120.40 30.29
N LYS B 222 -90.37 -119.92 30.17
CA LYS B 222 -89.22 -120.72 29.70
C LYS B 222 -88.98 -121.86 30.71
N LYS B 223 -88.83 -123.07 30.23
CA LYS B 223 -88.75 -124.31 31.04
C LYS B 223 -87.36 -124.92 30.84
N MET B 224 -86.58 -125.00 31.91
CA MET B 224 -85.18 -125.41 31.84
C MET B 224 -84.97 -126.47 32.93
N MET B 225 -84.24 -127.52 32.59
CA MET B 225 -83.78 -128.61 33.50
C MET B 225 -82.25 -128.63 33.50
N ILE B 226 -81.63 -128.64 34.66
CA ILE B 226 -80.15 -128.82 34.75
C ILE B 226 -79.86 -130.14 35.48
N LEU B 227 -79.39 -131.16 34.76
CA LEU B 227 -78.99 -132.47 35.29
C LEU B 227 -77.53 -132.42 35.76
N LEU B 228 -77.25 -132.74 37.02
CA LEU B 228 -75.87 -132.91 37.56
C LEU B 228 -75.71 -134.39 37.89
N THR B 229 -74.76 -135.07 37.24
CA THR B 229 -74.57 -136.52 37.42
C THR B 229 -73.09 -136.87 37.34
N ASP B 230 -72.66 -137.89 38.09
CA ASP B 230 -71.26 -138.35 38.22
C ASP B 230 -71.17 -139.82 37.78
N GLY B 231 -72.09 -140.27 36.91
CA GLY B 231 -72.22 -141.71 36.63
C GLY B 231 -73.13 -142.05 35.48
N VAL B 232 -72.92 -143.22 34.91
CA VAL B 232 -73.91 -143.81 34.00
C VAL B 232 -75.13 -144.18 34.83
N PRO B 233 -76.32 -144.18 34.20
CA PRO B 233 -77.50 -144.73 34.84
C PRO B 233 -77.38 -146.22 35.14
N THR B 234 -77.75 -146.62 36.35
CA THR B 234 -77.70 -148.05 36.78
C THR B 234 -79.10 -148.57 37.11
N PHE B 235 -80.13 -147.73 36.98
CA PHE B 235 -81.54 -148.12 37.18
C PHE B 235 -82.34 -147.46 36.07
N SER B 236 -83.32 -148.18 35.54
CA SER B 236 -84.19 -147.68 34.46
C SER B 236 -85.49 -148.49 34.45
N ASN B 237 -86.53 -147.91 33.88
CA ASN B 237 -87.80 -148.59 33.56
C ASN B 237 -87.58 -149.49 32.33
N GLU B 238 -88.16 -150.68 32.39
CA GLU B 238 -88.37 -151.59 31.26
C GLU B 238 -88.81 -150.78 30.04
N VAL B 239 -88.06 -150.94 28.95
CA VAL B 239 -88.43 -150.41 27.64
C VAL B 239 -89.46 -151.36 27.04
N ILE B 240 -90.65 -150.84 26.68
CA ILE B 240 -91.77 -151.57 26.01
C ILE B 240 -91.68 -151.30 24.50
N ASN B 241 -91.54 -150.04 24.11
CA ASN B 241 -91.42 -149.60 22.70
C ASN B 241 -90.22 -148.66 22.58
N SER B 242 -89.63 -148.61 21.40
CA SER B 242 -88.37 -147.86 21.14
C SER B 242 -88.33 -147.51 19.66
N GLU B 243 -87.59 -146.47 19.31
CA GLU B 243 -87.27 -146.15 17.90
C GLU B 243 -85.78 -145.85 17.74
N TRP B 244 -85.25 -146.12 16.54
CA TRP B 244 -83.93 -145.65 16.05
C TRP B 244 -84.05 -144.20 15.61
N ILE B 245 -83.12 -143.35 16.03
CA ILE B 245 -82.93 -141.97 15.51
C ILE B 245 -81.44 -141.71 15.38
N ASN B 246 -80.96 -141.48 14.16
CA ASN B 246 -79.53 -141.24 13.83
C ASN B 246 -78.66 -142.35 14.43
N GLY B 247 -79.11 -143.61 14.38
CA GLY B 247 -78.29 -144.78 14.78
C GLY B 247 -78.22 -145.00 16.29
N THR B 248 -79.07 -144.35 17.08
CA THR B 248 -79.18 -144.53 18.54
C THR B 248 -80.61 -144.94 18.88
N LEU B 249 -80.77 -145.94 19.75
CA LEU B 249 -82.09 -146.45 20.17
C LEU B 249 -82.61 -145.61 21.35
N TYR B 250 -83.83 -145.09 21.23
CA TYR B 250 -84.55 -144.33 22.29
C TYR B 250 -85.83 -145.08 22.66
N GLY B 251 -85.99 -145.46 23.91
CA GLY B 251 -87.28 -145.90 24.42
C GLY B 251 -88.32 -144.80 24.27
N THR B 252 -89.54 -145.16 23.92
CA THR B 252 -90.65 -144.21 23.69
C THR B 252 -91.82 -144.54 24.59
N ASN B 253 -91.78 -145.68 25.26
CA ASN B 253 -92.89 -146.23 26.11
C ASN B 253 -92.26 -147.13 27.19
N PHE B 254 -92.59 -146.94 28.47
CA PHE B 254 -91.97 -147.65 29.61
C PHE B 254 -93.00 -148.38 30.46
N GLY B 255 -92.53 -149.41 31.15
CA GLY B 255 -93.29 -150.22 32.13
C GLY B 255 -92.96 -149.77 33.53
N SER B 256 -93.73 -150.20 34.50
CA SER B 256 -93.57 -149.86 35.94
C SER B 256 -92.41 -150.69 36.51
N SER B 257 -92.11 -151.82 35.88
CA SER B 257 -91.00 -152.73 36.23
C SER B 257 -89.67 -152.10 35.80
N ARG B 258 -88.57 -152.45 36.47
CA ARG B 258 -87.26 -151.72 36.40
C ARG B 258 -86.14 -152.67 36.02
N ASP B 259 -85.25 -152.25 35.12
CA ASP B 259 -83.93 -152.85 34.88
C ASP B 259 -82.98 -152.30 35.96
N GLU B 260 -82.32 -153.14 36.74
CA GLU B 260 -81.58 -152.70 37.96
C GLU B 260 -80.18 -153.28 37.96
N PRO B 261 -79.33 -153.00 36.96
CA PRO B 261 -77.98 -153.54 36.95
C PRO B 261 -77.19 -153.06 38.18
N GLY B 262 -77.42 -151.85 38.69
CA GLY B 262 -76.88 -151.39 39.99
C GLY B 262 -75.53 -150.69 39.90
N ASN B 263 -74.51 -151.31 39.30
CA ASN B 263 -73.10 -150.84 39.39
C ASN B 263 -72.52 -150.61 37.98
N THR B 264 -73.37 -150.62 36.97
CA THR B 264 -73.01 -150.59 35.52
C THR B 264 -74.32 -150.36 34.73
N ALA B 265 -74.20 -149.87 33.50
CA ALA B 265 -75.35 -149.66 32.61
C ALA B 265 -75.76 -151.00 31.98
N ARG B 266 -74.84 -151.96 31.87
CA ARG B 266 -75.06 -153.21 31.12
C ARG B 266 -76.06 -154.07 31.91
N LEU B 267 -77.14 -154.49 31.25
CA LEU B 267 -78.15 -155.39 31.86
C LEU B 267 -77.58 -156.79 32.00
N ARG B 268 -77.83 -157.44 33.13
CA ARG B 268 -77.54 -158.89 33.37
C ARG B 268 -78.38 -159.71 32.38
N TRP B 269 -79.65 -159.37 32.21
CA TRP B 269 -80.61 -160.16 31.40
C TRP B 269 -81.17 -159.33 30.26
N PRO B 270 -80.43 -159.15 29.14
CA PRO B 270 -80.92 -158.35 28.03
C PRO B 270 -82.19 -159.02 27.46
N TYR B 271 -83.04 -158.19 26.85
CA TYR B 271 -84.38 -158.62 26.34
C TYR B 271 -84.69 -157.82 25.08
N THR B 272 -85.70 -158.27 24.32
CA THR B 272 -86.27 -157.52 23.18
C THR B 272 -87.65 -156.97 23.59
N ASP B 273 -87.91 -155.74 23.16
CA ASP B 273 -89.13 -154.96 23.50
C ASP B 273 -90.21 -155.31 22.45
N SER B 274 -91.39 -154.70 22.57
CA SER B 274 -92.57 -154.88 21.69
C SER B 274 -92.33 -154.21 20.33
N SER B 275 -91.22 -153.53 20.13
CA SER B 275 -90.79 -152.96 18.82
C SER B 275 -89.76 -153.89 18.17
N GLY B 276 -89.44 -155.02 18.78
CA GLY B 276 -88.40 -155.94 18.27
C GLY B 276 -86.97 -155.39 18.31
N HIS B 277 -86.70 -154.46 19.23
CA HIS B 277 -85.34 -153.92 19.47
C HIS B 277 -84.70 -154.60 20.69
N TYR B 278 -83.39 -154.86 20.61
CA TYR B 278 -82.55 -155.47 21.67
C TYR B 278 -82.18 -154.38 22.68
N ILE B 279 -82.60 -154.57 23.92
CA ILE B 279 -82.29 -153.70 25.08
C ILE B 279 -81.23 -154.41 25.92
N TYR B 280 -79.98 -153.90 25.94
CA TYR B 280 -78.86 -154.52 26.70
C TYR B 280 -78.25 -153.55 27.73
N ASP B 281 -78.73 -152.32 27.87
CA ASP B 281 -78.24 -151.39 28.92
C ASP B 281 -79.35 -150.38 29.26
N THR B 282 -79.07 -149.42 30.14
CA THR B 282 -80.03 -148.44 30.70
C THR B 282 -80.14 -147.20 29.79
N TRP B 283 -79.37 -147.15 28.71
CA TRP B 283 -79.23 -145.92 27.89
C TRP B 283 -80.50 -145.63 27.07
N PRO B 284 -81.11 -146.60 26.37
CA PRO B 284 -82.37 -146.33 25.66
C PRO B 284 -83.49 -145.72 26.51
N ALA B 285 -83.69 -146.20 27.73
CA ALA B 285 -84.65 -145.62 28.71
C ALA B 285 -84.22 -144.20 29.12
N THR B 286 -82.95 -143.98 29.44
CA THR B 286 -82.49 -142.66 29.91
C THR B 286 -82.65 -141.66 28.77
N LEU B 287 -82.08 -141.95 27.62
CA LEU B 287 -82.12 -141.06 26.42
C LEU B 287 -83.57 -140.82 26.00
N GLY B 288 -84.36 -141.91 25.97
CA GLY B 288 -85.81 -141.91 25.72
C GLY B 288 -86.54 -140.89 26.57
N GLU B 289 -86.26 -140.87 27.87
CA GLU B 289 -86.99 -140.00 28.81
C GLU B 289 -86.55 -138.55 28.56
N ALA B 290 -85.28 -138.35 28.26
CA ALA B 290 -84.73 -137.01 27.92
C ALA B 290 -85.48 -136.48 26.69
N LYS B 291 -85.68 -137.33 25.69
CA LYS B 291 -86.36 -136.95 24.42
C LYS B 291 -87.82 -136.55 24.74
N ILE B 292 -88.51 -137.32 25.57
CA ILE B 292 -89.93 -137.03 25.93
C ILE B 292 -89.99 -135.64 26.59
N ALA B 293 -89.03 -135.35 27.48
CA ALA B 293 -88.92 -134.05 28.16
C ALA B 293 -88.64 -132.92 27.15
N LYS B 294 -87.67 -133.11 26.25
CA LYS B 294 -87.34 -132.08 25.20
C LYS B 294 -88.51 -131.90 24.22
N ASP B 295 -89.08 -132.98 23.70
CA ASP B 295 -90.27 -132.90 22.81
C ASP B 295 -91.40 -132.10 23.50
N SER B 296 -91.48 -132.06 24.82
CA SER B 296 -92.54 -131.32 25.55
C SER B 296 -92.15 -129.85 25.72
N GLY B 297 -90.95 -129.47 25.27
CA GLY B 297 -90.47 -128.08 25.23
C GLY B 297 -89.40 -127.80 26.28
N ASN B 298 -88.97 -128.78 27.08
CA ASN B 298 -88.01 -128.49 28.18
C ASN B 298 -86.60 -128.30 27.58
N GLU B 299 -85.88 -127.29 28.00
CA GLU B 299 -84.43 -127.14 27.71
C GLU B 299 -83.65 -127.98 28.76
N VAL B 300 -82.86 -128.93 28.30
CA VAL B 300 -82.03 -129.80 29.17
C VAL B 300 -80.54 -129.44 29.03
N HIS B 301 -79.98 -128.90 30.11
CA HIS B 301 -78.53 -128.69 30.32
C HIS B 301 -78.03 -129.82 31.21
N ALA B 302 -76.79 -130.25 31.07
CA ALA B 302 -76.24 -131.35 31.90
C ALA B 302 -74.76 -131.12 32.19
N LEU B 303 -74.35 -131.59 33.35
CA LEU B 303 -72.95 -131.62 33.79
C LEU B 303 -72.56 -133.06 34.15
N GLY B 304 -71.59 -133.62 33.45
CA GLY B 304 -70.92 -134.89 33.80
C GLY B 304 -69.75 -134.62 34.69
N ILE B 305 -69.79 -135.08 35.93
CA ILE B 305 -68.76 -134.81 36.97
C ILE B 305 -67.78 -135.98 37.02
N GLN B 306 -66.56 -135.77 36.54
CA GLN B 306 -65.43 -136.73 36.69
C GLN B 306 -65.91 -138.09 36.22
N LEU B 307 -66.50 -138.14 35.02
CA LEU B 307 -67.01 -139.41 34.45
C LEU B 307 -65.81 -140.36 34.31
N ALA B 308 -66.03 -141.62 34.62
CA ALA B 308 -65.03 -142.68 34.42
C ALA B 308 -65.59 -143.71 33.44
N ASP B 309 -64.72 -144.62 32.99
CA ASP B 309 -65.18 -145.80 32.21
C ASP B 309 -66.24 -146.52 33.03
N ASP B 310 -67.26 -147.07 32.39
CA ASP B 310 -68.22 -148.03 33.00
C ASP B 310 -67.59 -149.42 32.92
N ASP B 311 -66.88 -149.84 33.98
CA ASP B 311 -66.10 -151.13 34.05
C ASP B 311 -65.37 -151.35 32.69
N HIS B 312 -65.64 -152.47 32.01
CA HIS B 312 -65.03 -152.81 30.70
C HIS B 312 -66.14 -152.83 29.65
N TYR B 313 -67.26 -152.20 29.96
CA TYR B 313 -68.48 -152.17 29.10
C TYR B 313 -68.42 -150.98 28.13
N MET B 314 -68.01 -149.80 28.60
CA MET B 314 -68.16 -148.55 27.83
C MET B 314 -67.15 -147.54 28.34
N THR B 315 -66.43 -146.90 27.42
CA THR B 315 -65.37 -145.91 27.74
C THR B 315 -66.02 -144.62 28.23
N LYS B 316 -65.27 -143.76 28.92
CA LYS B 316 -65.78 -142.45 29.35
C LYS B 316 -66.11 -141.65 28.09
N GLU B 317 -65.40 -141.87 27.00
CA GLU B 317 -65.63 -141.15 25.71
C GLU B 317 -67.03 -141.51 25.14
N LYS B 318 -67.41 -142.77 25.15
CA LYS B 318 -68.76 -143.19 24.65
C LYS B 318 -69.84 -142.72 25.64
N ILE B 319 -69.55 -142.75 26.94
CA ILE B 319 -70.50 -142.26 27.98
C ILE B 319 -70.76 -140.77 27.70
N ARG B 320 -69.70 -140.00 27.42
CA ARG B 320 -69.79 -138.56 27.10
C ARG B 320 -70.73 -138.38 25.90
N GLN B 321 -70.57 -139.20 24.87
CA GLN B 321 -71.36 -139.13 23.61
C GLN B 321 -72.83 -139.39 23.94
N ASN B 322 -73.12 -140.32 24.84
CA ASN B 322 -74.51 -140.57 25.27
C ASN B 322 -75.04 -139.38 26.09
N MET B 323 -74.25 -138.83 27.02
CA MET B 323 -74.68 -137.65 27.83
C MET B 323 -74.98 -136.46 26.91
N GLN B 324 -74.27 -136.36 25.78
CA GLN B 324 -74.46 -135.26 24.80
C GLN B 324 -75.80 -135.41 24.07
N LEU B 325 -76.40 -136.59 24.15
CA LEU B 325 -77.73 -136.86 23.52
C LEU B 325 -78.83 -136.55 24.53
N ILE B 326 -78.48 -136.39 25.80
CA ILE B 326 -79.49 -136.11 26.84
C ILE B 326 -79.91 -134.64 26.68
N THR B 327 -78.96 -133.75 26.41
CA THR B 327 -79.16 -132.28 26.31
C THR B 327 -79.80 -131.98 24.95
N ASN B 328 -80.34 -130.77 24.73
CA ASN B 328 -81.04 -130.41 23.47
C ASN B 328 -80.04 -130.41 22.32
N SER B 329 -78.80 -130.03 22.58
CA SER B 329 -77.65 -130.08 21.65
C SER B 329 -76.40 -130.44 22.45
N PRO B 330 -75.33 -130.98 21.82
CA PRO B 330 -74.13 -131.37 22.55
C PRO B 330 -73.42 -130.28 23.38
N ASP B 331 -73.56 -129.01 23.02
CA ASP B 331 -72.82 -127.91 23.72
C ASP B 331 -73.56 -127.53 25.02
N LEU B 332 -74.78 -128.03 25.27
CA LEU B 332 -75.52 -127.83 26.55
C LEU B 332 -75.11 -128.91 27.55
N TYR B 333 -74.28 -129.86 27.13
CA TYR B 333 -73.54 -130.76 28.02
C TYR B 333 -72.14 -130.19 28.27
N GLU B 334 -71.67 -130.21 29.50
CA GLU B 334 -70.28 -129.89 29.90
C GLU B 334 -69.78 -131.03 30.80
N ASP B 335 -68.46 -131.20 30.83
CA ASP B 335 -67.76 -132.01 31.85
C ASP B 335 -67.31 -131.09 32.99
N ALA B 336 -67.18 -131.62 34.19
CA ALA B 336 -66.46 -130.96 35.29
C ALA B 336 -65.44 -131.96 35.81
N ASP B 337 -64.18 -131.54 35.74
CA ASP B 337 -62.97 -132.35 36.03
C ASP B 337 -62.72 -132.31 37.54
N SER B 338 -63.44 -131.53 38.32
CA SER B 338 -63.09 -131.18 39.72
C SER B 338 -64.25 -130.47 40.43
N ALA B 339 -64.14 -130.28 41.74
CA ALA B 339 -65.20 -129.69 42.60
C ALA B 339 -65.37 -128.22 42.22
N ASP B 340 -64.26 -127.55 41.86
CA ASP B 340 -64.23 -126.09 41.53
C ASP B 340 -64.99 -125.92 40.21
N ALA B 341 -64.78 -126.84 39.27
CA ALA B 341 -65.46 -126.85 37.96
C ALA B 341 -66.97 -127.08 38.15
N VAL B 342 -67.38 -127.86 39.17
CA VAL B 342 -68.82 -128.04 39.50
C VAL B 342 -69.38 -126.70 39.98
N GLU B 343 -68.75 -126.07 40.96
CA GLU B 343 -69.21 -124.75 41.49
C GLU B 343 -69.26 -123.74 40.33
N ALA B 344 -68.22 -123.72 39.51
CA ALA B 344 -68.07 -122.80 38.37
C ALA B 344 -69.22 -123.00 37.40
N TYR B 345 -69.61 -124.25 37.15
CA TYR B 345 -70.64 -124.55 36.12
C TYR B 345 -71.98 -123.96 36.63
N LEU B 346 -72.24 -124.11 37.92
CA LEU B 346 -73.53 -123.69 38.49
C LEU B 346 -73.54 -122.16 38.55
N ASN B 347 -72.37 -121.56 38.77
CA ASN B 347 -72.28 -120.10 38.86
C ASN B 347 -72.49 -119.54 37.45
N ASN B 348 -71.97 -120.18 36.43
CA ASN B 348 -72.16 -119.78 35.01
C ASN B 348 -73.61 -119.95 34.56
N GLN B 349 -74.29 -120.99 35.04
CA GLN B 349 -75.71 -121.18 34.72
C GLN B 349 -76.48 -120.01 35.32
N ALA B 350 -76.11 -119.59 36.53
CA ALA B 350 -76.76 -118.46 37.24
C ALA B 350 -76.50 -117.18 36.44
N LYS B 351 -75.27 -116.96 36.01
CA LYS B 351 -74.92 -115.74 35.25
C LYS B 351 -75.69 -115.74 33.92
N ASP B 352 -75.89 -116.90 33.29
CA ASP B 352 -76.58 -117.00 31.97
C ASP B 352 -78.05 -116.62 32.18
N ILE B 353 -78.68 -117.10 33.25
CA ILE B 353 -80.08 -116.70 33.62
C ILE B 353 -80.16 -115.19 33.95
N ILE B 354 -79.18 -114.64 34.68
CA ILE B 354 -79.16 -113.22 35.08
C ILE B 354 -79.06 -112.38 33.79
N LYS B 355 -78.14 -112.76 32.92
CA LYS B 355 -77.81 -112.04 31.67
C LYS B 355 -79.07 -112.01 30.80
N ASN B 356 -79.87 -113.07 30.84
CA ASN B 356 -81.09 -113.14 30.01
C ASN B 356 -82.17 -112.15 30.50
N PHE B 357 -82.12 -111.68 31.75
CA PHE B 357 -83.08 -110.66 32.26
C PHE B 357 -82.53 -109.22 32.15
N ASN B 358 -81.30 -109.05 31.66
CA ASN B 358 -80.72 -107.71 31.41
C ASN B 358 -81.56 -106.99 30.36
N THR B 359 -81.74 -105.68 30.51
CA THR B 359 -82.27 -104.80 29.42
C THR B 359 -81.23 -104.65 28.33
N VAL B 360 -79.95 -104.77 28.69
CA VAL B 360 -78.86 -104.76 27.69
C VAL B 360 -78.12 -106.10 27.74
N THR B 361 -78.28 -106.90 26.71
CA THR B 361 -77.72 -108.28 26.58
C THR B 361 -77.08 -108.41 25.20
N ASP B 362 -75.77 -108.53 25.15
CA ASP B 362 -75.03 -108.46 23.88
C ASP B 362 -75.49 -107.25 23.07
N GLY B 363 -75.65 -106.11 23.74
CA GLY B 363 -75.97 -104.82 23.10
C GLY B 363 -74.79 -104.34 22.28
N THR B 364 -75.05 -103.53 21.28
CA THR B 364 -73.99 -102.92 20.45
C THR B 364 -74.22 -101.40 20.38
N ILE B 365 -73.14 -100.66 20.20
CA ILE B 365 -73.16 -99.24 19.77
C ILE B 365 -72.42 -99.17 18.46
N THR B 366 -73.04 -98.53 17.48
CA THR B 366 -72.41 -98.10 16.21
C THR B 366 -72.32 -96.59 16.31
N ASP B 367 -71.10 -96.09 16.17
CA ASP B 367 -70.84 -94.65 16.32
C ASP B 367 -69.86 -94.23 15.23
N PRO B 368 -70.37 -93.92 14.02
CA PRO B 368 -69.53 -93.46 12.92
C PRO B 368 -69.11 -92.02 13.20
N ILE B 369 -67.86 -91.70 12.94
CA ILE B 369 -67.35 -90.29 13.11
C ILE B 369 -68.05 -89.34 12.12
N GLY B 370 -68.17 -88.07 12.48
CA GLY B 370 -68.74 -87.04 11.58
C GLY B 370 -67.78 -86.74 10.44
N THR B 371 -68.33 -86.36 9.31
CA THR B 371 -67.61 -85.96 8.08
C THR B 371 -66.41 -85.04 8.38
N GLN B 372 -66.60 -84.05 9.25
CA GLN B 372 -65.63 -82.94 9.44
C GLN B 372 -64.64 -83.30 10.55
N PHE B 373 -64.59 -84.53 11.02
CA PHE B 373 -63.71 -84.92 12.16
C PHE B 373 -62.91 -86.16 11.81
N GLN B 374 -61.78 -86.36 12.52
CA GLN B 374 -60.92 -87.55 12.41
C GLN B 374 -60.59 -88.04 13.82
N TYR B 375 -60.42 -89.35 14.04
CA TYR B 375 -60.00 -89.89 15.37
C TYR B 375 -58.62 -89.29 15.68
N ALA B 376 -58.42 -88.82 16.91
CA ALA B 376 -57.12 -88.28 17.39
C ALA B 376 -56.11 -89.41 17.56
N ASN B 377 -56.61 -90.58 17.86
CA ASN B 377 -55.87 -91.85 18.02
C ASN B 377 -56.94 -92.95 17.99
N ASN B 378 -56.56 -94.22 17.93
CA ASN B 378 -57.51 -95.36 17.78
C ASN B 378 -57.79 -96.00 19.15
N GLN B 379 -57.54 -95.30 20.24
CA GLN B 379 -57.73 -95.78 21.66
C GLN B 379 -59.18 -95.46 22.09
N ALA B 380 -59.96 -96.49 22.37
CA ALA B 380 -61.32 -96.37 22.93
C ALA B 380 -61.30 -97.10 24.25
N THR B 381 -61.42 -96.35 25.34
CA THR B 381 -61.23 -96.86 26.72
C THR B 381 -62.61 -97.14 27.32
N VAL B 382 -62.71 -98.30 27.98
CA VAL B 382 -63.95 -98.86 28.56
C VAL B 382 -63.77 -98.99 30.07
N THR B 383 -64.76 -98.59 30.83
CA THR B 383 -64.75 -98.48 32.30
C THR B 383 -66.16 -98.73 32.83
N SER B 384 -66.30 -99.50 33.90
CA SER B 384 -67.58 -99.65 34.64
C SER B 384 -67.69 -98.41 35.52
N VAL B 385 -68.90 -97.86 35.67
CA VAL B 385 -69.06 -96.66 36.53
C VAL B 385 -70.35 -96.70 37.33
N GLY B 386 -71.10 -97.81 37.26
CA GLY B 386 -72.36 -98.00 38.01
C GLY B 386 -72.09 -98.47 39.43
N LYS B 387 -73.10 -98.33 40.31
CA LYS B 387 -73.05 -98.80 41.72
C LYS B 387 -72.62 -100.27 41.71
N GLN B 388 -73.04 -101.04 40.72
CA GLN B 388 -72.74 -102.50 40.62
C GLN B 388 -71.70 -102.66 39.52
N THR B 389 -70.51 -103.13 39.87
CA THR B 389 -69.35 -103.24 38.96
C THR B 389 -69.66 -104.21 37.84
N VAL B 390 -69.16 -103.92 36.65
CA VAL B 390 -69.07 -104.90 35.55
C VAL B 390 -67.63 -105.36 35.57
N PRO B 391 -67.37 -106.62 35.95
CA PRO B 391 -66.01 -107.11 36.04
C PRO B 391 -65.31 -106.97 34.68
N ALA B 392 -63.99 -106.86 34.70
CA ALA B 392 -63.14 -106.66 33.52
C ALA B 392 -63.49 -107.65 32.40
N SER B 393 -63.71 -108.91 32.77
CA SER B 393 -63.94 -109.99 31.77
C SER B 393 -65.33 -109.82 31.12
N GLU B 394 -66.25 -109.05 31.73
CA GLU B 394 -67.64 -108.82 31.23
C GLU B 394 -67.77 -107.49 30.46
N LEU B 395 -66.77 -106.61 30.52
CA LEU B 395 -66.76 -105.32 29.78
C LEU B 395 -66.99 -105.55 28.31
N PRO B 396 -67.74 -104.66 27.65
CA PRO B 396 -67.93 -104.77 26.22
C PRO B 396 -66.56 -104.43 25.62
N SER B 397 -66.35 -104.84 24.37
CA SER B 397 -65.18 -104.48 23.54
C SER B 397 -65.53 -103.27 22.70
N ALA B 398 -64.56 -102.38 22.55
CA ALA B 398 -64.71 -101.10 21.84
C ALA B 398 -63.55 -100.98 20.88
N ALA B 399 -63.83 -100.89 19.59
CA ALA B 399 -62.77 -100.75 18.58
C ALA B 399 -63.16 -99.66 17.58
N ILE B 400 -62.18 -98.86 17.20
CA ILE B 400 -62.27 -97.84 16.14
C ILE B 400 -61.58 -98.42 14.89
N GLN B 401 -62.33 -98.60 13.82
CA GLN B 401 -61.77 -98.96 12.49
C GLN B 401 -62.74 -98.48 11.41
N ASP B 402 -62.21 -98.02 10.27
CA ASP B 402 -63.02 -97.71 9.06
C ASP B 402 -64.01 -96.57 9.39
N GLY B 403 -63.59 -95.55 10.13
CA GLY B 403 -64.44 -94.40 10.46
C GLY B 403 -65.59 -94.73 11.39
N GLN B 404 -65.47 -95.79 12.18
CA GLN B 404 -66.58 -96.15 13.10
C GLN B 404 -66.01 -96.70 14.39
N LEU B 405 -66.49 -96.17 15.50
CA LEU B 405 -66.37 -96.82 16.82
C LEU B 405 -67.52 -97.82 16.96
N THR B 406 -67.20 -99.04 17.36
CA THR B 406 -68.15 -100.15 17.55
C THR B 406 -67.94 -100.66 18.98
N VAL B 407 -69.02 -100.73 19.74
CA VAL B 407 -69.01 -101.42 21.05
C VAL B 407 -69.88 -102.68 20.95
N ASN B 408 -69.31 -103.81 21.31
CA ASN B 408 -69.94 -105.16 21.18
C ASN B 408 -69.94 -105.84 22.54
N HIS B 409 -70.90 -106.73 22.76
CA HIS B 409 -70.99 -107.62 23.93
C HIS B 409 -71.27 -106.78 25.15
N MET B 410 -72.20 -105.82 25.02
CA MET B 410 -72.60 -105.05 26.21
C MET B 410 -73.61 -105.88 27.03
N ASN B 411 -73.26 -106.15 28.28
CA ASN B 411 -74.16 -106.87 29.22
C ASN B 411 -74.32 -105.98 30.45
N LEU B 412 -75.53 -105.48 30.66
CA LEU B 412 -75.80 -104.50 31.75
C LEU B 412 -77.16 -104.81 32.38
N GLY B 413 -77.14 -105.19 33.65
CA GLY B 413 -78.31 -105.37 34.51
C GLY B 413 -78.39 -104.25 35.53
N GLN B 414 -79.02 -104.55 36.65
CA GLN B 414 -79.38 -103.58 37.70
C GLN B 414 -78.11 -102.86 38.18
N ASP B 415 -78.11 -101.52 38.09
CA ASP B 415 -77.06 -100.57 38.57
C ASP B 415 -75.73 -100.83 37.85
N GLN B 416 -75.74 -101.44 36.67
CA GLN B 416 -74.49 -101.61 35.88
C GLN B 416 -74.43 -100.52 34.79
N GLU B 417 -73.30 -99.83 34.66
CA GLU B 417 -73.12 -98.74 33.67
C GLU B 417 -71.71 -98.84 33.11
N VAL B 418 -71.50 -98.60 31.83
CA VAL B 418 -70.12 -98.42 31.30
C VAL B 418 -70.01 -97.06 30.65
N GLN B 419 -68.78 -96.55 30.61
CA GLN B 419 -68.37 -95.34 29.87
C GLN B 419 -67.32 -95.73 28.83
N ILE B 420 -67.55 -95.33 27.59
CA ILE B 420 -66.53 -95.47 26.53
C ILE B 420 -66.01 -94.07 26.22
N HIS B 421 -64.71 -93.90 26.19
CA HIS B 421 -64.01 -92.62 25.93
C HIS B 421 -63.15 -92.74 24.69
N TYR B 422 -63.18 -91.73 23.82
CA TYR B 422 -62.32 -91.60 22.64
C TYR B 422 -62.14 -90.12 22.36
N GLN B 423 -61.30 -89.82 21.40
CA GLN B 423 -60.98 -88.40 21.07
C GLN B 423 -61.01 -88.24 19.56
N VAL B 424 -61.45 -87.07 19.11
CA VAL B 424 -61.59 -86.67 17.69
C VAL B 424 -61.03 -85.27 17.55
N ARG B 425 -60.58 -84.93 16.33
CA ARG B 425 -60.13 -83.60 15.95
C ARG B 425 -61.01 -83.11 14.82
N ILE B 426 -61.31 -81.82 14.84
CA ILE B 426 -62.00 -81.09 13.74
C ILE B 426 -60.95 -80.84 12.66
N LYS B 427 -61.33 -81.13 11.41
CA LYS B 427 -60.51 -80.96 10.20
C LYS B 427 -60.84 -79.57 9.64
N THR B 428 -60.07 -78.56 10.04
CA THR B 428 -60.21 -77.16 9.57
C THR B 428 -59.63 -76.96 8.18
N GLU B 429 -58.82 -77.87 7.65
CA GLU B 429 -58.08 -77.65 6.36
C GLU B 429 -58.92 -78.10 5.16
N ASP B 430 -59.97 -78.90 5.39
CA ASP B 430 -60.86 -79.37 4.31
C ASP B 430 -61.29 -78.15 3.48
N ALA B 431 -61.33 -78.31 2.16
CA ALA B 431 -61.92 -77.33 1.23
C ALA B 431 -63.40 -77.20 1.60
N GLY B 432 -63.94 -75.99 1.60
CA GLY B 432 -65.33 -75.73 2.01
C GLY B 432 -65.48 -75.54 3.50
N PHE B 433 -64.43 -75.75 4.33
CA PHE B 433 -64.55 -75.69 5.81
C PHE B 433 -64.94 -74.26 6.20
N LYS B 434 -66.00 -74.14 7.01
CA LYS B 434 -66.56 -72.89 7.54
C LYS B 434 -66.23 -72.78 9.03
N PRO B 435 -65.52 -71.71 9.42
CA PRO B 435 -65.29 -71.45 10.86
C PRO B 435 -66.55 -70.85 11.47
N ASP B 436 -66.64 -70.79 12.78
CA ASP B 436 -67.85 -70.34 13.50
C ASP B 436 -69.06 -71.15 13.00
N PHE B 437 -68.89 -72.41 12.63
CA PHE B 437 -69.96 -73.26 12.05
C PHE B 437 -70.00 -74.66 12.72
N TRP B 438 -71.16 -75.02 13.26
CA TRP B 438 -71.32 -76.32 13.96
C TRP B 438 -71.31 -77.49 12.98
N TYR B 439 -70.41 -78.45 13.18
CA TYR B 439 -70.35 -79.75 12.51
C TYR B 439 -70.60 -80.87 13.51
N GLN B 440 -71.46 -81.83 13.17
CA GLN B 440 -71.73 -83.01 14.02
C GLN B 440 -70.49 -83.89 14.11
N MET B 441 -70.14 -84.28 15.33
CA MET B 441 -68.98 -85.16 15.62
C MET B 441 -69.27 -86.59 15.24
N ASN B 442 -70.54 -86.96 15.09
CA ASN B 442 -70.93 -88.38 14.81
C ASN B 442 -71.97 -88.44 13.68
N GLY B 443 -71.97 -89.52 12.92
CA GLY B 443 -73.18 -89.92 12.21
C GLY B 443 -74.22 -90.48 13.16
N GLU B 444 -75.24 -91.17 12.65
CA GLU B 444 -76.32 -91.76 13.48
C GLU B 444 -75.63 -92.68 14.50
N THR B 445 -75.84 -92.46 15.80
CA THR B 445 -75.18 -93.23 16.90
C THR B 445 -76.25 -93.98 17.64
N LEU B 446 -76.19 -95.30 17.55
CA LEU B 446 -77.30 -96.22 17.92
C LEU B 446 -76.80 -97.16 19.00
N LEU B 447 -77.64 -97.34 20.00
CA LEU B 447 -77.58 -98.51 20.87
C LEU B 447 -78.61 -99.52 20.41
N THR B 448 -78.18 -100.73 20.09
CA THR B 448 -79.09 -101.88 19.89
C THR B 448 -79.00 -102.67 21.18
N PRO B 449 -79.97 -102.55 22.10
CA PRO B 449 -79.84 -103.09 23.43
C PRO B 449 -79.72 -104.62 23.50
N LYS B 450 -80.41 -105.35 22.64
CA LYS B 450 -80.26 -106.82 22.47
C LYS B 450 -80.69 -107.18 21.04
N ALA B 451 -80.18 -108.29 20.50
CA ALA B 451 -80.37 -108.73 19.10
C ALA B 451 -81.86 -108.64 18.74
N GLY B 452 -82.16 -107.89 17.65
CA GLY B 452 -83.53 -107.77 17.12
C GLY B 452 -84.36 -106.72 17.85
N ALA B 453 -83.81 -106.04 18.85
CA ALA B 453 -84.51 -104.91 19.50
C ALA B 453 -84.31 -103.71 18.57
N ALA B 454 -85.21 -102.75 18.67
CA ALA B 454 -85.14 -101.50 17.88
C ALA B 454 -83.99 -100.68 18.49
N ALA B 455 -83.14 -100.15 17.62
CA ALA B 455 -82.07 -99.21 17.98
C ALA B 455 -82.66 -97.93 18.57
N VAL B 456 -81.94 -97.31 19.49
CA VAL B 456 -82.26 -95.97 20.06
C VAL B 456 -81.07 -95.05 19.78
N ASP B 457 -81.34 -93.76 19.64
CA ASP B 457 -80.37 -92.73 19.20
C ASP B 457 -79.72 -92.06 20.41
N PHE B 458 -78.40 -92.08 20.45
CA PHE B 458 -77.62 -91.15 21.30
C PHE B 458 -77.82 -89.74 20.71
N GLY B 459 -77.71 -88.73 21.54
CA GLY B 459 -77.60 -87.32 21.15
C GLY B 459 -76.24 -86.97 20.60
N ILE B 460 -76.16 -86.48 19.38
CA ILE B 460 -74.87 -86.14 18.69
C ILE B 460 -74.43 -84.74 19.06
N PRO B 461 -73.23 -84.56 19.62
CA PRO B 461 -72.67 -83.24 19.83
C PRO B 461 -72.09 -82.63 18.56
N SER B 462 -71.92 -81.31 18.55
CA SER B 462 -71.35 -80.57 17.39
C SER B 462 -70.10 -79.84 17.85
N GLY B 463 -69.14 -79.74 16.94
CA GLY B 463 -67.94 -78.92 17.18
C GLY B 463 -67.81 -77.81 16.15
N ARG B 464 -66.89 -76.89 16.39
CA ARG B 464 -66.54 -75.85 15.41
C ARG B 464 -65.20 -75.26 15.80
N ALA B 465 -64.59 -74.54 14.88
CA ALA B 465 -63.36 -73.78 15.15
C ALA B 465 -63.70 -72.31 14.94
N PRO B 466 -63.22 -71.41 15.81
CA PRO B 466 -63.41 -69.98 15.60
C PRO B 466 -62.64 -69.44 14.38
N ALA B 467 -63.19 -68.41 13.76
CA ALA B 467 -62.52 -67.54 12.78
C ALA B 467 -61.48 -66.65 13.50
N THR B 468 -60.43 -66.29 12.79
CA THR B 468 -59.46 -65.24 13.20
C THR B 468 -59.28 -64.32 11.99
N THR B 469 -58.95 -63.03 12.19
CA THR B 469 -58.62 -62.09 11.10
C THR B 469 -57.12 -62.13 10.83
N VAL B 470 -56.74 -62.32 9.57
CA VAL B 470 -55.34 -62.20 9.08
C VAL B 470 -55.27 -60.92 8.22
N TYR B 471 -54.26 -60.09 8.47
CA TYR B 471 -53.96 -58.84 7.74
C TYR B 471 -52.83 -59.10 6.74
N VAL B 472 -52.98 -58.50 5.55
CA VAL B 472 -51.92 -58.55 4.49
C VAL B 472 -51.49 -57.11 4.18
N GLN B 473 -50.19 -56.84 4.27
CA GLN B 473 -49.58 -55.49 4.15
C GLN B 473 -48.53 -55.52 3.05
N LYS B 474 -48.69 -54.70 1.99
CA LYS B 474 -47.59 -54.43 1.03
C LYS B 474 -46.74 -53.26 1.58
N GLN B 475 -45.46 -53.52 1.81
CA GLN B 475 -44.44 -52.48 2.04
C GLN B 475 -43.73 -52.17 0.70
N TRP B 476 -43.81 -50.91 0.26
CA TRP B 476 -43.09 -50.41 -0.92
C TRP B 476 -41.84 -49.67 -0.47
N ARG B 477 -40.66 -50.04 -0.98
CA ARG B 477 -39.37 -49.39 -0.68
C ARG B 477 -38.72 -48.97 -2.00
N GLN B 478 -39.26 -47.88 -2.55
CA GLN B 478 -38.92 -47.23 -3.85
C GLN B 478 -37.56 -46.54 -3.79
N LEU B 479 -36.89 -46.41 -4.96
CA LEU B 479 -35.70 -45.56 -5.25
C LEU B 479 -35.99 -44.54 -6.37
N SER B 480 -36.83 -44.85 -7.34
CA SER B 480 -37.38 -43.89 -8.33
C SER B 480 -38.21 -42.88 -7.53
N ASN B 481 -38.59 -41.78 -8.17
CA ASN B 481 -39.79 -40.99 -7.78
C ASN B 481 -40.95 -41.31 -8.76
N GLN B 482 -40.92 -42.46 -9.43
CA GLN B 482 -42.07 -43.04 -10.19
C GLN B 482 -43.25 -43.21 -9.23
N SER B 483 -44.47 -42.84 -9.62
CA SER B 483 -45.72 -43.07 -8.84
C SER B 483 -46.06 -44.56 -8.92
N LEU B 484 -46.63 -45.12 -7.86
CA LEU B 484 -47.02 -46.56 -7.75
C LEU B 484 -48.37 -46.77 -8.39
N PRO B 485 -48.77 -48.02 -8.75
CA PRO B 485 -50.15 -48.24 -9.20
C PRO B 485 -51.10 -47.95 -8.03
N ASP B 486 -52.39 -47.78 -8.30
CA ASP B 486 -53.41 -47.48 -7.25
C ASP B 486 -53.79 -48.78 -6.53
N THR B 487 -53.63 -49.91 -7.21
CA THR B 487 -54.00 -51.24 -6.67
C THR B 487 -53.02 -52.29 -7.18
N LEU B 488 -52.96 -53.40 -6.45
CA LEU B 488 -52.12 -54.58 -6.76
C LEU B 488 -52.88 -55.84 -6.27
N ASN B 489 -53.07 -56.80 -7.16
CA ASN B 489 -53.70 -58.11 -6.86
C ASN B 489 -52.63 -59.04 -6.27
N VAL B 490 -52.84 -59.46 -5.03
CA VAL B 490 -51.98 -60.49 -4.36
C VAL B 490 -52.83 -61.76 -4.14
N THR B 491 -52.17 -62.91 -4.20
CA THR B 491 -52.70 -64.26 -3.93
C THR B 491 -52.04 -64.76 -2.65
N VAL B 492 -52.84 -65.04 -1.63
CA VAL B 492 -52.38 -65.66 -0.35
C VAL B 492 -52.60 -67.18 -0.44
N GLN B 493 -51.65 -67.94 0.04
CA GLN B 493 -51.76 -69.41 0.17
C GLN B 493 -51.37 -69.80 1.59
N ARG B 494 -51.65 -71.07 1.98
CA ARG B 494 -51.29 -71.52 3.34
C ARG B 494 -50.52 -72.82 3.29
N LYS B 495 -49.64 -72.97 4.29
CA LYS B 495 -48.99 -74.24 4.66
C LYS B 495 -49.95 -74.91 5.66
N VAL B 496 -50.33 -76.16 5.40
CA VAL B 496 -51.19 -76.99 6.32
C VAL B 496 -50.29 -77.65 7.39
N ALA B 497 -50.91 -78.35 8.35
CA ALA B 497 -50.26 -79.01 9.50
C ALA B 497 -49.13 -79.93 9.00
N ASP B 498 -49.44 -80.80 8.03
CA ASP B 498 -48.48 -81.73 7.37
C ASP B 498 -47.30 -80.96 6.68
N GLY B 499 -47.30 -79.63 6.56
CA GLY B 499 -46.12 -78.80 6.24
C GLY B 499 -46.14 -78.27 4.81
N SER B 500 -47.03 -78.85 3.99
CA SER B 500 -47.16 -78.64 2.52
C SER B 500 -48.03 -77.43 2.19
N LEU B 501 -47.89 -76.91 0.99
CA LEU B 501 -48.72 -75.80 0.48
C LEU B 501 -50.09 -76.34 0.08
N ASP B 502 -51.15 -75.83 0.70
CA ASP B 502 -52.54 -76.23 0.38
C ASP B 502 -52.81 -75.85 -1.08
N PRO B 503 -52.94 -76.86 -1.98
CA PRO B 503 -53.09 -76.61 -3.40
C PRO B 503 -54.51 -76.19 -3.86
N ASN B 504 -55.48 -76.21 -2.96
CA ASN B 504 -56.90 -75.84 -3.25
C ASN B 504 -57.19 -74.47 -2.65
N TRP B 505 -56.74 -74.24 -1.42
CA TRP B 505 -56.97 -72.98 -0.69
C TRP B 505 -56.08 -71.89 -1.27
N GLN B 506 -56.75 -70.80 -1.66
CA GLN B 506 -56.11 -69.53 -2.05
C GLN B 506 -57.05 -68.43 -1.62
N GLN B 507 -56.53 -67.24 -1.42
CA GLN B 507 -57.29 -66.04 -1.04
C GLN B 507 -56.67 -64.88 -1.82
N THR B 508 -57.37 -64.37 -2.82
CA THR B 508 -56.99 -63.22 -3.68
C THR B 508 -57.45 -61.95 -2.97
N LEU B 509 -56.58 -60.95 -2.90
CA LEU B 509 -56.86 -59.62 -2.29
C LEU B 509 -56.49 -58.54 -3.31
N VAL B 510 -57.18 -57.41 -3.20
CA VAL B 510 -56.81 -56.15 -3.91
C VAL B 510 -56.26 -55.20 -2.85
N LEU B 511 -54.94 -55.05 -2.78
CA LEU B 511 -54.28 -54.04 -1.88
C LEU B 511 -54.35 -52.69 -2.60
N LYS B 512 -54.73 -51.63 -1.87
CA LYS B 512 -55.05 -50.31 -2.48
C LYS B 512 -54.14 -49.24 -1.85
N LYS B 513 -53.60 -48.33 -2.67
CA LYS B 513 -52.85 -47.12 -2.22
C LYS B 513 -53.71 -46.37 -1.19
N ALA B 514 -54.98 -46.11 -1.55
CA ALA B 514 -56.01 -45.43 -0.71
C ALA B 514 -56.08 -46.03 0.70
N ASP B 515 -55.85 -47.35 0.82
CA ASP B 515 -56.04 -48.14 2.06
C ASP B 515 -54.70 -48.44 2.73
N ASN B 516 -53.65 -47.67 2.47
CA ASN B 516 -52.30 -47.91 3.05
C ASN B 516 -51.80 -49.30 2.63
N TRP B 517 -52.24 -49.83 1.49
CA TRP B 517 -51.77 -51.13 0.94
C TRP B 517 -52.10 -52.32 1.88
N LYS B 518 -53.07 -52.14 2.78
CA LYS B 518 -53.47 -53.14 3.78
C LYS B 518 -54.87 -53.66 3.47
N ALA B 519 -55.04 -54.98 3.45
CA ALA B 519 -56.33 -55.67 3.38
C ALA B 519 -56.39 -56.72 4.49
N SER B 520 -57.51 -57.44 4.60
CA SER B 520 -57.67 -58.51 5.60
C SER B 520 -58.58 -59.60 5.05
N PHE B 521 -58.39 -60.83 5.56
CA PHE B 521 -59.31 -61.96 5.34
C PHE B 521 -59.56 -62.67 6.66
N THR B 522 -60.65 -63.42 6.72
CA THR B 522 -60.97 -64.29 7.86
C THR B 522 -60.65 -65.73 7.46
N ALA B 523 -60.22 -66.53 8.43
CA ALA B 523 -59.91 -67.94 8.24
C ALA B 523 -59.99 -68.67 9.58
N PRO B 524 -59.88 -70.02 9.59
CA PRO B 524 -59.84 -70.77 10.82
C PRO B 524 -58.66 -70.32 11.66
N ALA B 525 -58.85 -70.20 12.96
CA ALA B 525 -57.81 -69.79 13.90
C ALA B 525 -56.74 -70.87 13.97
N TYR B 526 -57.02 -72.11 13.59
CA TYR B 526 -56.06 -73.24 13.76
C TYR B 526 -56.29 -74.32 12.71
N ASN B 527 -55.24 -75.10 12.49
CA ASN B 527 -55.15 -76.14 11.44
C ASN B 527 -55.57 -77.46 12.07
N ASN B 528 -55.31 -78.56 11.38
CA ASN B 528 -55.75 -79.92 11.74
C ASN B 528 -55.04 -80.39 13.01
N GLN B 529 -53.96 -79.73 13.44
CA GLN B 529 -53.16 -80.09 14.65
C GLN B 529 -53.40 -79.04 15.73
N GLY B 530 -54.31 -78.11 15.52
CA GLY B 530 -54.68 -77.11 16.53
C GLY B 530 -53.66 -75.98 16.61
N GLN B 531 -52.83 -75.83 15.58
CA GLN B 531 -51.77 -74.81 15.54
C GLN B 531 -52.11 -73.76 14.51
N SER B 532 -51.59 -72.56 14.67
CA SER B 532 -51.87 -71.37 13.81
C SER B 532 -51.35 -71.66 12.40
N PHE B 533 -52.08 -71.26 11.38
CA PHE B 533 -51.66 -71.45 9.98
C PHE B 533 -50.41 -70.58 9.72
N SER B 534 -49.53 -71.06 8.83
CA SER B 534 -48.47 -70.29 8.12
C SER B 534 -49.01 -69.80 6.78
N TYR B 535 -49.02 -68.48 6.54
CA TYR B 535 -49.46 -67.87 5.25
C TYR B 535 -48.24 -67.47 4.38
N VAL B 536 -48.41 -67.53 3.04
CA VAL B 536 -47.44 -66.99 2.06
C VAL B 536 -48.22 -66.14 1.04
N VAL B 537 -47.61 -65.10 0.49
CA VAL B 537 -48.31 -64.19 -0.47
C VAL B 537 -47.41 -63.89 -1.65
N LYS B 538 -47.98 -63.81 -2.84
CA LYS B 538 -47.22 -63.40 -4.06
C LYS B 538 -48.06 -62.38 -4.82
N SER B 539 -47.44 -61.33 -5.32
CA SER B 539 -48.08 -60.31 -6.18
C SER B 539 -48.15 -60.86 -7.60
N GLU B 540 -49.05 -60.34 -8.41
CA GLU B 540 -49.27 -60.79 -9.84
C GLU B 540 -49.13 -59.56 -10.75
N ASP B 546 -44.93 -52.33 -13.76
CA ASP B 546 -43.73 -53.18 -13.98
C ASP B 546 -43.06 -53.41 -12.62
N LEU B 547 -43.07 -54.65 -12.12
CA LEU B 547 -42.53 -55.01 -10.79
C LEU B 547 -41.10 -55.54 -10.94
N SER B 548 -40.57 -55.56 -12.17
CA SER B 548 -39.28 -56.19 -12.53
C SER B 548 -38.13 -55.56 -11.73
N SER B 549 -38.20 -54.25 -11.45
CA SER B 549 -37.15 -53.45 -10.76
C SER B 549 -37.18 -53.66 -9.23
N PHE B 550 -38.21 -54.34 -8.75
CA PHE B 550 -38.47 -54.61 -7.31
C PHE B 550 -38.17 -56.06 -6.98
N ILE B 551 -37.47 -56.31 -5.87
CA ILE B 551 -37.22 -57.67 -5.33
C ILE B 551 -38.07 -57.81 -4.07
N SER B 552 -38.91 -58.84 -4.04
CA SER B 552 -39.89 -59.12 -2.97
C SER B 552 -39.26 -60.04 -1.93
N SER B 553 -39.46 -59.71 -0.66
CA SER B 553 -39.33 -60.63 0.50
C SER B 553 -40.70 -60.64 1.20
N GLN B 554 -40.93 -61.63 2.05
CA GLN B 554 -42.22 -61.69 2.77
C GLN B 554 -41.98 -62.33 4.13
N ASN B 555 -42.73 -61.87 5.12
CA ASN B 555 -42.69 -62.40 6.50
C ASN B 555 -44.13 -62.51 7.05
N MET B 556 -44.45 -63.62 7.72
CA MET B 556 -45.69 -63.80 8.53
C MET B 556 -45.34 -63.54 9.99
N ASP B 557 -45.79 -62.42 10.55
CA ASP B 557 -45.65 -62.10 11.98
C ASP B 557 -46.91 -62.61 12.69
N GLN B 558 -46.78 -63.69 13.49
CA GLN B 558 -47.90 -64.34 14.24
C GLN B 558 -48.46 -63.40 15.31
N GLN B 559 -47.66 -62.53 15.89
CA GLN B 559 -48.01 -61.72 17.08
C GLN B 559 -48.99 -60.62 16.65
N THR B 560 -48.92 -60.19 15.41
CA THR B 560 -49.67 -59.01 14.88
C THR B 560 -50.69 -59.53 13.85
N ALA B 561 -50.66 -60.84 13.58
CA ALA B 561 -51.45 -61.53 12.54
C ALA B 561 -51.33 -60.80 11.19
N THR B 562 -50.13 -60.37 10.83
CA THR B 562 -49.87 -59.60 9.58
C THR B 562 -48.82 -60.33 8.74
N LEU B 563 -49.20 -60.62 7.51
CA LEU B 563 -48.34 -61.10 6.41
C LEU B 563 -47.90 -59.87 5.63
N THR B 564 -46.63 -59.46 5.74
CA THR B 564 -46.08 -58.27 5.04
C THR B 564 -45.27 -58.73 3.82
N LEU B 565 -45.68 -58.27 2.64
CA LEU B 565 -44.94 -58.43 1.38
C LEU B 565 -44.13 -57.15 1.12
N THR B 566 -42.82 -57.23 1.11
CA THR B 566 -41.89 -56.07 0.94
C THR B 566 -41.36 -56.04 -0.49
N ASN B 567 -41.67 -54.96 -1.21
CA ASN B 567 -41.16 -54.62 -2.55
C ASN B 567 -39.98 -53.65 -2.40
N GLN B 568 -38.74 -54.12 -2.54
CA GLN B 568 -37.47 -53.37 -2.33
C GLN B 568 -36.79 -53.09 -3.66
N GLN B 569 -36.59 -51.82 -4.01
CA GLN B 569 -35.73 -51.42 -5.17
C GLN B 569 -34.26 -51.36 -4.73
N TYR B 570 -33.39 -51.76 -5.63
CA TYR B 570 -31.94 -51.77 -5.42
C TYR B 570 -31.38 -50.74 -6.38
N GLY B 571 -30.36 -49.99 -5.95
CA GLY B 571 -29.90 -48.79 -6.65
C GLY B 571 -28.40 -48.72 -6.73
N PHE B 572 -27.94 -48.10 -7.83
CA PHE B 572 -26.52 -47.88 -8.13
C PHE B 572 -26.29 -46.38 -8.24
N GLN B 573 -25.15 -45.93 -7.76
CA GLN B 573 -24.74 -44.52 -7.76
C GLN B 573 -23.22 -44.50 -7.70
N PHE B 574 -22.60 -43.39 -8.04
CA PHE B 574 -21.11 -43.28 -7.95
C PHE B 574 -20.75 -41.90 -7.41
N GLN B 575 -19.54 -41.87 -6.82
CA GLN B 575 -18.87 -40.64 -6.39
C GLN B 575 -17.55 -40.57 -7.14
N LYS B 576 -17.24 -39.41 -7.72
CA LYS B 576 -15.99 -39.17 -8.46
C LYS B 576 -14.98 -38.45 -7.56
N LYS B 577 -13.77 -38.93 -7.47
CA LYS B 577 -12.73 -38.34 -6.60
C LYS B 577 -11.47 -38.10 -7.44
N THR B 578 -10.56 -37.28 -6.94
CA THR B 578 -9.21 -37.04 -7.52
C THR B 578 -8.14 -37.62 -6.56
N THR B 579 -7.07 -38.21 -7.09
CA THR B 579 -5.86 -38.62 -6.32
C THR B 579 -5.22 -37.38 -5.69
N ASP B 580 -5.14 -36.31 -6.47
CA ASP B 580 -4.61 -34.95 -6.13
C ASP B 580 -5.30 -34.40 -4.87
N GLY B 581 -6.50 -34.88 -4.48
CA GLY B 581 -7.30 -34.31 -3.37
C GLY B 581 -8.11 -33.07 -3.77
N THR B 582 -7.98 -32.61 -5.01
CA THR B 582 -8.73 -31.49 -5.63
C THR B 582 -10.24 -31.74 -5.61
N ASP B 583 -11.04 -30.73 -5.24
CA ASP B 583 -12.51 -30.80 -5.42
C ASP B 583 -12.78 -30.58 -6.91
N LEU B 584 -13.74 -31.30 -7.48
CA LEU B 584 -14.09 -31.15 -8.91
C LEU B 584 -15.20 -30.11 -9.02
N SER B 585 -15.06 -29.16 -9.94
CA SER B 585 -16.01 -28.04 -10.17
C SER B 585 -17.16 -28.50 -11.06
N ALA B 586 -18.31 -27.85 -10.95
CA ALA B 586 -19.47 -28.05 -11.82
C ALA B 586 -18.99 -28.18 -13.28
N ASP B 587 -18.08 -27.31 -13.75
CA ASP B 587 -17.64 -27.25 -15.18
C ASP B 587 -16.74 -28.46 -15.50
N GLN B 588 -15.95 -28.93 -14.54
CA GLN B 588 -15.12 -30.15 -14.76
C GLN B 588 -15.99 -31.40 -14.84
N LEU B 589 -17.09 -31.48 -14.08
CA LEU B 589 -18.01 -32.66 -14.12
C LEU B 589 -18.82 -32.69 -15.43
N LYS B 590 -18.92 -31.54 -16.11
CA LYS B 590 -19.63 -31.39 -17.40
C LYS B 590 -18.86 -32.16 -18.47
N ALA B 591 -17.55 -31.97 -18.49
CA ALA B 591 -16.63 -32.64 -19.43
C ALA B 591 -16.73 -34.15 -19.28
N MET B 592 -17.05 -34.66 -18.07
CA MET B 592 -16.93 -36.11 -17.79
C MET B 592 -18.25 -36.86 -18.03
N GLN B 593 -18.11 -38.13 -18.37
CA GLN B 593 -19.21 -39.07 -18.64
C GLN B 593 -18.90 -40.42 -18.04
N PHE B 594 -19.89 -41.01 -17.35
CA PHE B 594 -19.95 -42.43 -16.94
C PHE B 594 -21.11 -43.12 -17.65
N ASN B 595 -20.88 -44.32 -18.20
CA ASN B 595 -21.93 -45.14 -18.86
C ASN B 595 -22.18 -46.40 -18.03
N LEU B 596 -23.44 -46.65 -17.72
CA LEU B 596 -23.91 -47.89 -17.07
C LEU B 596 -24.52 -48.75 -18.17
N THR B 597 -23.95 -49.93 -18.36
CA THR B 597 -24.31 -50.87 -19.43
C THR B 597 -24.95 -52.09 -18.74
N GLN B 598 -26.08 -52.56 -19.27
CA GLN B 598 -26.67 -53.84 -18.86
C GLN B 598 -26.22 -54.88 -19.91
N TYR B 599 -25.92 -56.11 -19.48
CA TYR B 599 -25.53 -57.24 -20.37
C TYR B 599 -26.61 -58.33 -20.27
N SER B 600 -26.75 -59.13 -21.31
CA SER B 600 -27.61 -60.34 -21.37
C SER B 600 -27.25 -61.41 -20.31
N ASP B 601 -25.99 -61.54 -19.93
CA ASP B 601 -25.52 -62.73 -19.18
C ASP B 601 -24.13 -62.46 -18.54
N ASN B 602 -23.60 -63.43 -17.77
CA ASN B 602 -22.39 -63.26 -16.91
C ASN B 602 -21.07 -63.34 -17.71
N SER B 603 -21.12 -63.43 -19.04
CA SER B 603 -19.92 -63.30 -19.91
C SER B 603 -19.65 -61.82 -20.21
N PHE B 604 -20.66 -60.95 -20.05
CA PHE B 604 -20.57 -59.48 -20.23
C PHE B 604 -20.11 -59.15 -21.67
N GLN B 605 -20.59 -59.91 -22.65
CA GLN B 605 -20.21 -59.72 -24.07
C GLN B 605 -21.24 -58.81 -24.75
N GLN B 606 -22.51 -59.24 -24.83
CA GLN B 606 -23.58 -58.53 -25.60
C GLN B 606 -24.17 -57.42 -24.71
N ALA B 607 -23.76 -56.17 -24.90
CA ALA B 607 -24.38 -54.96 -24.32
C ALA B 607 -25.83 -54.81 -24.79
N SER B 608 -26.81 -54.96 -23.92
CA SER B 608 -28.25 -54.95 -24.28
C SER B 608 -28.85 -53.56 -24.00
N LYS B 609 -28.36 -52.86 -22.95
CA LYS B 609 -28.69 -51.44 -22.66
C LYS B 609 -27.43 -50.64 -22.35
N THR B 610 -27.46 -49.35 -22.65
CA THR B 610 -26.43 -48.34 -22.29
C THR B 610 -27.19 -47.06 -21.90
N ASN B 611 -26.74 -46.40 -20.85
CA ASN B 611 -27.34 -45.11 -20.47
C ASN B 611 -26.27 -44.40 -19.66
N ALA B 612 -26.18 -43.08 -19.81
CA ALA B 612 -25.24 -42.26 -19.02
C ALA B 612 -25.78 -42.16 -17.58
N ILE B 613 -24.87 -42.07 -16.62
CA ILE B 613 -25.19 -41.83 -15.20
C ILE B 613 -24.26 -40.73 -14.71
N THR B 614 -24.75 -39.88 -13.83
CA THR B 614 -24.05 -38.69 -13.32
C THR B 614 -23.83 -38.87 -11.81
N SER B 615 -22.99 -38.03 -11.23
CA SER B 615 -22.67 -38.08 -9.80
C SER B 615 -23.93 -37.78 -8.98
N THR B 616 -24.97 -37.23 -9.57
CA THR B 616 -26.25 -36.93 -8.84
C THR B 616 -27.35 -37.99 -9.05
N ASP B 617 -27.15 -38.94 -9.93
CA ASP B 617 -28.15 -40.02 -10.19
C ASP B 617 -28.10 -41.09 -9.07
N LEU B 618 -29.25 -41.70 -8.82
CA LEU B 618 -29.38 -43.00 -8.13
C LEU B 618 -30.25 -43.89 -9.00
N GLN B 619 -29.68 -44.76 -9.80
CA GLN B 619 -30.39 -45.54 -10.83
C GLN B 619 -30.89 -46.83 -10.21
N ALA B 620 -32.19 -47.04 -10.23
CA ALA B 620 -32.87 -48.27 -9.75
C ALA B 620 -32.50 -49.37 -10.75
N LEU B 621 -32.01 -50.52 -10.27
CA LEU B 621 -31.55 -51.65 -11.12
C LEU B 621 -32.45 -52.85 -10.89
N ALA B 622 -32.87 -53.49 -11.97
CA ALA B 622 -33.52 -54.81 -11.96
C ALA B 622 -32.41 -55.84 -11.78
N PRO B 623 -32.70 -57.02 -11.22
CA PRO B 623 -31.71 -58.09 -11.22
C PRO B 623 -31.13 -58.20 -12.65
N GLY B 624 -29.82 -58.29 -12.76
CA GLY B 624 -29.19 -58.27 -14.09
C GLY B 624 -27.68 -58.11 -13.96
N TYR B 625 -27.00 -58.15 -15.12
CA TYR B 625 -25.53 -58.03 -15.26
C TYR B 625 -25.24 -56.65 -15.81
N TYR B 626 -24.30 -55.95 -15.21
CA TYR B 626 -24.05 -54.52 -15.51
C TYR B 626 -22.54 -54.28 -15.55
N GLY B 627 -22.18 -53.16 -16.20
CA GLY B 627 -20.82 -52.61 -16.25
C GLY B 627 -20.87 -51.11 -16.03
N ILE B 628 -19.83 -50.57 -15.41
CA ILE B 628 -19.69 -49.10 -15.19
C ILE B 628 -18.31 -48.67 -15.69
N GLN B 629 -18.30 -47.64 -16.52
CA GLN B 629 -17.13 -47.16 -17.27
C GLN B 629 -17.12 -45.63 -17.32
N GLU B 630 -15.99 -45.05 -16.95
CA GLU B 630 -15.63 -43.66 -17.29
C GLU B 630 -15.39 -43.63 -18.80
N ALA B 631 -16.18 -42.87 -19.52
CA ALA B 631 -16.10 -42.71 -20.99
C ALA B 631 -15.31 -41.44 -21.35
N ALA B 632 -15.29 -40.46 -20.45
CA ALA B 632 -14.55 -39.20 -20.62
C ALA B 632 -14.23 -38.68 -19.23
N ALA B 633 -13.01 -38.24 -19.00
CA ALA B 633 -12.52 -37.83 -17.67
C ALA B 633 -12.99 -36.39 -17.48
N PRO B 634 -13.07 -35.88 -16.23
CA PRO B 634 -13.27 -34.47 -16.00
C PRO B 634 -12.08 -33.67 -16.54
N THR B 635 -12.34 -32.48 -17.09
CA THR B 635 -11.32 -31.59 -17.71
C THR B 635 -10.10 -31.53 -16.77
N GLY B 636 -8.95 -31.93 -17.28
CA GLY B 636 -7.67 -31.80 -16.57
C GLY B 636 -7.25 -33.09 -15.92
N TYR B 637 -7.96 -34.20 -16.16
CA TYR B 637 -7.63 -35.51 -15.52
C TYR B 637 -7.48 -36.58 -16.60
N GLN B 638 -6.81 -37.67 -16.23
CA GLN B 638 -6.53 -38.81 -17.13
C GLN B 638 -7.76 -39.72 -17.18
N LEU B 639 -8.03 -40.25 -18.37
CA LEU B 639 -9.13 -41.21 -18.59
C LEU B 639 -8.62 -42.57 -18.13
N ASP B 640 -9.25 -43.13 -17.08
CA ASP B 640 -9.21 -44.57 -16.74
C ASP B 640 -10.53 -45.18 -17.24
N GLY B 641 -10.43 -45.86 -18.39
CA GLY B 641 -11.56 -46.45 -19.12
C GLY B 641 -11.85 -47.90 -18.71
N THR B 642 -11.37 -48.33 -17.53
CA THR B 642 -11.74 -49.63 -16.93
C THR B 642 -13.24 -49.69 -16.78
N THR B 643 -13.79 -50.81 -17.23
CA THR B 643 -15.20 -51.23 -17.07
C THR B 643 -15.30 -52.24 -15.93
N TYR B 644 -15.78 -51.82 -14.77
CA TYR B 644 -16.07 -52.69 -13.60
C TYR B 644 -17.43 -53.36 -13.80
N LEU B 645 -17.46 -54.66 -13.55
CA LEU B 645 -18.58 -55.57 -13.89
C LEU B 645 -19.20 -56.00 -12.57
N PHE B 646 -20.52 -55.92 -12.48
CA PHE B 646 -21.21 -56.33 -11.25
C PHE B 646 -22.57 -56.94 -11.62
N GLN B 647 -23.18 -57.58 -10.61
CA GLN B 647 -24.50 -58.25 -10.74
C GLN B 647 -25.34 -57.95 -9.49
N LEU B 648 -26.60 -57.64 -9.74
CA LEU B 648 -27.70 -57.74 -8.78
C LEU B 648 -28.42 -59.05 -9.07
N THR B 649 -28.33 -60.01 -8.15
CA THR B 649 -29.01 -61.35 -8.24
C THR B 649 -30.51 -61.16 -8.04
N SER B 650 -31.29 -62.21 -8.32
CA SER B 650 -32.77 -62.29 -8.15
C SER B 650 -33.17 -62.00 -6.70
N ASP B 651 -32.35 -62.38 -5.71
CA ASP B 651 -32.68 -62.19 -4.27
C ASP B 651 -31.94 -60.97 -3.69
N GLY B 652 -31.34 -60.12 -4.52
CA GLY B 652 -30.82 -58.81 -4.09
C GLY B 652 -29.41 -58.83 -3.51
N GLN B 653 -28.57 -59.79 -3.89
CA GLN B 653 -27.14 -59.85 -3.52
C GLN B 653 -26.39 -59.09 -4.61
N TRP B 654 -25.31 -58.39 -4.25
CA TRP B 654 -24.38 -57.72 -5.19
C TRP B 654 -23.14 -58.57 -5.35
N GLN B 655 -22.66 -58.74 -6.56
CA GLN B 655 -21.44 -59.53 -6.81
C GLN B 655 -20.52 -58.71 -7.70
N TYR B 656 -19.21 -58.74 -7.41
CA TYR B 656 -18.14 -58.19 -8.27
C TYR B 656 -17.73 -59.26 -9.30
N HIS B 657 -17.71 -58.92 -10.58
CA HIS B 657 -17.36 -59.85 -11.69
C HIS B 657 -16.08 -59.40 -12.41
N GLY B 658 -15.24 -58.59 -11.76
CA GLY B 658 -13.96 -58.11 -12.32
C GLY B 658 -14.13 -56.96 -13.30
N THR B 659 -13.24 -56.90 -14.31
CA THR B 659 -13.26 -55.88 -15.40
C THR B 659 -13.53 -56.56 -16.75
N LYS B 660 -13.73 -55.81 -17.84
CA LYS B 660 -14.03 -56.38 -19.19
C LYS B 660 -12.77 -57.07 -19.74
N ASP B 661 -11.59 -56.61 -19.31
CA ASP B 661 -10.27 -57.25 -19.56
C ASP B 661 -10.18 -58.60 -18.81
N ASN B 662 -10.88 -58.75 -17.67
CA ASN B 662 -10.63 -59.85 -16.70
C ASN B 662 -11.91 -60.21 -15.96
N VAL B 663 -12.77 -61.00 -16.63
CA VAL B 663 -14.10 -61.41 -16.12
C VAL B 663 -13.92 -62.58 -15.13
N THR B 664 -14.38 -62.41 -13.89
CA THR B 664 -14.33 -63.44 -12.82
C THR B 664 -15.72 -64.10 -12.75
N SER B 665 -15.81 -65.18 -11.97
CA SER B 665 -17.03 -66.01 -11.76
C SER B 665 -18.08 -65.21 -10.97
N GLY B 666 -17.64 -64.15 -10.29
CA GLY B 666 -18.50 -63.38 -9.39
C GLY B 666 -18.22 -63.77 -7.95
N SER B 667 -17.87 -62.79 -7.14
CA SER B 667 -17.69 -62.88 -5.67
C SER B 667 -18.69 -61.93 -5.01
N VAL B 668 -19.31 -62.35 -3.91
CA VAL B 668 -20.37 -61.53 -3.26
C VAL B 668 -19.70 -60.31 -2.61
N ILE B 669 -20.21 -59.12 -2.86
CA ILE B 669 -19.71 -57.86 -2.24
C ILE B 669 -20.31 -57.78 -0.83
N ASN B 670 -19.44 -57.90 0.16
CA ASN B 670 -19.76 -57.82 1.60
C ASN B 670 -19.16 -56.54 2.14
N GLY B 671 -20.02 -55.53 2.29
CA GLY B 671 -19.63 -54.21 2.79
C GLY B 671 -18.87 -53.39 1.76
N GLN B 672 -17.54 -53.55 1.70
CA GLN B 672 -16.66 -52.94 0.69
C GLN B 672 -15.98 -54.04 -0.15
N GLN B 673 -15.78 -53.78 -1.43
CA GLN B 673 -14.91 -54.53 -2.35
C GLN B 673 -13.88 -53.57 -2.99
N THR B 674 -12.60 -53.76 -2.71
CA THR B 674 -11.51 -52.94 -3.27
C THR B 674 -11.30 -53.36 -4.72
N LEU B 675 -11.09 -52.36 -5.58
CA LEU B 675 -10.95 -52.55 -7.04
C LEU B 675 -9.53 -52.14 -7.46
N ASN B 676 -9.33 -51.72 -8.70
CA ASN B 676 -8.00 -51.44 -9.30
C ASN B 676 -7.41 -50.17 -8.71
N PRO B 677 -6.08 -50.11 -8.54
CA PRO B 677 -5.42 -48.89 -8.04
C PRO B 677 -5.39 -47.81 -9.15
N VAL B 678 -5.62 -46.55 -8.72
CA VAL B 678 -5.45 -45.34 -9.54
C VAL B 678 -4.43 -44.49 -8.79
N GLY B 679 -3.21 -44.38 -9.33
CA GLY B 679 -2.04 -43.70 -8.70
C GLY B 679 -1.92 -44.03 -7.21
N ASP B 680 -2.21 -43.04 -6.37
CA ASP B 680 -2.06 -43.01 -4.89
C ASP B 680 -3.21 -43.75 -4.18
N LYS B 681 -4.30 -44.06 -4.88
CA LYS B 681 -5.59 -44.49 -4.26
C LYS B 681 -6.10 -45.77 -4.94
N SER B 682 -7.22 -46.26 -4.45
CA SER B 682 -7.89 -47.46 -5.02
C SER B 682 -9.38 -47.17 -5.20
N ASP B 683 -9.92 -47.62 -6.33
CA ASP B 683 -11.38 -47.59 -6.62
C ASP B 683 -12.03 -48.60 -5.67
N ASP B 684 -13.27 -48.39 -5.28
CA ASP B 684 -13.99 -49.35 -4.43
C ASP B 684 -15.47 -49.42 -4.83
N PHE B 685 -16.06 -50.61 -4.60
CA PHE B 685 -17.53 -50.78 -4.47
C PHE B 685 -17.85 -50.81 -2.98
N THR B 686 -18.88 -50.09 -2.54
CA THR B 686 -19.38 -50.15 -1.15
C THR B 686 -20.87 -50.34 -1.18
N VAL B 687 -21.36 -51.25 -0.39
CA VAL B 687 -22.80 -51.55 -0.21
C VAL B 687 -23.25 -50.92 1.10
N THR B 688 -24.35 -50.20 1.04
CA THR B 688 -24.90 -49.47 2.20
C THR B 688 -26.42 -49.63 2.13
N GLY B 689 -27.09 -49.02 3.11
CA GLY B 689 -28.54 -49.16 3.25
C GLY B 689 -28.92 -50.23 4.26
N ASP B 690 -30.07 -50.02 4.91
CA ASP B 690 -30.64 -50.88 5.96
C ASP B 690 -30.81 -52.28 5.38
N HIS B 691 -31.04 -52.43 4.07
CA HIS B 691 -31.25 -53.75 3.42
C HIS B 691 -30.22 -54.01 2.32
N GLN B 692 -29.03 -53.43 2.44
CA GLN B 692 -27.90 -53.69 1.52
C GLN B 692 -28.36 -53.38 0.10
N GLN B 693 -29.18 -52.33 -0.04
CA GLN B 693 -29.90 -52.03 -1.31
C GLN B 693 -29.15 -50.96 -2.15
N ILE B 694 -28.10 -50.33 -1.64
CA ILE B 694 -27.33 -49.30 -2.43
C ILE B 694 -25.92 -49.80 -2.72
N LEU B 695 -25.52 -49.84 -3.99
CA LEU B 695 -24.12 -50.10 -4.40
C LEU B 695 -23.58 -48.78 -4.91
N THR B 696 -22.46 -48.34 -4.35
CA THR B 696 -21.75 -47.09 -4.69
C THR B 696 -20.38 -47.45 -5.25
N LEU B 697 -20.06 -46.99 -6.47
CA LEU B 697 -18.67 -46.97 -7.01
C LEU B 697 -18.02 -45.67 -6.55
N THR B 698 -16.84 -45.77 -5.92
CA THR B 698 -15.93 -44.62 -5.74
C THR B 698 -14.87 -44.73 -6.83
N LYS B 699 -14.84 -43.78 -7.75
CA LYS B 699 -13.88 -43.78 -8.88
C LYS B 699 -12.90 -42.64 -8.71
N TYR B 700 -11.60 -42.93 -8.77
CA TYR B 700 -10.53 -41.92 -8.61
C TYR B 700 -10.09 -41.49 -10.00
N ASP B 701 -9.67 -40.23 -10.13
CA ASP B 701 -9.08 -39.64 -11.35
C ASP B 701 -7.68 -39.11 -10.99
N GLU B 702 -6.64 -39.52 -11.73
CA GLU B 702 -5.28 -38.91 -11.70
C GLU B 702 -5.27 -37.62 -12.50
N PRO B 703 -4.70 -36.51 -11.96
CA PRO B 703 -4.56 -35.27 -12.73
C PRO B 703 -3.54 -35.42 -13.87
N LYS B 704 -3.76 -34.65 -14.95
CA LYS B 704 -2.80 -34.48 -16.07
C LYS B 704 -1.85 -33.37 -15.63
N PRO B 705 -0.60 -33.36 -16.12
CA PRO B 705 0.31 -32.23 -15.87
C PRO B 705 -0.34 -30.92 -16.34
N SER B 706 -0.17 -29.85 -15.57
CA SER B 706 -0.64 -28.49 -15.93
C SER B 706 0.57 -27.58 -16.26
N MET B 707 0.27 -26.36 -16.71
CA MET B 707 1.23 -25.36 -17.22
C MET B 707 0.95 -24.03 -16.52
N THR B 708 2.00 -23.25 -16.25
CA THR B 708 1.93 -21.95 -15.55
C THR B 708 2.25 -20.85 -16.56
N LEU B 709 1.58 -19.69 -16.47
CA LEU B 709 1.78 -18.49 -17.34
C LEU B 709 2.38 -17.35 -16.49
N ARG B 710 3.54 -16.83 -16.92
CA ARG B 710 4.25 -15.69 -16.29
C ARG B 710 4.27 -14.51 -17.27
N VAL B 711 4.17 -13.27 -16.74
CA VAL B 711 4.49 -12.04 -17.52
C VAL B 711 5.75 -11.39 -16.94
N ILE B 712 6.72 -11.10 -17.81
CA ILE B 712 7.87 -10.17 -17.58
C ILE B 712 7.55 -8.88 -18.34
N LYS B 713 7.60 -7.73 -17.65
CA LYS B 713 7.41 -6.37 -18.26
C LYS B 713 8.74 -5.61 -18.26
N GLN B 714 8.99 -4.80 -19.30
CA GLN B 714 10.28 -4.09 -19.54
C GLN B 714 10.04 -2.77 -20.29
N ASP B 715 10.94 -1.80 -20.11
CA ASP B 715 11.06 -0.53 -20.89
C ASP B 715 11.92 -0.80 -22.13
N ASN B 716 12.07 0.20 -23.01
CA ASN B 716 12.88 0.10 -24.26
C ASN B 716 14.37 0.05 -23.87
N GLN B 717 14.71 0.58 -22.69
CA GLN B 717 16.11 0.71 -22.18
C GLN B 717 16.53 -0.53 -21.35
N SER B 718 15.84 -1.68 -21.49
CA SER B 718 16.19 -2.98 -20.86
C SER B 718 16.28 -2.87 -19.33
N GLN B 719 15.19 -2.44 -18.67
CA GLN B 719 15.02 -2.46 -17.18
C GLN B 719 13.59 -2.93 -16.90
N TYR B 720 13.45 -3.96 -16.04
CA TYR B 720 12.17 -4.54 -15.59
C TYR B 720 11.27 -3.41 -15.04
N LEU B 721 10.08 -3.26 -15.64
CA LEU B 721 9.00 -2.33 -15.17
C LEU B 721 8.01 -3.10 -14.28
N ALA B 722 7.52 -2.48 -13.19
CA ALA B 722 6.47 -3.03 -12.30
C ALA B 722 5.17 -2.21 -12.45
N GLY B 723 4.05 -2.76 -11.96
CA GLY B 723 2.74 -2.08 -11.91
C GLY B 723 1.86 -2.41 -13.11
N ALA B 724 2.39 -3.00 -14.18
CA ALA B 724 1.62 -3.38 -15.40
C ALA B 724 0.67 -4.54 -15.05
N ALA B 725 -0.64 -4.35 -15.22
CA ALA B 725 -1.69 -5.36 -14.93
C ALA B 725 -2.10 -6.03 -16.24
N PHE B 726 -2.01 -7.37 -16.30
CA PHE B 726 -2.48 -8.22 -17.42
C PHE B 726 -3.61 -9.13 -16.90
N THR B 727 -4.59 -9.49 -17.73
CA THR B 727 -5.68 -10.45 -17.38
C THR B 727 -5.91 -11.45 -18.53
N LEU B 728 -6.14 -12.73 -18.19
CA LEU B 728 -6.45 -13.84 -19.14
C LEU B 728 -7.81 -14.45 -18.79
N GLN B 729 -8.58 -14.80 -19.83
CA GLN B 729 -9.96 -15.40 -19.81
C GLN B 729 -9.86 -16.92 -19.94
N PRO B 730 -10.08 -17.67 -18.82
CA PRO B 730 -9.91 -19.12 -18.77
C PRO B 730 -10.67 -19.90 -19.87
N SER B 731 -11.91 -19.50 -20.19
CA SER B 731 -12.77 -20.18 -21.20
C SER B 731 -12.88 -21.69 -20.88
N ALA B 735 -11.21 -15.71 -14.58
CA ALA B 735 -10.16 -14.75 -15.01
C ALA B 735 -9.41 -14.21 -13.78
N GLU B 736 -8.13 -13.83 -13.97
CA GLU B 736 -7.28 -13.17 -12.94
C GLU B 736 -6.59 -11.97 -13.61
N THR B 737 -6.35 -10.88 -12.84
CA THR B 737 -5.57 -9.68 -13.26
C THR B 737 -4.32 -9.59 -12.37
N ILE B 738 -3.11 -9.68 -12.95
CA ILE B 738 -1.81 -9.82 -12.21
C ILE B 738 -1.16 -8.44 -12.03
N THR B 739 0.13 -8.42 -11.64
CA THR B 739 0.95 -7.19 -11.41
C THR B 739 2.40 -7.41 -11.87
N SER B 740 2.89 -6.59 -12.81
CA SER B 740 4.25 -6.68 -13.41
C SER B 740 5.31 -6.43 -12.33
N SER B 741 6.53 -6.90 -12.55
CA SER B 741 7.65 -6.77 -11.58
C SER B 741 8.88 -6.15 -12.27
N ALA B 742 9.73 -5.47 -11.49
CA ALA B 742 11.04 -4.95 -11.93
C ALA B 742 12.11 -5.99 -11.59
N THR B 743 11.77 -7.29 -11.69
CA THR B 743 12.64 -8.45 -11.34
C THR B 743 12.73 -9.41 -12.54
N SER B 744 13.83 -10.17 -12.59
CA SER B 744 14.13 -11.23 -13.58
C SER B 744 13.08 -12.36 -13.51
N GLU B 745 12.51 -12.61 -12.32
CA GLU B 745 11.47 -13.63 -12.06
C GLU B 745 10.18 -13.28 -12.83
N GLY B 746 9.76 -12.00 -12.84
CA GLY B 746 8.41 -11.60 -13.30
C GLY B 746 7.34 -12.00 -12.29
N GLN B 747 6.09 -12.12 -12.73
CA GLN B 747 4.98 -12.64 -11.86
C GLN B 747 4.11 -13.62 -12.65
N ALA B 748 3.85 -14.76 -12.02
CA ALA B 748 2.99 -15.88 -12.50
C ALA B 748 1.55 -15.57 -12.13
N PHE B 749 0.59 -16.01 -12.96
CA PHE B 749 -0.83 -16.21 -12.55
C PHE B 749 -0.85 -17.38 -11.55
N ALA B 750 -1.80 -17.35 -10.62
CA ALA B 750 -2.18 -18.51 -9.77
C ALA B 750 -2.91 -19.55 -10.64
N THR B 751 -3.77 -19.10 -11.55
CA THR B 751 -4.52 -19.89 -12.57
C THR B 751 -3.60 -20.88 -13.30
N LYS B 752 -3.77 -22.19 -13.10
CA LYS B 752 -3.04 -23.25 -13.85
C LYS B 752 -3.79 -23.50 -15.17
N LEU B 753 -3.03 -23.67 -16.26
CA LEU B 753 -3.55 -23.96 -17.62
C LEU B 753 -3.55 -25.48 -17.80
N VAL B 754 -4.74 -26.09 -17.64
CA VAL B 754 -4.97 -27.56 -17.64
C VAL B 754 -4.96 -28.06 -19.09
N ALA B 755 -4.77 -29.37 -19.27
CA ALA B 755 -4.62 -30.01 -20.61
C ALA B 755 -5.86 -29.75 -21.50
N ASP B 756 -5.61 -29.35 -22.75
CA ASP B 756 -6.59 -29.11 -23.86
C ASP B 756 -7.35 -27.80 -23.65
N GLY B 757 -7.03 -27.03 -22.61
CA GLY B 757 -7.73 -25.79 -22.25
C GLY B 757 -7.47 -24.70 -23.27
N THR B 758 -8.42 -23.81 -23.47
CA THR B 758 -8.26 -22.68 -24.41
C THR B 758 -8.38 -21.39 -23.59
N TYR B 759 -7.35 -20.56 -23.68
CA TYR B 759 -7.18 -19.35 -22.84
C TYR B 759 -6.92 -18.16 -23.75
N THR B 760 -7.28 -16.99 -23.25
CA THR B 760 -6.96 -15.70 -23.87
C THR B 760 -6.49 -14.85 -22.71
N MET B 761 -5.54 -14.06 -22.97
CA MET B 761 -5.28 -13.01 -21.99
C MET B 761 -5.17 -11.68 -22.74
N SER B 762 -4.96 -10.51 -22.04
CA SER B 762 -4.47 -9.18 -22.55
C SER B 762 -3.90 -8.34 -21.39
N GLU B 763 -3.01 -7.39 -21.68
CA GLU B 763 -2.61 -6.31 -20.72
C GLU B 763 -3.69 -5.22 -20.74
N THR B 764 -4.60 -5.23 -19.75
CA THR B 764 -5.76 -4.29 -19.61
C THR B 764 -5.22 -2.87 -19.32
N LYS B 765 -4.54 -2.65 -18.19
CA LYS B 765 -3.89 -1.35 -17.81
C LYS B 765 -2.38 -1.45 -18.07
N ALA B 766 -1.81 -0.40 -18.67
CA ALA B 766 -0.38 -0.29 -19.06
C ALA B 766 0.43 0.15 -17.84
N PRO B 767 1.78 -0.04 -17.82
CA PRO B 767 2.64 0.51 -16.76
C PRO B 767 2.62 2.05 -16.81
N ASP B 768 1.54 2.62 -16.24
CA ASP B 768 1.22 4.07 -16.16
C ASP B 768 0.97 4.62 -17.58
N GLY B 769 0.70 3.75 -18.56
CA GLY B 769 0.25 4.13 -19.92
C GLY B 769 1.41 4.48 -20.85
N TYR B 770 2.50 3.69 -20.82
CA TYR B 770 3.68 3.84 -21.72
C TYR B 770 3.37 3.11 -23.04
N GLN B 771 2.65 3.79 -23.94
CA GLN B 771 2.43 3.48 -25.38
C GLN B 771 1.87 2.07 -25.61
N SER B 772 0.84 1.66 -24.84
CA SER B 772 0.26 0.28 -24.88
C SER B 772 -0.82 0.18 -25.96
N ASN B 773 -0.81 -0.93 -26.72
CA ASN B 773 -1.97 -1.49 -27.46
C ASN B 773 -2.28 -2.84 -26.81
N PRO B 774 -3.37 -2.97 -26.00
CA PRO B 774 -3.66 -4.24 -25.32
C PRO B 774 -4.00 -5.37 -26.31
N ALA B 775 -2.97 -6.04 -26.83
CA ALA B 775 -3.07 -7.17 -27.79
C ALA B 775 -3.61 -8.42 -27.08
N LYS B 776 -4.23 -9.33 -27.86
CA LYS B 776 -4.92 -10.57 -27.40
C LYS B 776 -3.99 -11.78 -27.60
N ILE B 777 -3.53 -12.40 -26.49
CA ILE B 777 -2.67 -13.62 -26.47
C ILE B 777 -3.58 -14.85 -26.37
N ALA B 778 -3.50 -15.75 -27.35
CA ALA B 778 -4.34 -16.98 -27.44
C ALA B 778 -3.48 -18.22 -27.16
N ILE B 779 -3.87 -19.00 -26.13
CA ILE B 779 -3.13 -20.21 -25.64
C ILE B 779 -4.06 -21.43 -25.77
N GLN B 780 -3.74 -22.33 -26.70
CA GLN B 780 -4.35 -23.69 -26.79
C GLN B 780 -3.39 -24.71 -26.12
N VAL B 781 -3.77 -25.27 -24.98
CA VAL B 781 -2.95 -26.30 -24.27
C VAL B 781 -3.16 -27.64 -24.99
N ALA B 782 -2.10 -28.43 -25.13
CA ALA B 782 -2.04 -29.70 -25.89
C ALA B 782 -2.62 -30.84 -25.03
N THR B 783 -2.71 -32.04 -25.63
CA THR B 783 -3.38 -33.25 -25.08
C THR B 783 -2.70 -33.73 -23.80
N THR B 784 -1.37 -33.79 -23.77
CA THR B 784 -0.55 -34.21 -22.62
C THR B 784 -0.72 -33.17 -21.51
N GLY B 785 -0.87 -31.90 -21.87
CA GLY B 785 -0.80 -30.78 -20.92
C GLY B 785 0.65 -30.43 -20.62
N LYS B 786 1.59 -30.88 -21.46
CA LYS B 786 3.05 -30.60 -21.33
C LYS B 786 3.50 -29.54 -22.35
N GLU B 787 2.71 -29.30 -23.39
CA GLU B 787 3.04 -28.35 -24.48
C GLU B 787 1.84 -27.42 -24.70
N ALA B 788 2.07 -26.27 -25.35
CA ALA B 788 1.02 -25.30 -25.69
C ALA B 788 1.38 -24.53 -26.96
N THR B 789 0.35 -24.20 -27.76
CA THR B 789 0.38 -23.37 -29.00
C THR B 789 -0.10 -21.97 -28.60
N VAL B 790 0.67 -20.94 -28.99
CA VAL B 790 0.34 -19.51 -28.72
C VAL B 790 0.23 -18.76 -30.05
N THR B 791 -0.81 -17.94 -30.18
CA THR B 791 -0.97 -16.95 -31.30
C THR B 791 -1.16 -15.56 -30.69
N ASP B 793 -1.53 -12.80 -31.88
CA ASP B 793 -2.93 -12.45 -32.21
C ASP B 793 -3.30 -13.00 -33.60
N GLY B 794 -3.99 -14.14 -33.66
CA GLY B 794 -4.39 -14.80 -34.93
C GLY B 794 -3.21 -15.36 -35.72
N GLU B 795 -1.95 -14.94 -35.48
CA GLU B 795 -0.75 -15.43 -36.20
C GLU B 795 0.08 -16.35 -35.28
N ALA B 796 0.59 -17.46 -35.83
CA ALA B 796 1.45 -18.48 -35.16
C ALA B 796 2.65 -17.78 -34.53
N LEU B 797 3.02 -18.16 -33.30
CA LEU B 797 4.12 -17.52 -32.52
C LEU B 797 5.00 -18.60 -31.86
N LYS B 798 6.15 -18.96 -32.45
CA LYS B 798 7.07 -20.02 -31.91
C LYS B 798 7.82 -19.46 -30.71
N PRO B 799 8.27 -20.33 -29.77
CA PRO B 799 9.20 -19.91 -28.71
C PRO B 799 10.48 -19.26 -29.29
N GLY B 800 10.93 -18.16 -28.68
CA GLY B 800 12.12 -17.40 -29.11
C GLY B 800 11.81 -16.28 -30.10
N GLU B 801 10.60 -16.22 -30.66
CA GLU B 801 10.16 -15.15 -31.59
C GLU B 801 9.32 -14.13 -30.82
N SER B 802 9.04 -12.97 -31.45
CA SER B 802 8.28 -11.82 -30.88
C SER B 802 7.29 -11.27 -31.90
N LYS B 803 6.25 -10.55 -31.45
CA LYS B 803 5.19 -9.96 -32.31
C LYS B 803 4.31 -9.02 -31.46
N ASN B 804 3.97 -7.83 -31.97
CA ASN B 804 3.13 -6.79 -31.30
C ASN B 804 3.58 -6.62 -29.84
N GLY B 805 4.89 -6.48 -29.61
CA GLY B 805 5.50 -6.10 -28.32
C GLY B 805 5.78 -7.29 -27.41
N TYR B 806 5.34 -8.50 -27.77
CA TYR B 806 5.43 -9.73 -26.94
C TYR B 806 6.52 -10.66 -27.49
N THR B 807 7.31 -11.28 -26.62
CA THR B 807 8.25 -12.39 -26.92
C THR B 807 7.78 -13.63 -26.15
N LEU B 808 7.74 -14.80 -26.80
CA LEU B 808 7.36 -16.09 -26.17
C LEU B 808 8.63 -16.89 -25.86
N ALA B 809 8.81 -17.25 -24.58
CA ALA B 809 9.74 -18.28 -24.09
C ALA B 809 8.90 -19.38 -23.44
N ILE B 810 9.08 -20.65 -23.86
CA ILE B 810 8.41 -21.82 -23.24
C ILE B 810 9.51 -22.70 -22.67
N ASP B 811 9.51 -22.89 -21.35
CA ASP B 811 10.52 -23.66 -20.60
C ASP B 811 9.81 -24.83 -19.91
N GLY B 812 9.66 -25.97 -20.61
CA GLY B 812 8.87 -27.13 -20.16
C GLY B 812 7.43 -26.71 -19.88
N SER B 813 7.02 -26.70 -18.60
CA SER B 813 5.63 -26.44 -18.16
C SER B 813 5.39 -24.95 -17.90
N THR B 814 6.43 -24.12 -17.91
CA THR B 814 6.30 -22.65 -17.72
C THR B 814 6.27 -21.94 -19.08
N ILE B 815 5.16 -21.23 -19.35
CA ILE B 815 4.99 -20.27 -20.47
C ILE B 815 5.38 -18.87 -19.95
N THR B 816 6.31 -18.21 -20.60
CA THR B 816 6.70 -16.82 -20.30
C THR B 816 6.35 -15.97 -21.53
N LEU B 817 5.53 -14.95 -21.35
CA LEU B 817 5.33 -13.83 -22.28
C LEU B 817 6.18 -12.65 -21.76
N GLN B 818 7.16 -12.22 -22.55
CA GLN B 818 7.95 -10.99 -22.28
C GLN B 818 7.34 -9.86 -23.12
N ALA B 819 6.75 -8.86 -22.44
CA ALA B 819 6.20 -7.63 -23.04
C ALA B 819 7.17 -6.45 -22.83
N ILE B 820 7.64 -5.82 -23.92
CA ILE B 820 8.47 -4.58 -23.94
C ILE B 820 7.54 -3.36 -24.04
N ASN B 821 7.81 -2.30 -23.26
CA ASN B 821 7.01 -1.05 -23.22
C ASN B 821 7.91 0.19 -23.38
N GLN B 822 7.45 1.08 -24.26
CA GLN B 822 8.07 2.38 -24.63
C GLN B 822 7.29 3.48 -23.93
N PRO B 823 7.95 4.59 -23.52
CA PRO B 823 7.22 5.72 -22.95
C PRO B 823 6.23 6.23 -24.00
N LEU B 824 4.97 6.46 -23.61
CA LEU B 824 3.86 6.78 -24.56
C LEU B 824 4.25 7.96 -25.44
N ALA B 825 4.28 7.76 -26.76
CA ALA B 825 4.63 8.80 -27.75
C ALA B 825 5.92 9.53 -27.33
N ILE B 826 7.01 8.84 -26.97
CA ILE B 826 8.18 9.60 -26.45
C ILE B 826 9.43 9.39 -27.31
N LEU B 827 9.79 10.44 -28.06
CA LEU B 827 11.13 10.66 -28.67
C LEU B 827 11.81 11.66 -27.76
N PRO B 828 12.90 11.31 -27.06
CA PRO B 828 13.45 12.22 -26.05
C PRO B 828 13.98 13.52 -26.69
N LEU B 829 13.85 14.63 -25.97
CA LEU B 829 14.37 15.95 -26.40
C LEU B 829 15.25 16.52 -25.28
#